data_9FFX
#
_entry.id   9FFX
#
_cell.length_a   1.00
_cell.length_b   1.00
_cell.length_c   1.00
_cell.angle_alpha   90.00
_cell.angle_beta   90.00
_cell.angle_gamma   90.00
#
_symmetry.space_group_name_H-M   'P 1'
#
loop_
_entity.id
_entity.type
_entity.pdbx_description
1 polymer 'Gamma-aminobutyric acid receptor subunit alpha-1'
2 polymer 'Gamma-aminobutyric acid receptor subunit beta-3'
3 polymer 'Isoform 1 of Gamma-aminobutyric acid receptor subunit gamma-2'
4 polymer Nanobody38
5 branched alpha-D-mannopyranose-(1-2)-alpha-D-mannopyranose-(1-2)-alpha-D-mannopyranose-(1-3)-[alpha-D-mannopyranose-(1-2)-alpha-D-mannopyranose-(1-6)-[alpha-D-mannopyranose-(1-3)]alpha-D-mannopyranose-(1-6)]beta-D-mannopyranose-(1-4)-2-acetamido-2-deoxy-beta-D-glucopyranose-(1-4)-2-acetamido-2-deoxy-beta-D-glucopyranose
6 branched 2-acetamido-2-deoxy-beta-D-glucopyranose-(1-4)-2-acetamido-2-deoxy-beta-D-glucopyranose
7 branched alpha-D-mannopyranose-(1-3)-alpha-D-mannopyranose-(1-6)-[alpha-D-mannopyranose-(1-3)]beta-D-mannopyranose-(1-4)-2-acetamido-2-deoxy-beta-D-glucopyranose-(1-4)-2-acetamido-2-deoxy-beta-D-glucopyranose
8 branched alpha-D-mannopyranose-(1-3)-[alpha-D-mannopyranose-(1-6)]beta-D-mannopyranose-(1-4)-2-acetamido-2-deoxy-beta-D-glucopyranose-(1-4)-2-acetamido-2-deoxy-beta-D-glucopyranose
9 non-polymer 'GAMMA-AMINO-BUTANOIC ACID'
#
loop_
_entity_poly.entity_id
_entity_poly.type
_entity_poly.pdbx_seq_one_letter_code
_entity_poly.pdbx_strand_id
1 'polypeptide(L)'
;MDEKTTGWRGGHVVEGLAGELEQLRARLEHHPQGQREPDYDIPTTENLYFQGTGQPSQDELKDNTTVFTRILDRLLDGYD
NRLRPGLGERVTEVKTDIFVTSFGPVSDHDMEYTIDVFFRQSWKDERLKFKGPMTVLRLNNLMASKIWTPDTFFHNGKKS
VAHNMTMPNKLLRITEDGTLLYTMRLTVRAECPMHLEDFPMDAHACPLKFGSYAYTRAEVVYEWTREPARSVVVAEDGSR
LNQYDLLGQTVDSGIVQSSTGEYVVMTTHFHLKRKIGYFVIQTYLPCIMTVILSQVSFWLNRESVPARTVFGVTTVLTMT
TLSISARNSLPKVAYATAMDWFIAVCYAFVFSALIEFATVNYFTKSQPARAAKIDRLSRIAFPLLFGIFNLVYWATYLNR
EPQLKAPTPHQ
;
A,D
2 'polypeptide(L)'
;MDEKTTGWRGGHVVEGLAGELEQLRARLEHHPQGQREPDYDIPTTENLYFQGTGQSVNDPGNMSFVKETVDKLLKGYDIR
LRPDFGGPPVCVGMNIDIASIDMVSEVNMDYTLTMYFQQYWRDKRLAYSGIPLNLTLDNRVADQLWVPDTYFLNDKKSFV
HGVTVKNRMIRLHPDGTVLYGLRITTTAACMMDLRRYPLDEQNCTLEIESYGYTTDDIEFYWRGGDKAVTGVERIELPQF
SIVEHRLVSRNVVFATGAYPRLSLSFRLKRNIGYFILQTYMPSILITILSWVSFWINYDASAARVALGITTVLTMTTINT
HLRETLPKIPYVKAIDMYLMGCFVFVFLALLEYAFVNYIFFSQPARAAAIDRWSRIVFPFTFSLFNLVYWLYYVN
;
B,E
3 'polypeptide(L)'
;TGQKSDDDYEDYTSNKTWVLTPKVPEGDVTVILNNLLEGYDNKLRPDIGVKPTLIHTDMYVNSIGPVNAINMEYTIDIFF
AQTWYDRRLKFNSTIKVLRLNSNMVGKIWIPDTFFRNSKKADAHWITTPNRMLRIWNDGRVLYTLRLTIDAECQLQLHNF
PMDEHSCPLEFSSYGYPREEIVYQWKRSSVEVGDTRSWRLYQFSFVGLRNTTEVVKTTSGDYVVMSVYFDLSRRMGYFTI
QTYIPCTLIVVLSWVSFWINKDAVPARTSLGITTVLTMTTLSTIARKSLPKVSYVTAMDLFVSVCFIFVFSALVEYGTLH
YFVSSQPARAAKMDSYARIFFPTAFCLFNLVYWVSYLYLGTGGTTETSQVAPA
;
C
4 'polypeptide(L)'
;QVQLQESGGGLVQAGGSLRVSCAASGRTFTTYIMAWFRQAPGKEREFLAAMDQGRIQYYGDSVRGRFTISRDYAKNSVDL
QLDGLRPEDTAVYYCAAGAGFWGLRTASSYHYWGQGTQVTVSSHHHHHHEPEA
;
F
#
loop_
_chem_comp.id
_chem_comp.type
_chem_comp.name
_chem_comp.formula
ABU non-polymer 'GAMMA-AMINO-BUTANOIC ACID' 'C4 H9 N O2'
BMA D-saccharide, beta linking beta-D-mannopyranose 'C6 H12 O6'
MAN D-saccharide, alpha linking alpha-D-mannopyranose 'C6 H12 O6'
NAG D-saccharide, beta linking 2-acetamido-2-deoxy-beta-D-glucopyranose 'C8 H15 N O6'
#
# COMPACT_ATOMS: atom_id res chain seq x y z
N ASP A 63 -44.35 -21.02 -28.32
CA ASP A 63 -45.09 -19.97 -27.61
C ASP A 63 -44.77 -19.98 -26.13
N ASN A 64 -43.89 -20.91 -25.72
CA ASN A 64 -43.50 -21.01 -24.32
C ASN A 64 -42.78 -19.75 -23.86
N THR A 65 -41.92 -19.20 -24.72
CA THR A 65 -41.22 -17.97 -24.38
C THR A 65 -42.19 -16.81 -24.21
N THR A 66 -43.19 -16.70 -25.07
CA THR A 66 -44.15 -15.60 -24.91
C THR A 66 -44.99 -15.79 -23.66
N VAL A 67 -45.34 -17.03 -23.31
CA VAL A 67 -46.10 -17.28 -22.09
C VAL A 67 -45.29 -16.85 -20.88
N PHE A 68 -44.01 -17.24 -20.87
CA PHE A 68 -43.14 -16.89 -19.75
C PHE A 68 -42.97 -15.38 -19.67
N THR A 69 -42.85 -14.73 -20.83
CA THR A 69 -42.67 -13.29 -20.84
C THR A 69 -43.92 -12.63 -20.27
N ARG A 70 -45.10 -13.16 -20.60
CA ARG A 70 -46.32 -12.57 -20.08
C ARG A 70 -46.34 -12.70 -18.56
N ILE A 71 -45.93 -13.86 -18.04
CA ILE A 71 -45.94 -14.04 -16.59
C ILE A 71 -44.95 -13.09 -15.95
N LEU A 72 -43.81 -12.85 -16.62
CA LEU A 72 -42.81 -11.94 -16.07
C LEU A 72 -43.36 -10.52 -16.08
N ASP A 73 -44.09 -10.15 -17.12
CA ASP A 73 -44.59 -8.80 -17.27
C ASP A 73 -45.87 -8.60 -16.49
N ARG A 74 -46.35 -9.67 -15.83
CA ARG A 74 -47.57 -9.61 -15.06
C ARG A 74 -47.26 -9.64 -13.58
N LEU A 75 -46.12 -10.23 -13.20
CA LEU A 75 -45.81 -10.40 -11.78
C LEU A 75 -45.64 -9.04 -11.12
N LEU A 76 -44.92 -8.14 -11.79
CA LEU A 76 -44.53 -6.84 -11.27
C LEU A 76 -45.57 -5.76 -11.53
N ASP A 77 -46.83 -6.14 -11.74
CA ASP A 77 -47.89 -5.17 -11.96
C ASP A 77 -48.50 -4.82 -10.62
N GLY A 78 -48.41 -3.55 -10.24
CA GLY A 78 -48.83 -3.15 -8.92
C GLY A 78 -47.84 -3.50 -7.84
N TYR A 79 -46.59 -3.75 -8.20
CA TYR A 79 -45.57 -4.18 -7.25
C TYR A 79 -44.65 -3.02 -6.91
N ASP A 80 -44.49 -2.75 -5.62
CA ASP A 80 -43.60 -1.72 -5.12
C ASP A 80 -42.41 -2.38 -4.43
N ASN A 81 -41.20 -2.13 -4.93
CA ASN A 81 -40.02 -2.74 -4.35
C ASN A 81 -39.48 -1.97 -3.17
N ARG A 82 -40.10 -0.85 -2.81
CA ARG A 82 -39.72 -0.06 -1.66
C ARG A 82 -40.35 -0.54 -0.36
N LEU A 83 -41.14 -1.60 -0.40
CA LEU A 83 -41.81 -2.13 0.77
C LEU A 83 -41.45 -3.60 0.96
N ARG A 84 -41.10 -3.97 2.18
CA ARG A 84 -40.79 -5.36 2.46
C ARG A 84 -42.05 -6.21 2.47
N PRO A 85 -41.92 -7.51 2.20
CA PRO A 85 -43.08 -8.41 2.28
C PRO A 85 -43.68 -8.44 3.68
N GLY A 86 -45.01 -8.43 3.75
CA GLY A 86 -45.68 -8.45 5.02
C GLY A 86 -45.58 -7.17 5.84
N LEU A 87 -45.31 -6.04 5.19
CA LEU A 87 -45.19 -4.78 5.93
C LEU A 87 -46.50 -4.45 6.62
N GLY A 88 -46.44 -4.24 7.93
CA GLY A 88 -47.63 -3.97 8.70
C GLY A 88 -48.44 -5.19 9.07
N GLU A 89 -47.98 -6.38 8.71
CA GLU A 89 -48.74 -7.60 8.99
C GLU A 89 -47.92 -8.65 9.74
N ARG A 90 -46.64 -8.79 9.43
CA ARG A 90 -45.83 -9.84 10.05
C ARG A 90 -44.36 -9.48 9.90
N VAL A 91 -43.51 -10.24 10.57
CA VAL A 91 -42.08 -10.06 10.52
C VAL A 91 -41.52 -10.87 9.36
N THR A 92 -40.63 -10.26 8.59
CA THR A 92 -39.99 -10.94 7.47
C THR A 92 -38.88 -11.84 7.99
N GLU A 93 -38.96 -13.13 7.67
CA GLU A 93 -38.01 -14.12 8.13
C GLU A 93 -37.01 -14.42 7.01
N VAL A 94 -35.73 -14.27 7.30
CA VAL A 94 -34.66 -14.47 6.33
C VAL A 94 -33.78 -15.62 6.81
N LYS A 95 -33.63 -16.63 5.97
CA LYS A 95 -32.76 -17.77 6.25
C LYS A 95 -31.44 -17.55 5.51
N THR A 96 -30.33 -17.71 6.22
CA THR A 96 -29.03 -17.37 5.66
C THR A 96 -28.06 -18.54 5.85
N ASP A 97 -27.23 -18.75 4.84
CA ASP A 97 -26.10 -19.67 4.94
C ASP A 97 -24.92 -19.14 4.14
N ILE A 98 -23.73 -19.57 4.55
CA ILE A 98 -22.48 -19.06 3.99
C ILE A 98 -21.61 -20.23 3.56
N PHE A 99 -21.04 -20.13 2.36
CA PHE A 99 -20.01 -21.04 1.89
C PHE A 99 -18.71 -20.26 1.72
N VAL A 100 -17.64 -20.72 2.37
CA VAL A 100 -16.37 -20.02 2.32
C VAL A 100 -15.51 -20.72 1.27
N THR A 101 -15.15 -19.98 0.22
CA THR A 101 -14.33 -20.55 -0.83
C THR A 101 -12.85 -20.40 -0.54
N SER A 102 -12.47 -19.35 0.18
CA SER A 102 -11.07 -19.15 0.55
C SER A 102 -11.02 -18.24 1.77
N PHE A 103 -10.36 -18.70 2.82
CA PHE A 103 -10.09 -17.87 4.00
C PHE A 103 -8.75 -17.19 3.77
N GLY A 104 -8.79 -15.93 3.34
CA GLY A 104 -7.63 -15.28 2.80
C GLY A 104 -6.59 -14.90 3.84
N PRO A 105 -5.65 -14.04 3.45
CA PRO A 105 -4.54 -13.70 4.33
C PRO A 105 -4.99 -12.93 5.56
N VAL A 106 -4.26 -13.13 6.66
CA VAL A 106 -4.48 -12.41 7.91
C VAL A 106 -3.34 -11.42 8.09
N SER A 107 -3.69 -10.15 8.32
CA SER A 107 -2.71 -9.08 8.50
C SER A 107 -2.64 -8.72 9.99
N ASP A 108 -1.49 -9.00 10.61
CA ASP A 108 -1.31 -8.65 12.01
C ASP A 108 -1.08 -7.17 12.21
N HIS A 109 -0.51 -6.48 11.21
CA HIS A 109 -0.29 -5.04 11.34
C HIS A 109 -1.60 -4.28 11.44
N ASP A 110 -2.54 -4.56 10.54
CA ASP A 110 -3.81 -3.86 10.52
C ASP A 110 -4.88 -4.54 11.37
N MET A 111 -4.62 -5.72 11.91
CA MET A 111 -5.59 -6.48 12.69
C MET A 111 -6.88 -6.67 11.88
N GLU A 112 -6.71 -7.32 10.73
CA GLU A 112 -7.79 -7.53 9.79
C GLU A 112 -7.54 -8.82 9.03
N TYR A 113 -8.59 -9.32 8.39
CA TYR A 113 -8.45 -10.53 7.59
C TYR A 113 -9.39 -10.46 6.40
N THR A 114 -9.12 -11.30 5.40
CA THR A 114 -9.87 -11.35 4.16
C THR A 114 -10.54 -12.71 4.03
N ILE A 115 -11.76 -12.72 3.50
CA ILE A 115 -12.51 -13.96 3.31
C ILE A 115 -13.35 -13.83 2.05
N ASP A 116 -13.42 -14.91 1.27
CA ASP A 116 -14.23 -14.96 0.06
C ASP A 116 -15.37 -15.93 0.30
N VAL A 117 -16.61 -15.46 0.09
CA VAL A 117 -17.77 -16.25 0.45
C VAL A 117 -18.84 -16.20 -0.64
N PHE A 118 -19.69 -17.23 -0.60
CA PHE A 118 -20.98 -17.28 -1.24
C PHE A 118 -22.01 -17.04 -0.15
N PHE A 119 -22.80 -15.99 -0.31
CA PHE A 119 -23.77 -15.54 0.66
C PHE A 119 -25.14 -15.92 0.12
N ARG A 120 -25.86 -16.78 0.84
CA ARG A 120 -27.14 -17.28 0.38
C ARG A 120 -28.23 -16.88 1.37
N GLN A 121 -29.28 -16.23 0.85
CA GLN A 121 -30.41 -15.75 1.63
C GLN A 121 -31.68 -16.29 1.01
N SER A 122 -32.68 -16.52 1.86
CA SER A 122 -33.92 -17.13 1.40
C SER A 122 -35.07 -16.53 2.19
N TRP A 123 -36.13 -16.12 1.49
CA TRP A 123 -37.29 -15.56 2.16
C TRP A 123 -38.53 -15.80 1.32
N LYS A 124 -39.68 -15.45 1.87
CA LYS A 124 -40.96 -15.70 1.23
C LYS A 124 -41.61 -14.38 0.88
N ASP A 125 -42.13 -14.29 -0.34
CA ASP A 125 -42.82 -13.09 -0.82
C ASP A 125 -44.08 -13.53 -1.54
N GLU A 126 -45.24 -13.37 -0.90
CA GLU A 126 -46.48 -13.83 -1.50
C GLU A 126 -46.83 -13.09 -2.78
N ARG A 127 -46.32 -11.87 -2.95
CA ARG A 127 -46.61 -11.09 -4.14
C ARG A 127 -46.02 -11.69 -5.41
N LEU A 128 -45.13 -12.67 -5.29
CA LEU A 128 -44.41 -13.24 -6.42
C LEU A 128 -44.77 -14.70 -6.65
N LYS A 129 -46.03 -15.06 -6.42
CA LYS A 129 -46.49 -16.41 -6.74
C LYS A 129 -46.84 -16.48 -8.22
N PHE A 130 -46.74 -17.69 -8.78
CA PHE A 130 -47.06 -17.88 -10.18
C PHE A 130 -47.45 -19.32 -10.44
N LYS A 131 -48.09 -19.54 -11.59
CA LYS A 131 -48.45 -20.85 -12.08
C LYS A 131 -47.91 -21.00 -13.50
N GLY A 132 -47.24 -22.11 -13.76
CA GLY A 132 -46.65 -22.33 -15.06
C GLY A 132 -46.11 -23.74 -15.21
N PRO A 133 -45.59 -24.07 -16.40
CA PRO A 133 -45.04 -25.41 -16.61
C PRO A 133 -43.88 -25.76 -15.69
N MET A 134 -43.05 -24.79 -15.32
CA MET A 134 -41.93 -25.03 -14.42
C MET A 134 -42.30 -24.67 -12.98
N THR A 135 -41.44 -25.11 -12.05
CA THR A 135 -41.66 -24.86 -10.64
C THR A 135 -40.51 -24.09 -10.01
N VAL A 136 -39.45 -23.83 -10.76
CA VAL A 136 -38.28 -23.09 -10.31
C VAL A 136 -37.92 -22.14 -11.44
N LEU A 137 -37.60 -20.90 -11.11
CA LEU A 137 -37.21 -19.93 -12.12
C LEU A 137 -35.86 -19.32 -11.79
N ARG A 138 -34.95 -19.36 -12.78
CA ARG A 138 -33.64 -18.73 -12.67
C ARG A 138 -33.67 -17.42 -13.44
N LEU A 139 -33.15 -16.37 -12.81
CA LEU A 139 -33.41 -14.99 -13.21
C LEU A 139 -32.11 -14.23 -13.50
N ASN A 140 -32.14 -13.45 -14.57
CA ASN A 140 -31.08 -12.49 -14.85
C ASN A 140 -31.01 -11.41 -13.77
N ASN A 141 -29.77 -10.95 -13.54
CA ASN A 141 -29.45 -10.00 -12.48
C ASN A 141 -30.11 -8.65 -12.66
N LEU A 142 -30.50 -8.31 -13.89
CA LEU A 142 -31.32 -7.13 -14.14
C LEU A 142 -32.70 -7.28 -13.51
N MET A 143 -33.27 -8.48 -13.56
CA MET A 143 -34.56 -8.72 -12.92
C MET A 143 -34.42 -8.81 -11.41
N ALA A 144 -33.30 -9.33 -10.90
CA ALA A 144 -33.15 -9.42 -9.45
C ALA A 144 -33.05 -8.06 -8.79
N SER A 145 -32.82 -6.99 -9.56
CA SER A 145 -32.84 -5.63 -9.02
C SER A 145 -34.20 -4.96 -9.08
N LYS A 146 -35.25 -5.66 -9.52
CA LYS A 146 -36.58 -5.08 -9.58
C LYS A 146 -37.44 -5.44 -8.37
N ILE A 147 -37.02 -6.42 -7.58
CA ILE A 147 -37.78 -6.88 -6.43
C ILE A 147 -37.09 -6.43 -5.15
N TRP A 148 -37.83 -6.51 -4.05
CA TRP A 148 -37.29 -6.12 -2.76
C TRP A 148 -36.35 -7.21 -2.26
N THR A 149 -35.16 -6.81 -1.82
CA THR A 149 -34.20 -7.71 -1.21
C THR A 149 -33.73 -7.14 0.12
N PRO A 150 -33.28 -8.00 1.04
CA PRO A 150 -32.78 -7.50 2.32
C PRO A 150 -31.54 -6.64 2.16
N ASP A 151 -31.41 -5.65 3.04
CA ASP A 151 -30.26 -4.75 3.06
C ASP A 151 -29.23 -5.22 4.09
N THR A 152 -28.69 -6.41 3.85
CA THR A 152 -27.73 -7.01 4.76
C THR A 152 -26.36 -6.35 4.61
N PHE A 153 -25.72 -6.12 5.75
CA PHE A 153 -24.38 -5.56 5.78
C PHE A 153 -23.60 -6.20 6.92
N PHE A 154 -22.28 -6.12 6.83
CA PHE A 154 -21.38 -6.70 7.82
C PHE A 154 -20.96 -5.63 8.82
N HIS A 155 -21.23 -5.88 10.10
CA HIS A 155 -20.99 -4.87 11.14
C HIS A 155 -19.52 -4.52 11.27
N ASN A 156 -18.64 -5.53 11.23
CA ASN A 156 -17.20 -5.32 11.40
C ASN A 156 -16.43 -5.30 10.09
N GLY A 157 -17.12 -5.10 8.97
CA GLY A 157 -16.43 -5.01 7.70
C GLY A 157 -15.71 -3.67 7.55
N LYS A 158 -14.59 -3.70 6.83
CA LYS A 158 -13.78 -2.50 6.63
C LYS A 158 -13.95 -1.95 5.22
N LYS A 159 -13.75 -2.76 4.19
CA LYS A 159 -14.07 -2.36 2.83
C LYS A 159 -14.23 -3.64 2.02
N SER A 160 -15.45 -3.92 1.60
CA SER A 160 -15.77 -5.16 0.92
C SER A 160 -16.04 -4.90 -0.56
N VAL A 161 -15.91 -5.96 -1.35
CA VAL A 161 -16.04 -5.87 -2.80
C VAL A 161 -17.08 -6.90 -3.24
N ALA A 162 -18.06 -6.46 -4.03
CA ALA A 162 -18.96 -7.38 -4.72
C ALA A 162 -18.50 -7.53 -6.16
N HIS A 163 -18.19 -8.76 -6.56
CA HIS A 163 -17.59 -8.99 -7.87
C HIS A 163 -18.66 -8.94 -8.95
N ASN A 164 -18.34 -8.26 -10.05
CA ASN A 164 -19.23 -8.22 -11.20
C ASN A 164 -18.44 -8.44 -12.49
N MET A 165 -17.52 -9.39 -12.47
CA MET A 165 -16.74 -9.78 -13.64
C MET A 165 -17.04 -11.23 -13.97
N THR A 166 -17.48 -11.49 -15.20
CA THR A 166 -17.65 -10.46 -16.23
C THR A 166 -19.03 -9.84 -16.12
N MET A 167 -19.85 -10.40 -15.25
CA MET A 167 -21.20 -9.93 -14.97
C MET A 167 -21.41 -10.00 -13.47
N PRO A 168 -22.41 -9.31 -12.94
CA PRO A 168 -22.67 -9.35 -11.49
C PRO A 168 -22.87 -10.78 -11.01
N ASN A 169 -22.12 -11.14 -9.95
CA ASN A 169 -22.13 -12.50 -9.42
C ASN A 169 -23.28 -12.65 -8.43
N LYS A 170 -24.48 -12.44 -8.95
CA LYS A 170 -25.72 -12.55 -8.21
C LYS A 170 -26.64 -13.54 -8.90
N LEU A 171 -27.47 -14.21 -8.10
CA LEU A 171 -28.45 -15.16 -8.61
C LEU A 171 -29.72 -15.15 -7.78
N LEU A 172 -30.86 -15.10 -8.46
CA LEU A 172 -32.16 -15.03 -7.81
C LEU A 172 -33.09 -16.05 -8.42
N ARG A 173 -33.56 -16.99 -7.61
CA ARG A 173 -34.45 -18.06 -8.05
C ARG A 173 -35.78 -17.88 -7.35
N ILE A 174 -36.87 -18.06 -8.11
CA ILE A 174 -38.23 -17.94 -7.59
C ILE A 174 -38.95 -19.27 -7.74
N THR A 175 -39.55 -19.74 -6.66
CA THR A 175 -40.37 -20.93 -6.71
C THR A 175 -41.84 -20.57 -6.86
N GLU A 176 -42.66 -21.59 -7.12
CA GLU A 176 -44.08 -21.36 -7.40
C GLU A 176 -44.83 -20.88 -6.16
N ASP A 177 -44.46 -21.38 -4.98
CA ASP A 177 -45.14 -20.99 -3.75
C ASP A 177 -44.78 -19.57 -3.31
N GLY A 178 -43.79 -18.94 -3.94
CA GLY A 178 -43.42 -17.59 -3.61
C GLY A 178 -42.09 -17.43 -2.91
N THR A 179 -41.29 -18.48 -2.83
CA THR A 179 -40.01 -18.42 -2.13
C THR A 179 -38.93 -17.90 -3.05
N LEU A 180 -38.07 -17.03 -2.50
CA LEU A 180 -36.99 -16.39 -3.23
C LEU A 180 -35.66 -16.81 -2.61
N LEU A 181 -34.75 -17.28 -3.46
CA LEU A 181 -33.39 -17.60 -3.08
C LEU A 181 -32.43 -16.64 -3.77
N TYR A 182 -31.58 -15.98 -2.98
CA TYR A 182 -30.74 -14.90 -3.46
C TYR A 182 -29.32 -15.18 -3.00
N THR A 183 -28.43 -15.41 -3.96
CA THR A 183 -27.04 -15.75 -3.69
C THR A 183 -26.12 -14.72 -4.34
N MET A 184 -24.99 -14.48 -3.70
CA MET A 184 -24.02 -13.53 -4.23
C MET A 184 -22.63 -13.93 -3.78
N ARG A 185 -21.62 -13.44 -4.50
CA ARG A 185 -20.23 -13.72 -4.20
C ARG A 185 -19.55 -12.44 -3.71
N LEU A 186 -18.89 -12.53 -2.56
CA LEU A 186 -18.35 -11.35 -1.92
C LEU A 186 -16.95 -11.64 -1.40
N THR A 187 -16.15 -10.60 -1.34
CA THR A 187 -14.88 -10.62 -0.62
C THR A 187 -14.96 -9.59 0.49
N VAL A 188 -14.72 -10.03 1.72
CA VAL A 188 -14.93 -9.22 2.91
C VAL A 188 -13.59 -9.06 3.62
N ARG A 189 -13.23 -7.82 3.92
CA ARG A 189 -12.09 -7.51 4.76
C ARG A 189 -12.66 -7.04 6.09
N ALA A 190 -12.42 -7.81 7.15
CA ALA A 190 -13.04 -7.60 8.44
C ALA A 190 -11.97 -7.36 9.50
N GLU A 191 -12.43 -6.95 10.67
CA GLU A 191 -11.57 -6.60 11.79
C GLU A 191 -11.46 -7.78 12.73
N CYS A 192 -10.23 -8.10 13.12
CA CYS A 192 -9.93 -9.15 14.10
C CYS A 192 -8.98 -8.57 15.12
N PRO A 193 -9.49 -7.89 16.14
CA PRO A 193 -8.63 -7.40 17.22
C PRO A 193 -7.91 -8.56 17.88
N MET A 194 -6.63 -8.35 18.20
CA MET A 194 -5.78 -9.43 18.68
C MET A 194 -5.11 -9.05 19.99
N HIS A 195 -4.97 -10.03 20.86
CA HIS A 195 -4.16 -9.93 22.07
C HIS A 195 -2.82 -10.59 21.79
N LEU A 196 -1.75 -9.80 21.80
CA LEU A 196 -0.42 -10.27 21.41
C LEU A 196 0.52 -10.43 22.59
N GLU A 197 -0.03 -10.67 23.79
CA GLU A 197 0.84 -10.85 24.95
C GLU A 197 1.62 -12.16 24.85
N ASP A 198 1.08 -13.15 24.16
CA ASP A 198 1.71 -14.47 24.03
C ASP A 198 2.40 -14.65 22.68
N PHE A 199 2.58 -13.56 21.94
CA PHE A 199 3.20 -13.63 20.62
C PHE A 199 4.62 -14.19 20.73
N PRO A 200 5.02 -15.11 19.84
CA PRO A 200 4.29 -15.66 18.69
C PRO A 200 3.60 -16.99 18.99
N MET A 201 3.17 -17.20 20.24
CA MET A 201 2.49 -18.42 20.66
C MET A 201 1.06 -18.09 21.07
N ASP A 202 0.39 -17.28 20.25
CA ASP A 202 -0.93 -16.74 20.53
C ASP A 202 -1.97 -17.39 19.64
N ALA A 203 -3.22 -17.34 20.10
CA ALA A 203 -4.36 -17.85 19.36
C ALA A 203 -5.47 -16.80 19.40
N HIS A 204 -6.22 -16.71 18.31
CA HIS A 204 -7.18 -15.63 18.13
C HIS A 204 -8.52 -16.17 17.64
N ALA A 205 -9.58 -15.42 17.93
CA ALA A 205 -10.91 -15.70 17.43
C ALA A 205 -11.32 -14.51 16.58
N CYS A 206 -11.37 -14.69 15.26
CA CYS A 206 -11.71 -13.62 14.34
C CYS A 206 -13.20 -13.67 14.03
N PRO A 207 -13.97 -12.63 14.33
CA PRO A 207 -15.42 -12.70 14.14
C PRO A 207 -15.85 -12.21 12.76
N LEU A 208 -17.10 -12.52 12.45
CA LEU A 208 -17.78 -12.02 11.25
C LEU A 208 -19.24 -11.83 11.64
N LYS A 209 -19.70 -10.59 11.66
CA LYS A 209 -21.04 -10.26 12.12
C LYS A 209 -21.80 -9.60 10.99
N PHE A 210 -23.08 -9.94 10.83
CA PHE A 210 -23.87 -9.29 9.80
C PHE A 210 -25.32 -9.17 10.25
N GLY A 211 -26.02 -8.25 9.61
CA GLY A 211 -27.43 -8.04 9.92
C GLY A 211 -28.03 -6.99 9.01
N SER A 212 -29.22 -6.53 9.39
CA SER A 212 -29.94 -5.53 8.60
C SER A 212 -29.55 -4.13 9.04
N TYR A 213 -29.28 -3.25 8.07
CA TYR A 213 -28.88 -1.89 8.38
C TYR A 213 -30.05 -1.00 8.78
N ALA A 214 -31.23 -1.23 8.21
CA ALA A 214 -32.34 -0.31 8.38
C ALA A 214 -33.55 -0.92 9.09
N TYR A 215 -33.73 -2.23 9.06
CA TYR A 215 -34.92 -2.86 9.61
C TYR A 215 -34.61 -3.41 10.99
N THR A 216 -35.44 -3.03 11.97
CA THR A 216 -35.30 -3.52 13.33
C THR A 216 -35.84 -4.93 13.45
N ARG A 217 -35.63 -5.55 14.61
CA ARG A 217 -36.03 -6.93 14.79
C ARG A 217 -37.54 -7.10 14.85
N ALA A 218 -38.30 -6.00 14.95
CA ALA A 218 -39.74 -6.06 14.81
C ALA A 218 -40.20 -6.13 13.37
N GLU A 219 -39.28 -5.99 12.41
CA GLU A 219 -39.61 -6.01 10.99
C GLU A 219 -38.90 -7.12 10.24
N VAL A 220 -37.62 -7.35 10.51
CA VAL A 220 -36.83 -8.36 9.81
C VAL A 220 -36.00 -9.12 10.84
N VAL A 221 -36.04 -10.44 10.77
CA VAL A 221 -35.22 -11.30 11.61
C VAL A 221 -34.46 -12.27 10.72
N TYR A 222 -33.27 -12.67 11.18
CA TYR A 222 -32.43 -13.58 10.44
C TYR A 222 -32.33 -14.91 11.17
N GLU A 223 -32.23 -15.99 10.39
CA GLU A 223 -32.04 -17.33 10.92
C GLU A 223 -31.09 -18.09 10.00
N TRP A 224 -30.48 -19.13 10.55
CA TRP A 224 -29.66 -20.02 9.74
C TRP A 224 -30.52 -21.08 9.06
N THR A 225 -30.13 -21.44 7.82
CA THR A 225 -30.92 -22.38 7.04
C THR A 225 -30.95 -23.76 7.68
N ARG A 226 -29.83 -24.17 8.28
CA ARG A 226 -29.73 -25.48 8.93
C ARG A 226 -29.27 -25.29 10.38
N GLU A 227 -28.87 -26.38 11.02
CA GLU A 227 -28.20 -26.27 12.31
C GLU A 227 -27.06 -25.28 12.21
N PRO A 228 -26.85 -24.43 13.22
CA PRO A 228 -25.81 -23.39 13.09
C PRO A 228 -24.43 -23.92 12.77
N ALA A 229 -24.09 -25.13 13.26
CA ALA A 229 -22.79 -25.71 12.93
C ALA A 229 -22.67 -25.98 11.43
N ARG A 230 -23.76 -26.45 10.82
CA ARG A 230 -23.78 -26.85 9.43
C ARG A 230 -24.25 -25.75 8.49
N SER A 231 -24.46 -24.54 9.00
CA SER A 231 -24.92 -23.44 8.15
C SER A 231 -23.78 -22.62 7.56
N VAL A 232 -22.56 -22.80 8.06
CA VAL A 232 -21.36 -22.19 7.50
C VAL A 232 -20.43 -23.32 7.11
N VAL A 233 -20.11 -23.42 5.83
CA VAL A 233 -19.32 -24.53 5.31
C VAL A 233 -18.09 -23.96 4.63
N VAL A 234 -16.91 -24.50 4.96
CA VAL A 234 -15.64 -24.07 4.37
C VAL A 234 -15.14 -25.14 3.41
N ALA A 235 -14.68 -24.69 2.24
CA ALA A 235 -14.15 -25.60 1.24
C ALA A 235 -12.88 -26.29 1.72
N GLU A 236 -12.58 -27.44 1.11
CA GLU A 236 -11.40 -28.20 1.48
C GLU A 236 -10.11 -27.42 1.22
N ASP A 237 -10.02 -26.74 0.06
CA ASP A 237 -8.87 -25.92 -0.26
C ASP A 237 -9.07 -24.45 0.12
N GLY A 238 -9.93 -24.18 1.10
CA GLY A 238 -10.25 -22.80 1.44
C GLY A 238 -9.09 -22.06 2.08
N SER A 239 -8.32 -22.75 2.91
CA SER A 239 -7.26 -22.12 3.69
C SER A 239 -6.16 -21.55 2.81
N ARG A 240 -5.94 -20.24 2.96
CA ARG A 240 -4.93 -19.46 2.27
C ARG A 240 -4.09 -18.73 3.29
N LEU A 241 -3.67 -19.46 4.33
CA LEU A 241 -2.99 -18.89 5.48
C LEU A 241 -1.55 -19.40 5.52
N ASN A 242 -0.60 -18.48 5.32
CA ASN A 242 0.81 -18.85 5.43
C ASN A 242 1.25 -18.97 6.88
N GLN A 243 0.66 -18.18 7.78
CA GLN A 243 1.15 -18.05 9.14
C GLN A 243 0.15 -18.49 10.20
N TYR A 244 -1.04 -18.94 9.83
CA TYR A 244 -2.03 -19.37 10.79
C TYR A 244 -2.54 -20.76 10.45
N ASP A 245 -3.15 -21.41 11.44
CA ASP A 245 -3.80 -22.70 11.27
C ASP A 245 -5.26 -22.60 11.69
N LEU A 246 -6.16 -22.78 10.73
CA LEU A 246 -7.58 -22.66 11.00
C LEU A 246 -8.08 -23.93 11.69
N LEU A 247 -8.53 -23.79 12.94
CA LEU A 247 -8.96 -24.94 13.73
C LEU A 247 -10.44 -25.25 13.54
N GLY A 248 -11.28 -24.23 13.51
CA GLY A 248 -12.70 -24.43 13.34
C GLY A 248 -13.44 -23.13 13.48
N GLN A 249 -14.78 -23.24 13.49
CA GLN A 249 -15.63 -22.07 13.60
C GLN A 249 -16.81 -22.38 14.50
N THR A 250 -17.31 -21.33 15.16
CA THR A 250 -18.52 -21.42 15.97
C THR A 250 -19.52 -20.39 15.46
N VAL A 251 -20.80 -20.76 15.45
CA VAL A 251 -21.84 -19.94 14.85
C VAL A 251 -22.87 -19.58 15.90
N ASP A 252 -23.22 -18.28 15.99
CA ASP A 252 -24.13 -17.82 17.02
C ASP A 252 -25.02 -16.72 16.45
N SER A 253 -25.80 -16.10 17.33
CA SER A 253 -26.74 -15.07 16.92
C SER A 253 -27.17 -14.27 18.15
N GLY A 254 -27.13 -12.96 18.04
CA GLY A 254 -27.44 -12.08 19.15
C GLY A 254 -28.29 -10.89 18.79
N ILE A 255 -28.27 -9.88 19.65
CA ILE A 255 -29.06 -8.65 19.49
C ILE A 255 -28.17 -7.48 19.85
N VAL A 256 -28.25 -6.41 19.05
CA VAL A 256 -27.53 -5.18 19.35
C VAL A 256 -28.52 -4.02 19.41
N GLN A 257 -28.16 -3.01 20.20
CA GLN A 257 -28.96 -1.81 20.35
C GLN A 257 -28.14 -0.60 19.92
N SER A 258 -28.70 0.20 19.04
CA SER A 258 -28.07 1.43 18.57
C SER A 258 -28.98 2.62 18.90
N SER A 259 -28.60 3.79 18.39
CA SER A 259 -29.42 4.98 18.57
C SER A 259 -30.69 4.95 17.73
N THR A 260 -30.82 3.99 16.80
CA THR A 260 -31.99 3.90 15.95
C THR A 260 -32.92 2.74 16.29
N GLY A 261 -32.47 1.77 17.08
CA GLY A 261 -33.35 0.68 17.45
C GLY A 261 -32.55 -0.55 17.85
N GLU A 262 -33.25 -1.68 17.87
CA GLU A 262 -32.66 -2.98 18.17
C GLU A 262 -32.63 -3.84 16.92
N TYR A 263 -31.51 -4.53 16.70
CA TYR A 263 -31.30 -5.30 15.49
C TYR A 263 -30.80 -6.70 15.83
N VAL A 264 -31.07 -7.63 14.92
CA VAL A 264 -30.61 -9.00 15.03
C VAL A 264 -29.25 -9.12 14.35
N VAL A 265 -28.30 -9.77 15.00
CA VAL A 265 -26.95 -9.93 14.48
C VAL A 265 -26.65 -11.42 14.39
N MET A 266 -26.15 -11.86 13.24
CA MET A 266 -25.70 -13.23 13.06
C MET A 266 -24.18 -13.23 13.05
N THR A 267 -23.57 -14.14 13.83
CA THR A 267 -22.15 -14.09 14.09
C THR A 267 -21.50 -15.43 13.81
N THR A 268 -20.26 -15.38 13.33
CA THR A 268 -19.42 -16.56 13.17
C THR A 268 -18.02 -16.22 13.66
N HIS A 269 -17.40 -17.14 14.37
CA HIS A 269 -16.06 -16.94 14.90
C HIS A 269 -15.16 -18.02 14.33
N PHE A 270 -14.03 -17.60 13.75
CA PHE A 270 -13.03 -18.52 13.22
C PHE A 270 -11.84 -18.54 14.18
N HIS A 271 -11.45 -19.74 14.61
CA HIS A 271 -10.44 -19.88 15.65
C HIS A 271 -9.11 -20.24 14.98
N LEU A 272 -8.11 -19.37 15.18
CA LEU A 272 -6.82 -19.48 14.53
C LEU A 272 -5.72 -19.67 15.58
N LYS A 273 -4.70 -20.42 15.21
CA LYS A 273 -3.53 -20.64 16.03
C LYS A 273 -2.30 -20.39 15.16
N ARG A 274 -1.38 -19.58 15.66
CA ARG A 274 -0.24 -19.16 14.88
C ARG A 274 0.86 -20.21 14.78
N LYS A 275 1.45 -20.30 13.59
CA LYS A 275 2.59 -21.16 13.32
C LYS A 275 3.86 -20.42 13.76
N ILE A 276 4.76 -21.13 14.43
CA ILE A 276 5.89 -20.50 15.10
C ILE A 276 7.22 -20.81 14.42
N GLY A 277 7.23 -21.65 13.39
CA GLY A 277 8.51 -22.00 12.77
C GLY A 277 9.23 -20.82 12.16
N TYR A 278 8.49 -19.84 11.63
CA TYR A 278 9.14 -18.68 11.04
C TYR A 278 9.90 -17.90 12.10
N PHE A 279 9.32 -17.76 13.28
CA PHE A 279 9.96 -16.98 14.33
C PHE A 279 11.11 -17.79 14.91
N VAL A 280 11.01 -19.12 14.84
CA VAL A 280 12.09 -19.99 15.28
C VAL A 280 13.30 -19.78 14.40
N ILE A 281 13.09 -19.68 13.09
CA ILE A 281 14.23 -19.54 12.18
C ILE A 281 14.70 -18.10 12.10
N GLN A 282 13.87 -17.13 12.49
CA GLN A 282 14.21 -15.71 12.38
C GLN A 282 14.68 -15.08 13.69
N THR A 283 14.14 -15.49 14.83
CA THR A 283 14.50 -14.85 16.09
C THR A 283 15.16 -15.77 17.09
N TYR A 284 14.55 -16.92 17.38
CA TYR A 284 15.01 -17.75 18.49
C TYR A 284 16.36 -18.40 18.21
N LEU A 285 16.53 -18.99 17.04
CA LEU A 285 17.80 -19.65 16.73
C LEU A 285 18.98 -18.69 16.66
N PRO A 286 18.91 -17.54 15.98
CA PRO A 286 20.06 -16.61 16.05
C PRO A 286 20.37 -16.12 17.44
N CYS A 287 19.36 -15.93 18.30
CA CYS A 287 19.64 -15.46 19.65
C CYS A 287 20.29 -16.56 20.47
N ILE A 288 19.86 -17.81 20.27
CA ILE A 288 20.46 -18.91 21.00
C ILE A 288 21.90 -19.10 20.55
N MET A 289 22.14 -18.96 19.24
CA MET A 289 23.51 -19.13 18.75
C MET A 289 24.40 -18.01 19.26
N THR A 290 23.87 -16.79 19.36
CA THR A 290 24.66 -15.69 19.88
C THR A 290 25.00 -15.89 21.36
N VAL A 291 24.04 -16.38 22.14
CA VAL A 291 24.30 -16.65 23.55
C VAL A 291 25.33 -17.77 23.70
N ILE A 292 25.21 -18.83 22.90
CA ILE A 292 26.20 -19.90 22.97
C ILE A 292 27.58 -19.37 22.60
N LEU A 293 27.66 -18.48 21.61
CA LEU A 293 28.96 -17.92 21.25
C LEU A 293 29.53 -17.10 22.40
N SER A 294 28.67 -16.31 23.05
CA SER A 294 29.18 -15.47 24.13
C SER A 294 29.66 -16.34 25.28
N GLN A 295 29.04 -17.50 25.50
CA GLN A 295 29.58 -18.34 26.56
C GLN A 295 30.77 -19.15 26.08
N VAL A 296 30.94 -19.26 24.76
CA VAL A 296 32.14 -19.86 24.19
C VAL A 296 33.35 -18.99 24.49
N SER A 297 33.11 -17.68 24.60
CA SER A 297 34.20 -16.74 24.87
C SER A 297 34.95 -17.05 26.16
N PHE A 298 34.28 -17.72 27.12
CA PHE A 298 34.89 -18.06 28.41
C PHE A 298 36.06 -19.03 28.29
N TRP A 299 36.18 -19.78 27.20
CA TRP A 299 37.23 -20.79 27.07
C TRP A 299 38.49 -20.29 26.38
N LEU A 300 38.52 -19.06 25.89
CA LEU A 300 39.77 -18.48 25.42
C LEU A 300 40.63 -18.06 26.60
N ASN A 301 41.95 -18.12 26.39
CA ASN A 301 42.89 -17.78 27.45
C ASN A 301 42.82 -16.30 27.79
N ARG A 302 43.12 -15.98 29.05
CA ARG A 302 42.96 -14.62 29.56
C ARG A 302 43.86 -13.64 28.83
N GLU A 303 45.06 -14.06 28.43
CA GLU A 303 46.00 -13.10 27.84
C GLU A 303 45.53 -12.58 26.49
N SER A 304 44.63 -13.29 25.81
CA SER A 304 44.08 -12.84 24.52
C SER A 304 43.00 -11.79 24.77
N VAL A 305 43.44 -10.62 25.22
CA VAL A 305 42.53 -9.53 25.56
C VAL A 305 41.78 -8.99 24.35
N PRO A 306 42.44 -8.64 23.23
CA PRO A 306 41.68 -8.14 22.08
C PRO A 306 40.70 -9.15 21.51
N ALA A 307 41.04 -10.44 21.56
CA ALA A 307 40.15 -11.46 21.02
C ALA A 307 38.85 -11.52 21.82
N ARG A 308 38.97 -11.52 23.15
CA ARG A 308 37.78 -11.64 23.99
C ARG A 308 36.97 -10.34 24.00
N THR A 309 37.65 -9.21 23.83
CA THR A 309 36.91 -7.95 23.77
C THR A 309 36.12 -7.82 22.47
N VAL A 310 36.74 -8.16 21.34
CA VAL A 310 36.02 -8.15 20.07
C VAL A 310 34.89 -9.18 20.10
N PHE A 311 35.15 -10.35 20.69
CA PHE A 311 34.14 -11.39 20.77
C PHE A 311 32.91 -10.89 21.53
N GLY A 312 33.12 -10.33 22.72
CA GLY A 312 32.00 -9.91 23.53
C GLY A 312 31.25 -8.76 22.91
N VAL A 313 31.98 -7.79 22.35
CA VAL A 313 31.27 -6.62 21.87
C VAL A 313 30.57 -6.92 20.56
N THR A 314 31.03 -7.93 19.82
CA THR A 314 30.30 -8.21 18.59
C THR A 314 29.11 -9.12 18.86
N THR A 315 29.17 -9.96 19.90
CA THR A 315 27.95 -10.68 20.23
C THR A 315 26.91 -9.75 20.84
N VAL A 316 27.35 -8.69 21.53
CA VAL A 316 26.39 -7.71 22.04
C VAL A 316 25.76 -6.91 20.91
N LEU A 317 26.56 -6.49 19.93
CA LEU A 317 26.00 -5.77 18.80
C LEU A 317 25.10 -6.66 17.95
N THR A 318 25.41 -7.95 17.86
CA THR A 318 24.54 -8.86 17.14
C THR A 318 23.20 -8.99 17.86
N MET A 319 23.23 -9.09 19.19
CA MET A 319 21.96 -9.15 19.92
C MET A 319 21.17 -7.85 19.75
N THR A 320 21.85 -6.70 19.75
CA THR A 320 21.14 -5.43 19.56
C THR A 320 20.50 -5.36 18.18
N THR A 321 21.24 -5.82 17.16
CA THR A 321 20.72 -5.84 15.80
C THR A 321 19.51 -6.76 15.69
N LEU A 322 19.59 -7.94 16.31
CA LEU A 322 18.45 -8.85 16.26
C LEU A 322 17.24 -8.25 16.97
N SER A 323 17.45 -7.59 18.11
CA SER A 323 16.31 -7.03 18.84
C SER A 323 15.64 -5.95 18.00
N ILE A 324 16.43 -5.10 17.34
CA ILE A 324 15.85 -4.05 16.51
C ILE A 324 15.15 -4.64 15.29
N SER A 325 15.74 -5.71 14.74
CA SER A 325 15.17 -6.41 13.58
C SER A 325 13.82 -7.04 13.88
N ALA A 326 13.66 -7.60 15.08
CA ALA A 326 12.45 -8.35 15.41
C ALA A 326 11.20 -7.46 15.47
N ARG A 327 11.34 -6.23 15.96
CA ARG A 327 10.17 -5.37 16.14
C ARG A 327 9.47 -4.99 14.84
N ASN A 328 10.14 -5.11 13.69
CA ASN A 328 9.50 -4.71 12.43
C ASN A 328 8.28 -5.58 12.13
N SER A 329 8.39 -6.89 12.37
CA SER A 329 7.23 -7.75 12.12
C SER A 329 6.09 -7.41 13.07
N LEU A 330 6.44 -7.14 14.33
CA LEU A 330 5.45 -6.91 15.37
C LEU A 330 4.69 -5.61 15.12
N PRO A 331 3.39 -5.57 15.39
CA PRO A 331 2.66 -4.30 15.34
C PRO A 331 3.05 -3.42 16.52
N LYS A 332 2.67 -2.15 16.43
CA LYS A 332 3.01 -1.18 17.48
C LYS A 332 2.05 -1.36 18.64
N VAL A 333 2.44 -2.23 19.58
CA VAL A 333 1.65 -2.50 20.77
C VAL A 333 2.38 -1.94 21.99
N ALA A 334 1.60 -1.60 23.02
CA ALA A 334 2.16 -0.98 24.21
C ALA A 334 2.90 -1.98 25.09
N TYR A 335 2.34 -3.17 25.29
CA TYR A 335 2.93 -4.14 26.21
C TYR A 335 4.12 -4.87 25.60
N ALA A 336 4.64 -5.85 26.34
CA ALA A 336 5.76 -6.68 25.93
C ALA A 336 5.32 -8.11 25.62
N THR A 337 5.64 -8.58 24.42
CA THR A 337 5.29 -9.94 24.04
C THR A 337 6.25 -10.94 24.68
N ALA A 338 6.00 -12.24 24.43
CA ALA A 338 6.89 -13.30 24.90
C ALA A 338 8.25 -13.23 24.22
N MET A 339 8.29 -12.70 23.00
CA MET A 339 9.57 -12.56 22.31
C MET A 339 10.36 -11.42 22.88
N ASP A 340 9.70 -10.37 23.36
CA ASP A 340 10.43 -9.27 23.99
C ASP A 340 11.15 -9.77 25.21
N TRP A 341 10.51 -10.66 25.99
CA TRP A 341 11.14 -11.18 27.20
C TRP A 341 12.27 -12.14 26.83
N PHE A 342 12.08 -12.96 25.78
CA PHE A 342 13.13 -13.90 25.42
C PHE A 342 14.36 -13.13 24.96
N ILE A 343 14.16 -12.06 24.18
CA ILE A 343 15.28 -11.29 23.67
C ILE A 343 15.95 -10.54 24.80
N ALA A 344 15.15 -10.00 25.74
CA ALA A 344 15.73 -9.26 26.85
C ALA A 344 16.59 -10.17 27.72
N VAL A 345 16.15 -11.41 27.91
CA VAL A 345 16.96 -12.34 28.71
C VAL A 345 18.24 -12.73 27.98
N CYS A 346 18.16 -12.98 26.67
CA CYS A 346 19.39 -13.30 25.93
C CYS A 346 20.35 -12.11 25.94
N TYR A 347 19.81 -10.89 25.85
CA TYR A 347 20.64 -9.70 25.89
C TYR A 347 21.28 -9.55 27.26
N ALA A 348 20.55 -9.87 28.33
CA ALA A 348 21.13 -9.78 29.65
C ALA A 348 22.19 -10.84 29.85
N PHE A 349 22.06 -11.97 29.16
CA PHE A 349 23.06 -13.02 29.31
C PHE A 349 24.37 -12.62 28.64
N VAL A 350 24.29 -12.08 27.42
CA VAL A 350 25.53 -11.64 26.78
C VAL A 350 26.10 -10.40 27.47
N PHE A 351 25.24 -9.54 28.02
CA PHE A 351 25.74 -8.41 28.79
C PHE A 351 26.48 -8.89 30.03
N SER A 352 25.95 -9.91 30.71
CA SER A 352 26.63 -10.37 31.91
C SER A 352 27.90 -11.11 31.55
N ALA A 353 27.97 -11.68 30.34
CA ALA A 353 29.19 -12.38 29.95
C ALA A 353 30.30 -11.36 29.67
N LEU A 354 29.92 -10.20 29.15
CA LEU A 354 30.94 -9.17 28.94
C LEU A 354 31.32 -8.49 30.25
N ILE A 355 30.38 -8.38 31.19
CA ILE A 355 30.74 -7.86 32.51
C ILE A 355 31.67 -8.85 33.20
N GLU A 356 31.43 -10.14 33.00
CA GLU A 356 32.27 -11.15 33.62
C GLU A 356 33.68 -11.05 33.08
N PHE A 357 33.82 -10.84 31.77
CA PHE A 357 35.18 -10.70 31.23
C PHE A 357 35.83 -9.42 31.71
N ALA A 358 35.06 -8.34 31.88
CA ALA A 358 35.63 -7.11 32.45
C ALA A 358 36.11 -7.33 33.87
N THR A 359 35.43 -8.19 34.62
CA THR A 359 35.87 -8.49 35.99
C THR A 359 37.11 -9.36 35.99
N VAL A 360 37.16 -10.35 35.08
CA VAL A 360 38.33 -11.21 35.03
C VAL A 360 39.54 -10.40 34.62
N ASN A 361 39.39 -9.55 33.60
CA ASN A 361 40.53 -8.73 33.18
C ASN A 361 40.93 -7.76 34.27
N TYR A 362 39.99 -7.32 35.11
CA TYR A 362 40.36 -6.40 36.17
C TYR A 362 41.17 -7.10 37.25
N PHE A 363 40.83 -8.36 37.54
CA PHE A 363 41.51 -9.08 38.61
C PHE A 363 42.72 -9.86 38.12
N THR A 364 42.95 -9.92 36.81
CA THR A 364 44.14 -10.56 36.27
C THR A 364 45.39 -9.76 36.61
N LYS A 365 46.52 -10.47 36.71
CA LYS A 365 47.85 -9.92 36.98
C LYS A 365 48.02 -9.42 38.41
N SER A 366 46.97 -9.46 39.23
CA SER A 366 47.11 -9.17 40.65
C SER A 366 46.63 -10.31 41.54
N GLN A 367 45.51 -10.95 41.18
CA GLN A 367 45.00 -12.12 41.89
C GLN A 367 44.64 -13.19 40.87
N PRO A 368 45.63 -13.82 40.25
CA PRO A 368 45.34 -14.81 39.21
C PRO A 368 44.52 -15.99 39.69
N ALA A 369 44.63 -16.35 40.96
CA ALA A 369 43.84 -17.47 41.49
C ALA A 369 42.35 -17.14 41.48
N ARG A 370 42.01 -15.92 41.88
CA ARG A 370 40.60 -15.51 41.87
C ARG A 370 40.07 -15.40 40.46
N ALA A 371 40.90 -14.90 39.53
CA ALA A 371 40.46 -14.79 38.14
C ALA A 371 40.22 -16.17 37.53
N ALA A 372 41.08 -17.14 37.86
CA ALA A 372 40.87 -18.48 37.35
C ALA A 372 39.64 -19.11 37.98
N LYS A 373 39.39 -18.84 39.26
CA LYS A 373 38.21 -19.43 39.89
C LYS A 373 36.94 -18.84 39.28
N ILE A 374 36.98 -17.56 38.94
CA ILE A 374 35.82 -16.92 38.33
C ILE A 374 35.57 -17.50 36.95
N ASP A 375 36.65 -17.75 36.19
CA ASP A 375 36.44 -18.27 34.84
C ASP A 375 35.95 -19.71 34.90
N ARG A 376 36.43 -20.47 35.89
CA ARG A 376 36.02 -21.86 35.99
C ARG A 376 34.57 -21.95 36.43
N LEU A 377 34.13 -21.08 37.32
CA LEU A 377 32.73 -21.13 37.73
C LEU A 377 31.81 -20.57 36.65
N SER A 378 32.30 -19.61 35.85
CA SER A 378 31.46 -19.07 34.79
C SER A 378 31.24 -20.10 33.68
N ARG A 379 32.23 -20.97 33.44
CA ARG A 379 32.11 -22.00 32.42
C ARG A 379 31.04 -23.02 32.74
N ILE A 380 30.55 -23.04 33.97
CA ILE A 380 29.51 -23.95 34.41
C ILE A 380 28.21 -23.20 34.63
N ALA A 381 28.29 -22.05 35.29
CA ALA A 381 27.09 -21.31 35.67
C ALA A 381 26.34 -20.80 34.44
N PHE A 382 27.05 -20.24 33.46
CA PHE A 382 26.32 -19.67 32.32
C PHE A 382 25.53 -20.70 31.50
N PRO A 383 26.12 -21.83 31.05
CA PRO A 383 25.29 -22.82 30.34
C PRO A 383 24.17 -23.41 31.17
N LEU A 384 24.37 -23.57 32.49
CA LEU A 384 23.31 -24.15 33.32
C LEU A 384 22.14 -23.19 33.43
N LEU A 385 22.44 -21.93 33.73
CA LEU A 385 21.39 -20.94 33.91
C LEU A 385 20.63 -20.70 32.61
N PHE A 386 21.35 -20.68 31.48
CA PHE A 386 20.66 -20.51 30.20
C PHE A 386 19.80 -21.72 29.85
N GLY A 387 20.28 -22.93 30.10
CA GLY A 387 19.46 -24.10 29.85
C GLY A 387 18.22 -24.15 30.73
N ILE A 388 18.36 -23.71 31.99
CA ILE A 388 17.20 -23.69 32.87
C ILE A 388 16.20 -22.63 32.40
N PHE A 389 16.71 -21.47 31.97
CA PHE A 389 15.79 -20.44 31.49
C PHE A 389 15.04 -20.94 30.27
N ASN A 390 15.73 -21.65 29.37
CA ASN A 390 15.05 -22.14 28.18
C ASN A 390 14.00 -23.19 28.54
N LEU A 391 14.30 -24.04 29.52
CA LEU A 391 13.32 -25.05 29.94
C LEU A 391 12.06 -24.39 30.51
N VAL A 392 12.25 -23.37 31.36
CA VAL A 392 11.10 -22.66 31.91
C VAL A 392 10.34 -21.93 30.81
N TYR A 393 11.06 -21.27 29.89
CA TYR A 393 10.40 -20.46 28.89
C TYR A 393 9.56 -21.35 27.97
N TRP A 394 10.15 -22.46 27.50
CA TRP A 394 9.46 -23.32 26.55
C TRP A 394 8.51 -24.30 27.22
N ALA A 395 8.42 -24.29 28.56
CA ALA A 395 7.35 -25.02 29.21
C ALA A 395 6.21 -24.13 29.68
N THR A 396 6.46 -22.84 29.88
CA THR A 396 5.40 -21.92 30.30
C THR A 396 4.48 -21.52 29.14
N TYR A 397 5.03 -21.37 27.94
CA TYR A 397 4.29 -20.86 26.80
C TYR A 397 3.84 -21.91 25.79
N LEU A 398 4.62 -22.99 25.60
CA LEU A 398 4.19 -24.04 24.69
C LEU A 398 3.02 -24.87 25.21
N ASN A 399 2.63 -24.70 26.47
CA ASN A 399 1.54 -25.47 27.06
C ASN A 399 0.36 -24.57 27.40
N ARG A 400 0.04 -23.63 26.51
CA ARG A 400 -1.10 -22.73 26.71
C ARG A 400 -2.07 -22.82 25.54
N ASN B 62 -30.92 0.84 -48.31
CA ASN B 62 -29.75 0.08 -47.90
C ASN B 62 -29.49 0.23 -46.40
N MET B 63 -29.08 1.43 -45.99
CA MET B 63 -28.88 1.72 -44.58
C MET B 63 -30.20 1.63 -43.81
N SER B 64 -31.28 2.17 -44.39
CA SER B 64 -32.57 2.12 -43.72
C SER B 64 -33.08 0.70 -43.57
N PHE B 65 -32.74 -0.19 -44.50
CA PHE B 65 -33.13 -1.59 -44.36
C PHE B 65 -32.40 -2.25 -43.21
N VAL B 66 -31.11 -1.97 -43.05
CA VAL B 66 -30.37 -2.52 -41.93
C VAL B 66 -30.90 -1.98 -40.61
N LYS B 67 -31.17 -0.68 -40.56
CA LYS B 67 -31.73 -0.10 -39.33
C LYS B 67 -33.09 -0.71 -39.01
N GLU B 68 -33.91 -0.96 -40.03
CA GLU B 68 -35.20 -1.60 -39.82
C GLU B 68 -35.01 -3.01 -39.26
N THR B 69 -34.07 -3.76 -39.84
CA THR B 69 -33.87 -5.13 -39.37
C THR B 69 -33.39 -5.16 -37.93
N VAL B 70 -32.46 -4.27 -37.59
CA VAL B 70 -31.91 -4.26 -36.25
C VAL B 70 -32.99 -3.85 -35.25
N ASP B 71 -33.77 -2.82 -35.58
CA ASP B 71 -34.86 -2.41 -34.70
C ASP B 71 -35.90 -3.51 -34.57
N LYS B 72 -36.07 -4.34 -35.61
CA LYS B 72 -36.98 -5.47 -35.53
C LYS B 72 -36.45 -6.54 -34.59
N LEU B 73 -35.13 -6.76 -34.61
CA LEU B 73 -34.55 -7.80 -33.76
C LEU B 73 -34.70 -7.45 -32.29
N LEU B 74 -34.49 -6.19 -31.94
CA LEU B 74 -34.51 -5.75 -30.55
C LEU B 74 -35.90 -5.38 -30.06
N LYS B 75 -36.92 -5.46 -30.91
CA LYS B 75 -38.28 -5.16 -30.52
C LYS B 75 -38.92 -6.42 -29.94
N GLY B 76 -39.48 -6.27 -28.74
CA GLY B 76 -40.05 -7.41 -28.02
C GLY B 76 -39.02 -8.44 -27.62
N TYR B 77 -37.83 -8.00 -27.21
CA TYR B 77 -36.76 -8.89 -26.77
C TYR B 77 -36.69 -8.90 -25.25
N ASP B 78 -36.76 -10.09 -24.67
CA ASP B 78 -36.75 -10.23 -23.21
C ASP B 78 -35.32 -10.54 -22.78
N ILE B 79 -34.69 -9.56 -22.11
CA ILE B 79 -33.30 -9.71 -21.69
C ILE B 79 -33.16 -10.58 -20.46
N ARG B 80 -34.26 -10.84 -19.76
CA ARG B 80 -34.24 -11.65 -18.55
C ARG B 80 -34.27 -13.14 -18.85
N LEU B 81 -34.44 -13.52 -20.11
CA LEU B 81 -34.56 -14.91 -20.51
C LEU B 81 -33.37 -15.36 -21.34
N ARG B 82 -32.79 -16.50 -20.98
CA ARG B 82 -31.69 -17.06 -21.74
C ARG B 82 -32.24 -17.68 -23.02
N PRO B 83 -31.39 -17.87 -24.03
CA PRO B 83 -31.84 -18.59 -25.23
C PRO B 83 -32.30 -19.99 -24.89
N ASP B 84 -33.37 -20.42 -25.58
CA ASP B 84 -34.00 -21.72 -25.35
C ASP B 84 -34.37 -21.89 -23.87
N PHE B 85 -34.96 -20.83 -23.30
CA PHE B 85 -35.37 -20.89 -21.90
C PHE B 85 -36.41 -21.97 -21.68
N GLY B 86 -36.19 -22.79 -20.65
CA GLY B 86 -37.07 -23.90 -20.35
C GLY B 86 -36.86 -25.14 -21.20
N GLY B 87 -35.86 -25.15 -22.07
CA GLY B 87 -35.61 -26.28 -22.93
C GLY B 87 -34.19 -26.78 -22.81
N PRO B 88 -33.60 -27.21 -23.92
CA PRO B 88 -32.24 -27.73 -23.88
C PRO B 88 -31.27 -26.63 -23.49
N PRO B 89 -30.17 -26.97 -22.84
CA PRO B 89 -29.20 -25.95 -22.44
C PRO B 89 -28.54 -25.30 -23.64
N VAL B 90 -28.15 -24.05 -23.45
CA VAL B 90 -27.43 -23.29 -24.48
C VAL B 90 -25.96 -23.60 -24.37
N CYS B 91 -25.34 -23.97 -25.49
CA CYS B 91 -23.92 -24.31 -25.50
C CYS B 91 -23.09 -23.06 -25.77
N VAL B 92 -22.09 -22.84 -24.92
CA VAL B 92 -21.23 -21.67 -25.01
C VAL B 92 -19.80 -22.14 -25.26
N GLY B 93 -19.21 -21.66 -26.34
CA GLY B 93 -17.82 -21.95 -26.65
C GLY B 93 -16.96 -20.75 -26.31
N MET B 94 -15.77 -21.01 -25.77
CA MET B 94 -14.93 -19.96 -25.24
C MET B 94 -13.53 -20.05 -25.86
N ASN B 95 -12.99 -18.88 -26.19
CA ASN B 95 -11.60 -18.76 -26.62
C ASN B 95 -10.90 -17.71 -25.78
N ILE B 96 -9.60 -17.89 -25.58
CA ILE B 96 -8.78 -16.95 -24.85
C ILE B 96 -7.53 -16.67 -25.66
N ASP B 97 -7.18 -15.39 -25.80
CA ASP B 97 -5.93 -14.98 -26.42
C ASP B 97 -5.15 -14.17 -25.39
N ILE B 98 -4.04 -14.72 -24.90
CA ILE B 98 -3.32 -14.12 -23.79
C ILE B 98 -2.34 -13.08 -24.34
N ALA B 99 -2.40 -11.86 -23.81
CA ALA B 99 -1.53 -10.79 -24.27
C ALA B 99 -0.24 -10.75 -23.47
N SER B 100 -0.33 -10.88 -22.15
CA SER B 100 0.85 -10.80 -21.29
C SER B 100 0.53 -11.40 -19.94
N ILE B 101 1.58 -11.87 -19.26
CA ILE B 101 1.53 -12.29 -17.87
C ILE B 101 2.65 -11.57 -17.15
N ASP B 102 2.34 -11.00 -15.99
CA ASP B 102 3.36 -10.25 -15.25
C ASP B 102 2.99 -10.23 -13.77
N MET B 103 3.98 -9.85 -12.97
CA MET B 103 3.82 -9.68 -11.52
C MET B 103 3.34 -10.99 -10.87
N VAL B 104 4.17 -12.02 -11.05
CA VAL B 104 3.99 -13.28 -10.33
C VAL B 104 4.53 -13.05 -8.92
N SER B 105 3.63 -12.79 -7.98
CA SER B 105 4.01 -12.36 -6.64
C SER B 105 4.02 -13.54 -5.69
N GLU B 106 5.18 -13.82 -5.10
CA GLU B 106 5.26 -14.85 -4.07
C GLU B 106 4.71 -14.33 -2.74
N VAL B 107 4.87 -13.03 -2.47
CA VAL B 107 4.41 -12.47 -1.20
C VAL B 107 2.89 -12.49 -1.14
N ASN B 108 2.23 -12.02 -2.21
CA ASN B 108 0.78 -11.99 -2.26
C ASN B 108 0.19 -13.29 -2.79
N MET B 109 1.01 -14.18 -3.34
CA MET B 109 0.57 -15.47 -3.89
C MET B 109 -0.51 -15.26 -4.94
N ASP B 110 -0.17 -14.50 -5.97
CA ASP B 110 -1.07 -14.24 -7.08
C ASP B 110 -0.26 -13.91 -8.32
N TYR B 111 -0.96 -13.71 -9.43
CA TYR B 111 -0.35 -13.31 -10.68
C TYR B 111 -1.36 -12.49 -11.47
N THR B 112 -0.86 -11.72 -12.43
CA THR B 112 -1.68 -10.83 -13.23
C THR B 112 -1.71 -11.31 -14.67
N LEU B 113 -2.90 -11.26 -15.28
CA LEU B 113 -3.13 -11.79 -16.61
C LEU B 113 -3.95 -10.79 -17.40
N THR B 114 -3.56 -10.56 -18.64
CA THR B 114 -4.33 -9.75 -19.57
C THR B 114 -4.69 -10.59 -20.78
N MET B 115 -5.94 -10.54 -21.20
CA MET B 115 -6.37 -11.47 -22.23
C MET B 115 -7.56 -10.92 -22.99
N TYR B 116 -7.78 -11.49 -24.16
CA TYR B 116 -8.98 -11.30 -24.96
C TYR B 116 -9.84 -12.54 -24.77
N PHE B 117 -10.98 -12.37 -24.11
CA PHE B 117 -11.87 -13.45 -23.75
C PHE B 117 -13.06 -13.39 -24.70
N GLN B 118 -13.34 -14.50 -25.39
CA GLN B 118 -14.39 -14.51 -26.39
C GLN B 118 -15.35 -15.65 -26.09
N GLN B 119 -16.63 -15.39 -26.32
CA GLN B 119 -17.69 -16.36 -26.12
C GLN B 119 -18.55 -16.42 -27.37
N TYR B 120 -19.12 -17.60 -27.60
CA TYR B 120 -19.74 -17.96 -28.87
C TYR B 120 -20.97 -18.79 -28.54
N TRP B 121 -22.15 -18.26 -28.81
CA TRP B 121 -23.37 -19.04 -28.56
C TRP B 121 -24.40 -18.71 -29.63
N ARG B 122 -25.55 -19.38 -29.55
CA ARG B 122 -26.59 -19.23 -30.56
C ARG B 122 -27.88 -18.80 -29.88
N ASP B 123 -28.52 -17.78 -30.44
CA ASP B 123 -29.82 -17.30 -29.95
C ASP B 123 -30.72 -17.11 -31.16
N LYS B 124 -31.71 -18.00 -31.30
CA LYS B 124 -32.58 -17.95 -32.46
C LYS B 124 -33.48 -16.72 -32.49
N ARG B 125 -33.58 -15.99 -31.37
CA ARG B 125 -34.32 -14.73 -31.35
C ARG B 125 -33.62 -13.64 -32.15
N LEU B 126 -32.34 -13.80 -32.46
CA LEU B 126 -31.55 -12.80 -33.16
C LEU B 126 -31.24 -13.19 -34.60
N ALA B 127 -31.84 -14.27 -35.11
CA ALA B 127 -31.60 -14.66 -36.49
C ALA B 127 -32.27 -13.67 -37.44
N TYR B 128 -31.55 -13.32 -38.51
CA TYR B 128 -32.05 -12.39 -39.51
C TYR B 128 -31.72 -12.91 -40.90
N SER B 129 -32.49 -12.45 -41.87
CA SER B 129 -32.33 -12.85 -43.26
C SER B 129 -32.39 -11.63 -44.16
N GLY B 130 -31.82 -11.76 -45.35
CA GLY B 130 -31.78 -10.70 -46.32
C GLY B 130 -30.49 -9.91 -46.37
N ILE B 131 -29.62 -10.07 -45.38
CA ILE B 131 -28.36 -9.34 -45.34
C ILE B 131 -27.20 -10.34 -45.31
N PRO B 132 -26.45 -10.48 -46.39
CA PRO B 132 -25.29 -11.40 -46.40
C PRO B 132 -24.06 -10.81 -45.72
N LEU B 133 -24.21 -10.44 -44.44
CA LEU B 133 -23.14 -9.79 -43.71
C LEU B 133 -23.14 -10.29 -42.26
N ASN B 134 -21.98 -10.19 -41.63
CA ASN B 134 -21.84 -10.40 -40.19
C ASN B 134 -21.84 -9.03 -39.52
N LEU B 135 -22.89 -8.74 -38.77
CA LEU B 135 -23.10 -7.38 -38.27
C LEU B 135 -22.29 -7.18 -36.99
N THR B 136 -21.26 -6.34 -37.06
CA THR B 136 -20.53 -5.93 -35.86
C THR B 136 -21.21 -4.67 -35.35
N LEU B 137 -21.80 -4.74 -34.17
CA LEU B 137 -22.53 -3.61 -33.62
C LEU B 137 -21.70 -2.85 -32.59
N ASP B 138 -22.16 -1.65 -32.28
CA ASP B 138 -21.57 -0.88 -31.19
C ASP B 138 -21.72 -1.64 -29.89
N ASN B 139 -20.68 -1.57 -29.05
CA ASN B 139 -20.65 -2.40 -27.86
C ASN B 139 -21.75 -2.06 -26.86
N ARG B 140 -22.38 -0.89 -26.99
CA ARG B 140 -23.47 -0.57 -26.08
C ARG B 140 -24.69 -1.44 -26.35
N VAL B 141 -24.74 -2.14 -27.48
CA VAL B 141 -25.85 -3.05 -27.72
C VAL B 141 -25.74 -4.24 -26.80
N ALA B 142 -24.58 -4.44 -26.18
CA ALA B 142 -24.45 -5.56 -25.27
C ALA B 142 -25.34 -5.34 -24.07
N ASP B 143 -25.66 -4.08 -23.75
CA ASP B 143 -26.55 -3.85 -22.63
C ASP B 143 -27.98 -4.26 -22.93
N GLN B 144 -28.32 -4.47 -24.21
CA GLN B 144 -29.68 -4.83 -24.61
C GLN B 144 -29.82 -6.31 -24.95
N LEU B 145 -28.79 -7.12 -24.74
CA LEU B 145 -28.81 -8.52 -25.13
C LEU B 145 -28.46 -9.41 -23.95
N TRP B 146 -28.89 -10.66 -24.03
CA TRP B 146 -28.52 -11.65 -23.03
C TRP B 146 -27.10 -12.12 -23.25
N VAL B 147 -26.31 -12.13 -22.19
CA VAL B 147 -24.93 -12.63 -22.24
C VAL B 147 -24.76 -13.62 -21.08
N PRO B 148 -23.85 -14.58 -21.19
CA PRO B 148 -23.68 -15.53 -20.08
C PRO B 148 -23.13 -14.85 -18.83
N ASP B 149 -23.50 -15.43 -17.68
CA ASP B 149 -23.04 -14.94 -16.38
C ASP B 149 -21.73 -15.64 -15.98
N THR B 150 -20.74 -15.50 -16.85
CA THR B 150 -19.46 -16.13 -16.62
C THR B 150 -18.66 -15.37 -15.58
N TYR B 151 -17.96 -16.10 -14.71
CA TYR B 151 -17.08 -15.49 -13.73
C TYR B 151 -15.90 -16.40 -13.45
N PHE B 152 -14.85 -15.80 -12.87
CA PHE B 152 -13.61 -16.48 -12.55
C PHE B 152 -13.57 -16.74 -11.04
N LEU B 153 -13.44 -18.01 -10.66
CA LEU B 153 -13.59 -18.37 -9.25
C LEU B 153 -12.45 -17.81 -8.40
N ASN B 154 -11.22 -17.92 -8.87
CA ASN B 154 -10.05 -17.52 -8.10
C ASN B 154 -9.62 -16.09 -8.36
N ASP B 155 -10.52 -15.25 -8.88
CA ASP B 155 -10.18 -13.87 -9.18
C ASP B 155 -10.25 -13.03 -7.90
N LYS B 156 -9.25 -12.16 -7.72
CA LYS B 156 -9.21 -11.25 -6.58
C LYS B 156 -9.59 -9.83 -6.98
N LYS B 157 -9.19 -9.39 -8.17
CA LYS B 157 -9.44 -8.03 -8.62
C LYS B 157 -9.29 -8.02 -10.14
N SER B 158 -10.32 -7.54 -10.83
CA SER B 158 -10.33 -7.53 -12.28
C SER B 158 -11.13 -6.34 -12.77
N PHE B 159 -10.86 -5.94 -14.02
CA PHE B 159 -11.58 -4.84 -14.63
C PHE B 159 -11.50 -4.98 -16.14
N VAL B 160 -12.42 -4.29 -16.82
CA VAL B 160 -12.43 -4.21 -18.28
C VAL B 160 -11.90 -2.84 -18.68
N HIS B 161 -10.97 -2.82 -19.64
CA HIS B 161 -10.39 -1.58 -20.09
C HIS B 161 -11.44 -0.73 -20.78
N GLY B 162 -11.29 0.60 -20.66
CA GLY B 162 -12.30 1.51 -21.14
C GLY B 162 -11.76 2.71 -21.89
N VAL B 163 -10.61 2.56 -22.54
CA VAL B 163 -10.03 3.62 -23.36
C VAL B 163 -9.79 3.05 -24.76
N THR B 164 -10.26 3.78 -25.78
CA THR B 164 -10.96 5.04 -25.60
C THR B 164 -12.43 4.84 -25.27
N VAL B 165 -12.90 3.61 -25.50
CA VAL B 165 -14.23 3.17 -25.08
C VAL B 165 -14.10 1.82 -24.39
N LYS B 166 -15.22 1.32 -23.90
CA LYS B 166 -15.22 0.02 -23.23
C LYS B 166 -14.80 -1.06 -24.23
N ASN B 167 -13.76 -1.80 -23.87
CA ASN B 167 -13.17 -2.80 -24.78
C ASN B 167 -14.08 -4.01 -24.83
N ARG B 168 -15.14 -3.88 -25.63
CA ARG B 168 -16.18 -4.89 -25.72
C ARG B 168 -16.62 -5.01 -27.17
N MET B 169 -17.01 -6.22 -27.57
CA MET B 169 -17.36 -6.51 -28.94
C MET B 169 -18.61 -7.37 -28.99
N ILE B 170 -19.54 -7.02 -29.87
CA ILE B 170 -20.72 -7.82 -30.16
C ILE B 170 -20.84 -7.99 -31.67
N ARG B 171 -20.84 -9.23 -32.14
CA ARG B 171 -20.98 -9.52 -33.55
C ARG B 171 -22.08 -10.55 -33.76
N LEU B 172 -22.98 -10.25 -34.69
CA LEU B 172 -24.13 -11.09 -35.02
C LEU B 172 -23.90 -11.76 -36.36
N HIS B 173 -24.57 -12.90 -36.54
CA HIS B 173 -24.51 -13.71 -37.74
C HIS B 173 -25.91 -14.02 -38.24
N PRO B 174 -26.08 -14.25 -39.54
CA PRO B 174 -27.44 -14.43 -40.08
C PRO B 174 -28.20 -15.59 -39.47
N ASP B 175 -27.51 -16.62 -38.97
CA ASP B 175 -28.18 -17.76 -38.38
C ASP B 175 -28.56 -17.53 -36.91
N GLY B 176 -28.20 -16.38 -36.35
CA GLY B 176 -28.49 -16.06 -34.97
C GLY B 176 -27.33 -16.22 -34.03
N THR B 177 -26.15 -16.61 -34.52
CA THR B 177 -25.00 -16.81 -33.65
C THR B 177 -24.47 -15.47 -33.14
N VAL B 178 -24.04 -15.45 -31.89
CA VAL B 178 -23.52 -14.27 -31.23
C VAL B 178 -22.08 -14.53 -30.81
N LEU B 179 -21.21 -13.58 -31.14
CA LEU B 179 -19.81 -13.53 -30.70
C LEU B 179 -19.64 -12.34 -29.78
N TYR B 180 -19.14 -12.60 -28.58
CA TYR B 180 -19.04 -11.60 -27.51
C TYR B 180 -17.61 -11.57 -26.98
N GLY B 181 -16.95 -10.44 -27.14
CA GLY B 181 -15.54 -10.31 -26.79
C GLY B 181 -15.33 -9.26 -25.72
N LEU B 182 -14.35 -9.52 -24.84
CA LEU B 182 -14.00 -8.64 -23.75
C LEU B 182 -12.50 -8.66 -23.52
N ARG B 183 -11.92 -7.49 -23.26
CA ARG B 183 -10.50 -7.38 -22.94
C ARG B 183 -10.37 -7.21 -21.42
N ILE B 184 -9.79 -8.21 -20.76
CA ILE B 184 -9.86 -8.30 -19.30
C ILE B 184 -8.45 -8.41 -18.74
N THR B 185 -8.17 -7.62 -17.71
CA THR B 185 -6.99 -7.77 -16.85
C THR B 185 -7.45 -8.22 -15.48
N THR B 186 -6.96 -9.38 -15.04
CA THR B 186 -7.40 -10.00 -13.80
C THR B 186 -6.19 -10.42 -12.96
N THR B 187 -6.41 -10.49 -11.66
CA THR B 187 -5.40 -10.96 -10.70
C THR B 187 -5.90 -12.27 -10.11
N ALA B 188 -5.23 -13.37 -10.44
CA ALA B 188 -5.66 -14.69 -10.01
C ALA B 188 -4.71 -15.24 -8.96
N ALA B 189 -5.27 -15.94 -7.98
CA ALA B 189 -4.54 -16.47 -6.84
C ALA B 189 -4.25 -17.96 -7.04
N CYS B 190 -3.00 -18.36 -6.78
CA CYS B 190 -2.65 -19.77 -6.80
C CYS B 190 -1.81 -20.12 -5.58
N MET B 191 -2.08 -21.30 -5.03
CA MET B 191 -1.29 -21.83 -3.92
C MET B 191 0.09 -22.24 -4.38
N MET B 192 1.11 -21.84 -3.63
CA MET B 192 2.50 -22.10 -3.98
C MET B 192 3.14 -22.95 -2.90
N ASP B 193 3.84 -23.99 -3.33
CA ASP B 193 4.60 -24.89 -2.47
C ASP B 193 6.06 -24.56 -2.68
N LEU B 194 6.70 -23.98 -1.67
CA LEU B 194 8.05 -23.44 -1.76
C LEU B 194 9.07 -24.25 -0.98
N ARG B 195 8.81 -25.54 -0.76
CA ARG B 195 9.77 -26.34 -0.01
C ARG B 195 11.04 -26.60 -0.81
N ARG B 196 10.97 -26.46 -2.15
CA ARG B 196 12.14 -26.59 -3.00
C ARG B 196 12.63 -25.25 -3.52
N TYR B 197 12.19 -24.14 -2.94
CA TYR B 197 12.64 -22.83 -3.40
C TYR B 197 14.15 -22.70 -3.22
N PRO B 198 14.87 -22.12 -4.20
CA PRO B 198 14.41 -21.53 -5.46
C PRO B 198 14.42 -22.52 -6.62
N LEU B 199 14.40 -23.82 -6.31
CA LEU B 199 14.37 -24.89 -7.30
C LEU B 199 12.97 -25.47 -7.43
N ASP B 200 11.96 -24.61 -7.37
CA ASP B 200 10.57 -25.02 -7.29
C ASP B 200 9.91 -24.97 -8.67
N GLU B 201 8.75 -25.60 -8.74
CA GLU B 201 7.92 -25.65 -9.94
C GLU B 201 6.49 -25.45 -9.50
N GLN B 202 5.84 -24.43 -10.06
CA GLN B 202 4.52 -24.01 -9.61
C GLN B 202 3.46 -24.32 -10.67
N ASN B 203 2.23 -24.47 -10.22
CA ASN B 203 1.09 -24.78 -11.07
C ASN B 203 0.00 -23.78 -10.73
N CYS B 204 -0.22 -22.81 -11.61
CA CYS B 204 -1.22 -21.76 -11.38
C CYS B 204 -2.32 -21.85 -12.41
N THR B 205 -3.57 -21.81 -11.95
CA THR B 205 -4.70 -22.07 -12.82
C THR B 205 -5.58 -20.84 -12.93
N LEU B 206 -6.64 -20.98 -13.73
CA LEU B 206 -7.70 -20.00 -13.89
C LEU B 206 -8.99 -20.77 -14.09
N GLU B 207 -9.97 -20.50 -13.22
CA GLU B 207 -11.24 -21.22 -13.23
C GLU B 207 -12.30 -20.35 -13.88
N ILE B 208 -13.14 -20.96 -14.71
CA ILE B 208 -14.21 -20.28 -15.43
C ILE B 208 -15.48 -21.06 -15.15
N GLU B 209 -16.51 -20.35 -14.69
CA GLU B 209 -17.74 -21.00 -14.25
C GLU B 209 -18.91 -20.07 -14.52
N SER B 210 -20.12 -20.63 -14.54
CA SER B 210 -21.33 -19.84 -14.63
C SER B 210 -21.83 -19.64 -13.21
N TYR B 211 -22.20 -18.39 -12.88
CA TYR B 211 -22.53 -18.11 -11.50
C TYR B 211 -23.91 -18.64 -11.13
N GLY B 212 -24.87 -18.58 -12.05
CA GLY B 212 -26.22 -18.89 -11.68
C GLY B 212 -27.00 -19.85 -12.55
N TYR B 213 -26.30 -20.55 -13.44
CA TYR B 213 -26.95 -21.50 -14.32
C TYR B 213 -26.35 -22.87 -14.03
N THR B 214 -27.17 -23.91 -14.17
CA THR B 214 -26.70 -25.28 -14.02
C THR B 214 -26.55 -25.95 -15.38
N THR B 215 -26.22 -27.24 -15.35
CA THR B 215 -26.05 -27.96 -16.61
C THR B 215 -27.37 -28.19 -17.32
N ASP B 216 -28.50 -27.93 -16.65
CA ASP B 216 -29.79 -28.00 -17.30
C ASP B 216 -30.06 -26.80 -18.20
N ASP B 217 -29.28 -25.74 -18.07
CA ASP B 217 -29.54 -24.50 -18.80
C ASP B 217 -28.34 -23.98 -19.58
N ILE B 218 -27.12 -24.36 -19.24
CA ILE B 218 -25.94 -23.86 -19.94
C ILE B 218 -24.82 -24.88 -19.85
N GLU B 219 -24.00 -24.94 -20.89
CA GLU B 219 -22.85 -25.83 -20.93
C GLU B 219 -21.65 -25.06 -21.48
N PHE B 220 -20.47 -25.45 -21.01
CA PHE B 220 -19.22 -24.81 -21.43
C PHE B 220 -18.38 -25.81 -22.21
N TYR B 221 -17.68 -25.32 -23.24
CA TYR B 221 -16.68 -26.10 -23.93
C TYR B 221 -15.64 -25.16 -24.52
N TRP B 222 -14.46 -25.72 -24.79
CA TRP B 222 -13.39 -24.95 -25.44
C TRP B 222 -13.59 -24.96 -26.94
N ARG B 223 -13.72 -23.78 -27.53
CA ARG B 223 -13.94 -23.62 -28.96
C ARG B 223 -12.61 -23.71 -29.68
N GLY B 224 -12.41 -24.79 -30.44
CA GLY B 224 -11.15 -25.03 -31.11
C GLY B 224 -10.33 -26.20 -30.58
N GLY B 225 -10.88 -27.01 -29.68
CA GLY B 225 -10.10 -28.11 -29.13
C GLY B 225 -8.94 -27.59 -28.30
N ASP B 226 -7.74 -28.06 -28.62
CA ASP B 226 -6.54 -27.60 -27.93
C ASP B 226 -5.99 -26.31 -28.49
N LYS B 227 -6.62 -25.77 -29.54
CA LYS B 227 -6.25 -24.47 -30.09
C LYS B 227 -7.05 -23.32 -29.49
N ALA B 228 -7.87 -23.61 -28.47
CA ALA B 228 -8.74 -22.59 -27.91
C ALA B 228 -7.97 -21.48 -27.21
N VAL B 229 -6.79 -21.79 -26.67
CA VAL B 229 -5.98 -20.82 -25.95
C VAL B 229 -4.72 -20.55 -26.78
N THR B 230 -4.49 -19.27 -27.08
CA THR B 230 -3.37 -18.85 -27.90
C THR B 230 -2.62 -17.73 -27.18
N GLY B 231 -1.36 -17.56 -27.55
CA GLY B 231 -0.53 -16.51 -26.99
C GLY B 231 0.38 -16.94 -25.86
N VAL B 232 0.42 -18.23 -25.54
CA VAL B 232 1.26 -18.69 -24.44
C VAL B 232 2.74 -18.59 -24.82
N GLU B 233 3.06 -18.88 -26.09
CA GLU B 233 4.44 -18.87 -26.55
C GLU B 233 5.03 -17.47 -26.68
N ARG B 234 4.20 -16.43 -26.58
CA ARG B 234 4.66 -15.05 -26.66
C ARG B 234 4.77 -14.39 -25.29
N ILE B 235 4.77 -15.20 -24.23
CA ILE B 235 4.89 -14.70 -22.86
C ILE B 235 6.34 -14.85 -22.41
N GLU B 236 6.93 -13.74 -21.96
CA GLU B 236 8.32 -13.72 -21.51
C GLU B 236 8.35 -13.26 -20.05
N LEU B 237 8.48 -14.21 -19.14
CA LEU B 237 8.63 -13.87 -17.73
C LEU B 237 10.09 -13.65 -17.38
N PRO B 238 10.44 -12.56 -16.70
CA PRO B 238 11.85 -12.34 -16.36
C PRO B 238 12.44 -13.39 -15.44
N GLN B 239 11.61 -14.11 -14.67
CA GLN B 239 12.11 -15.05 -13.69
C GLN B 239 11.63 -16.49 -13.91
N PHE B 240 10.52 -16.70 -14.61
CA PHE B 240 9.99 -18.03 -14.86
C PHE B 240 10.02 -18.34 -16.35
N SER B 241 9.88 -19.62 -16.65
CA SER B 241 9.61 -20.11 -18.00
C SER B 241 8.39 -21.01 -17.96
N ILE B 242 7.50 -20.86 -18.94
CA ILE B 242 6.25 -21.62 -18.96
C ILE B 242 6.54 -22.97 -19.61
N VAL B 243 6.58 -24.02 -18.79
CA VAL B 243 6.88 -25.36 -19.28
C VAL B 243 5.72 -25.91 -20.10
N GLU B 244 4.50 -25.74 -19.60
CA GLU B 244 3.34 -26.38 -20.20
C GLU B 244 2.08 -25.63 -19.78
N HIS B 245 1.02 -25.82 -20.56
CA HIS B 245 -0.31 -25.38 -20.18
C HIS B 245 -1.31 -26.46 -20.55
N ARG B 246 -2.46 -26.44 -19.86
CA ARG B 246 -3.41 -27.54 -19.91
C ARG B 246 -4.83 -27.01 -19.77
N LEU B 247 -5.77 -27.72 -20.39
CA LEU B 247 -7.19 -27.37 -20.39
C LEU B 247 -8.00 -28.53 -19.82
N VAL B 248 -8.88 -28.23 -18.88
CA VAL B 248 -9.73 -29.21 -18.21
C VAL B 248 -11.17 -28.72 -18.28
N SER B 249 -12.10 -29.68 -18.25
CA SER B 249 -13.53 -29.38 -18.26
C SER B 249 -14.25 -30.36 -17.34
N ARG B 250 -14.96 -29.83 -16.35
CA ARG B 250 -15.63 -30.67 -15.37
C ARG B 250 -16.82 -29.91 -14.78
N ASN B 251 -17.69 -30.65 -14.10
CA ASN B 251 -18.85 -30.05 -13.45
C ASN B 251 -18.65 -30.08 -11.94
N VAL B 252 -18.68 -28.89 -11.34
CA VAL B 252 -18.56 -28.72 -9.89
C VAL B 252 -19.92 -28.93 -9.24
N VAL B 253 -19.97 -29.84 -8.27
CA VAL B 253 -21.21 -30.18 -7.59
C VAL B 253 -21.27 -29.35 -6.32
N PHE B 254 -21.97 -28.22 -6.38
CA PHE B 254 -22.26 -27.41 -5.21
C PHE B 254 -23.60 -27.82 -4.60
N ALA B 255 -24.06 -27.01 -3.64
CA ALA B 255 -25.34 -27.29 -3.00
C ALA B 255 -26.51 -27.00 -3.93
N THR B 256 -26.47 -25.86 -4.63
CA THR B 256 -27.57 -25.47 -5.51
C THR B 256 -27.67 -26.31 -6.78
N GLY B 257 -26.68 -27.13 -7.10
CA GLY B 257 -26.71 -28.00 -8.26
C GLY B 257 -25.35 -28.07 -8.93
N ALA B 258 -25.32 -28.80 -10.04
CA ALA B 258 -24.09 -28.94 -10.80
C ALA B 258 -23.85 -27.71 -11.65
N TYR B 259 -22.61 -27.24 -11.65
CA TYR B 259 -22.19 -26.07 -12.40
C TYR B 259 -21.10 -26.41 -13.43
N PRO B 260 -21.22 -25.95 -14.66
CA PRO B 260 -20.18 -26.21 -15.65
C PRO B 260 -18.91 -25.47 -15.26
N ARG B 261 -17.76 -26.01 -15.65
CA ARG B 261 -16.51 -25.34 -15.34
C ARG B 261 -15.43 -25.72 -16.35
N LEU B 262 -14.72 -24.69 -16.81
CA LEU B 262 -13.54 -24.83 -17.65
C LEU B 262 -12.34 -24.31 -16.88
N SER B 263 -11.22 -25.00 -17.00
CA SER B 263 -10.03 -24.68 -16.24
C SER B 263 -8.84 -24.60 -17.17
N LEU B 264 -8.02 -23.57 -17.00
CA LEU B 264 -6.80 -23.42 -17.78
C LEU B 264 -5.66 -23.24 -16.79
N SER B 265 -4.63 -24.08 -16.92
CA SER B 265 -3.53 -24.05 -15.96
C SER B 265 -2.19 -23.99 -16.67
N PHE B 266 -1.25 -23.32 -16.03
CA PHE B 266 0.13 -23.27 -16.49
C PHE B 266 1.04 -23.89 -15.44
N ARG B 267 2.21 -24.33 -15.90
CA ARG B 267 3.26 -24.84 -15.04
C ARG B 267 4.51 -24.02 -15.27
N LEU B 268 4.95 -23.32 -14.23
CA LEU B 268 6.07 -22.40 -14.28
C LEU B 268 7.28 -23.01 -13.59
N LYS B 269 8.45 -22.87 -14.22
CA LYS B 269 9.70 -23.35 -13.68
C LYS B 269 10.62 -22.15 -13.49
N ARG B 270 11.00 -21.90 -12.24
CA ARG B 270 11.79 -20.73 -11.89
C ARG B 270 13.20 -20.82 -12.46
N ASN B 271 13.71 -19.71 -12.97
CA ASN B 271 15.08 -19.67 -13.45
C ASN B 271 16.04 -19.65 -12.27
N ILE B 272 17.19 -20.32 -12.43
CA ILE B 272 18.13 -20.50 -11.33
C ILE B 272 19.40 -19.67 -11.46
N GLY B 273 19.69 -19.10 -12.63
CA GLY B 273 20.96 -18.40 -12.78
C GLY B 273 21.13 -17.20 -11.87
N TYR B 274 20.03 -16.49 -11.58
CA TYR B 274 20.12 -15.33 -10.70
C TYR B 274 20.51 -15.73 -9.28
N PHE B 275 19.94 -16.84 -8.79
CA PHE B 275 20.18 -17.26 -7.41
C PHE B 275 21.55 -17.88 -7.22
N ILE B 276 22.14 -18.45 -8.28
CA ILE B 276 23.48 -19.01 -8.15
C ILE B 276 24.47 -17.90 -7.80
N LEU B 277 24.36 -16.78 -8.52
CA LEU B 277 25.24 -15.64 -8.31
C LEU B 277 24.86 -14.87 -7.05
N GLN B 278 23.56 -14.75 -6.78
CA GLN B 278 23.08 -13.86 -5.73
C GLN B 278 23.04 -14.52 -4.34
N THR B 279 22.81 -15.82 -4.25
CA THR B 279 22.64 -16.46 -2.95
C THR B 279 23.75 -17.46 -2.65
N TYR B 280 23.94 -18.47 -3.48
CA TYR B 280 24.79 -19.60 -3.07
C TYR B 280 26.26 -19.21 -3.07
N MET B 281 26.70 -18.46 -4.08
CA MET B 281 28.11 -18.10 -4.19
C MET B 281 28.65 -17.28 -3.02
N PRO B 282 27.96 -16.24 -2.52
CA PRO B 282 28.49 -15.56 -1.34
C PRO B 282 28.65 -16.47 -0.14
N SER B 283 27.72 -17.39 0.07
CA SER B 283 27.83 -18.32 1.19
C SER B 283 29.01 -19.26 0.99
N ILE B 284 29.21 -19.71 -0.25
CA ILE B 284 30.33 -20.61 -0.53
C ILE B 284 31.64 -19.90 -0.28
N LEU B 285 31.74 -18.65 -0.74
CA LEU B 285 33.01 -17.94 -0.62
C LEU B 285 33.30 -17.57 0.82
N ILE B 286 32.28 -17.23 1.60
CA ILE B 286 32.51 -16.95 3.01
C ILE B 286 32.91 -18.23 3.74
N THR B 287 32.32 -19.37 3.35
CA THR B 287 32.71 -20.61 4.01
C THR B 287 34.15 -20.97 3.67
N ILE B 288 34.58 -20.69 2.44
CA ILE B 288 35.95 -20.98 2.09
C ILE B 288 36.89 -20.03 2.82
N LEU B 289 36.49 -18.76 2.95
CA LEU B 289 37.31 -17.78 3.64
C LEU B 289 37.46 -18.14 5.12
N SER B 290 36.47 -18.84 5.68
CA SER B 290 36.58 -19.27 7.07
C SER B 290 37.65 -20.33 7.28
N TRP B 291 38.07 -21.00 6.21
CA TRP B 291 39.15 -21.99 6.29
C TRP B 291 40.53 -21.37 6.27
N VAL B 292 40.65 -20.08 5.96
CA VAL B 292 41.96 -19.42 5.93
C VAL B 292 42.62 -19.46 7.29
N SER B 293 41.83 -19.40 8.36
CA SER B 293 42.40 -19.38 9.71
C SER B 293 43.16 -20.66 10.05
N PHE B 294 42.87 -21.76 9.36
CA PHE B 294 43.56 -23.01 9.67
C PHE B 294 45.04 -22.99 9.30
N TRP B 295 45.46 -22.03 8.47
CA TRP B 295 46.85 -21.89 8.07
C TRP B 295 47.55 -20.75 8.79
N ILE B 296 46.93 -20.18 9.82
CA ILE B 296 47.52 -19.10 10.61
C ILE B 296 48.03 -19.66 11.93
N ASN B 297 49.14 -19.10 12.40
CA ASN B 297 49.73 -19.52 13.67
C ASN B 297 48.72 -19.32 14.80
N TYR B 298 48.68 -20.30 15.72
CA TYR B 298 47.69 -20.27 16.79
C TYR B 298 48.00 -19.22 17.86
N ASP B 299 49.18 -18.62 17.83
CA ASP B 299 49.47 -17.54 18.77
C ASP B 299 48.94 -16.19 18.31
N ALA B 300 48.39 -16.11 17.10
CA ALA B 300 47.76 -14.88 16.61
C ALA B 300 46.27 -14.99 16.88
N SER B 301 45.90 -14.77 18.15
CA SER B 301 44.52 -14.98 18.57
C SER B 301 43.57 -13.92 18.01
N ALA B 302 44.03 -12.67 17.94
CA ALA B 302 43.16 -11.61 17.45
C ALA B 302 42.76 -11.80 15.99
N ALA B 303 43.69 -12.26 15.15
CA ALA B 303 43.35 -12.43 13.74
C ALA B 303 42.38 -13.58 13.52
N ARG B 304 42.61 -14.72 14.18
CA ARG B 304 41.75 -15.87 13.93
C ARG B 304 40.39 -15.69 14.59
N VAL B 305 40.35 -14.98 15.73
CA VAL B 305 39.08 -14.69 16.37
C VAL B 305 38.28 -13.71 15.54
N ALA B 306 38.93 -12.64 15.05
CA ALA B 306 38.20 -11.66 14.24
C ALA B 306 37.69 -12.29 12.96
N LEU B 307 38.50 -13.12 12.30
CA LEU B 307 38.03 -13.79 11.09
C LEU B 307 36.86 -14.71 11.38
N GLY B 308 36.93 -15.49 12.45
CA GLY B 308 35.85 -16.42 12.74
C GLY B 308 34.56 -15.71 13.08
N ILE B 309 34.66 -14.67 13.92
CA ILE B 309 33.42 -14.06 14.38
C ILE B 309 32.85 -13.19 13.28
N THR B 310 33.69 -12.64 12.39
CA THR B 310 33.11 -11.82 11.35
C THR B 310 32.46 -12.69 10.27
N THR B 311 33.00 -13.89 10.04
CA THR B 311 32.31 -14.78 9.11
C THR B 311 31.01 -15.32 9.71
N VAL B 312 30.96 -15.53 11.03
CA VAL B 312 29.71 -15.92 11.66
C VAL B 312 28.67 -14.81 11.58
N LEU B 313 29.08 -13.56 11.84
CA LEU B 313 28.15 -12.45 11.74
C LEU B 313 27.68 -12.24 10.30
N THR B 314 28.58 -12.37 9.33
CA THR B 314 28.16 -12.19 7.94
C THR B 314 27.20 -13.28 7.50
N MET B 315 27.44 -14.53 7.89
CA MET B 315 26.52 -15.59 7.52
C MET B 315 25.15 -15.41 8.18
N THR B 316 25.13 -14.97 9.44
CA THR B 316 23.84 -14.70 10.07
C THR B 316 23.11 -13.55 9.38
N THR B 317 23.85 -12.49 9.01
CA THR B 317 23.22 -11.36 8.35
C THR B 317 22.63 -11.76 7.00
N ILE B 318 23.38 -12.55 6.22
CA ILE B 318 22.87 -12.99 4.92
C ILE B 318 21.62 -13.84 5.09
N ASN B 319 21.66 -14.79 6.03
CA ASN B 319 20.52 -15.69 6.16
C ASN B 319 19.27 -14.94 6.63
N THR B 320 19.43 -14.04 7.60
CA THR B 320 18.25 -13.36 8.09
C THR B 320 17.75 -12.31 7.13
N HIS B 321 18.63 -11.68 6.34
CA HIS B 321 18.12 -10.73 5.36
C HIS B 321 17.36 -11.44 4.26
N LEU B 322 17.86 -12.58 3.77
CA LEU B 322 17.08 -13.25 2.74
C LEU B 322 15.77 -13.80 3.29
N ARG B 323 15.76 -14.20 4.56
CA ARG B 323 14.51 -14.68 5.15
C ARG B 323 13.47 -13.54 5.25
N GLU B 324 13.93 -12.33 5.61
CA GLU B 324 13.05 -11.17 5.74
C GLU B 324 12.59 -10.65 4.39
N THR B 325 13.36 -10.88 3.33
CA THR B 325 13.03 -10.30 2.03
C THR B 325 12.00 -11.15 1.32
N LEU B 326 12.12 -12.46 1.42
CA LEU B 326 11.24 -13.40 0.77
C LEU B 326 9.97 -13.58 1.60
N PRO B 327 8.88 -14.04 0.98
CA PRO B 327 7.61 -14.21 1.70
C PRO B 327 7.72 -15.19 2.86
N LYS B 328 6.94 -14.93 3.91
CA LYS B 328 6.97 -15.73 5.13
C LYS B 328 6.22 -17.04 4.92
N ILE B 329 6.98 -18.12 4.82
CA ILE B 329 6.52 -19.49 4.63
C ILE B 329 7.17 -20.31 5.74
N PRO B 330 6.56 -20.38 6.93
CA PRO B 330 7.25 -20.94 8.09
C PRO B 330 7.44 -22.45 7.97
N TYR B 331 8.24 -22.84 6.99
CA TYR B 331 8.82 -24.17 6.95
C TYR B 331 10.12 -24.19 6.16
N VAL B 332 10.86 -25.28 6.34
CA VAL B 332 12.23 -25.44 5.91
C VAL B 332 12.31 -25.60 4.38
N LYS B 333 13.02 -24.69 3.72
CA LYS B 333 13.18 -24.75 2.28
C LYS B 333 14.63 -25.13 1.96
N ALA B 334 14.91 -25.33 0.68
CA ALA B 334 16.27 -25.70 0.31
C ALA B 334 17.26 -24.57 0.56
N ILE B 335 16.83 -23.32 0.44
CA ILE B 335 17.75 -22.22 0.71
C ILE B 335 18.09 -22.19 2.18
N ASP B 336 17.12 -22.53 3.03
CA ASP B 336 17.39 -22.50 4.46
C ASP B 336 18.30 -23.65 4.84
N MET B 337 18.14 -24.81 4.20
CA MET B 337 18.99 -25.94 4.53
C MET B 337 20.43 -25.66 4.12
N TYR B 338 20.61 -24.93 3.01
CA TYR B 338 21.98 -24.66 2.56
C TYR B 338 22.63 -23.60 3.44
N LEU B 339 21.87 -22.57 3.81
CA LEU B 339 22.43 -21.52 4.64
C LEU B 339 22.72 -22.04 6.04
N MET B 340 21.87 -22.94 6.55
CA MET B 340 22.16 -23.54 7.85
C MET B 340 23.38 -24.45 7.77
N GLY B 341 23.55 -25.17 6.66
CA GLY B 341 24.74 -26.00 6.54
C GLY B 341 26.02 -25.17 6.52
N CYS B 342 25.97 -24.00 5.88
CA CYS B 342 27.16 -23.15 5.88
C CYS B 342 27.37 -22.51 7.25
N PHE B 343 26.28 -22.19 7.95
CA PHE B 343 26.43 -21.64 9.28
C PHE B 343 27.00 -22.67 10.24
N VAL B 344 26.64 -23.95 10.04
CA VAL B 344 27.19 -25.00 10.89
C VAL B 344 28.66 -25.18 10.60
N PHE B 345 29.05 -25.12 9.32
CA PHE B 345 30.46 -25.32 9.01
C PHE B 345 31.33 -24.20 9.60
N VAL B 346 30.90 -22.95 9.45
CA VAL B 346 31.70 -21.88 10.05
C VAL B 346 31.61 -21.84 11.57
N PHE B 347 30.52 -22.36 12.14
CA PHE B 347 30.43 -22.47 13.59
C PHE B 347 31.41 -23.51 14.10
N LEU B 348 31.53 -24.63 13.40
CA LEU B 348 32.44 -25.66 13.88
C LEU B 348 33.87 -25.23 13.64
N ALA B 349 34.11 -24.40 12.63
CA ALA B 349 35.47 -23.91 12.40
C ALA B 349 35.90 -22.99 13.54
N LEU B 350 34.99 -22.13 14.00
CA LEU B 350 35.33 -21.30 15.15
C LEU B 350 35.40 -22.13 16.43
N LEU B 351 34.58 -23.17 16.57
CA LEU B 351 34.73 -24.00 17.75
C LEU B 351 36.04 -24.79 17.70
N GLU B 352 36.55 -25.03 16.49
CA GLU B 352 37.80 -25.75 16.38
C GLU B 352 38.92 -24.84 16.84
N TYR B 353 38.81 -23.55 16.51
CA TYR B 353 39.87 -22.67 16.96
C TYR B 353 39.78 -22.48 18.47
N ALA B 354 38.57 -22.50 19.02
CA ALA B 354 38.43 -22.38 20.47
C ALA B 354 39.08 -23.55 21.18
N PHE B 355 38.94 -24.75 20.62
CA PHE B 355 39.62 -25.92 21.17
C PHE B 355 41.13 -25.83 21.01
N VAL B 356 41.60 -25.36 19.86
CA VAL B 356 43.04 -25.26 19.65
C VAL B 356 43.63 -24.24 20.61
N ASN B 357 42.99 -23.08 20.74
CA ASN B 357 43.50 -22.06 21.64
C ASN B 357 43.43 -22.54 23.08
N TYR B 358 42.51 -23.46 23.38
CA TYR B 358 42.37 -23.95 24.73
C TYR B 358 43.46 -24.95 25.09
N ILE B 359 43.96 -25.70 24.10
CA ILE B 359 44.89 -26.79 24.35
C ILE B 359 46.30 -26.52 23.83
N PHE B 360 46.52 -25.36 23.19
CA PHE B 360 47.78 -25.08 22.51
C PHE B 360 48.95 -24.82 23.44
N PHE B 361 48.71 -24.64 24.74
CA PHE B 361 49.81 -24.42 25.67
C PHE B 361 50.44 -25.72 26.16
N SER B 362 49.62 -26.66 26.65
CA SER B 362 50.19 -27.90 27.16
C SER B 362 50.61 -28.85 26.03
N GLN B 363 49.87 -28.90 24.94
CA GLN B 363 50.10 -29.86 23.85
C GLN B 363 50.17 -29.17 22.50
N PRO B 364 51.27 -28.45 22.21
CA PRO B 364 51.38 -27.77 20.92
C PRO B 364 51.34 -28.70 19.72
N ALA B 365 51.89 -29.92 19.86
CA ALA B 365 51.91 -30.85 18.75
C ALA B 365 50.52 -31.35 18.43
N ARG B 366 49.71 -31.59 19.47
CA ARG B 366 48.34 -32.02 19.24
C ARG B 366 47.56 -30.92 18.55
N ALA B 367 47.79 -29.66 18.95
CA ALA B 367 47.09 -28.56 18.34
C ALA B 367 47.46 -28.43 16.86
N ALA B 368 48.74 -28.62 16.53
CA ALA B 368 49.13 -28.51 15.13
C ALA B 368 48.58 -29.68 14.33
N ALA B 369 48.38 -30.83 14.98
CA ALA B 369 47.84 -31.96 14.24
C ALA B 369 46.35 -31.73 14.00
N ILE B 370 45.69 -31.08 14.96
CA ILE B 370 44.27 -30.77 14.80
C ILE B 370 44.11 -29.75 13.68
N ASP B 371 45.01 -28.78 13.60
CA ASP B 371 44.91 -27.80 12.52
C ASP B 371 45.13 -28.46 11.15
N ARG B 372 46.09 -29.39 11.07
CA ARG B 372 46.33 -30.07 9.79
C ARG B 372 45.14 -30.93 9.40
N TRP B 373 44.52 -31.59 10.38
CA TRP B 373 43.37 -32.39 10.02
C TRP B 373 42.17 -31.52 9.72
N SER B 374 42.07 -30.33 10.33
CA SER B 374 40.96 -29.48 9.92
C SER B 374 41.16 -28.99 8.50
N ARG B 375 42.44 -28.79 8.11
CA ARG B 375 42.79 -28.38 6.76
C ARG B 375 42.47 -29.46 5.74
N ILE B 376 42.27 -30.69 6.20
CA ILE B 376 41.92 -31.77 5.29
C ILE B 376 40.43 -32.08 5.36
N VAL B 377 39.90 -32.22 6.58
CA VAL B 377 38.55 -32.68 6.82
C VAL B 377 37.52 -31.64 6.36
N PHE B 378 37.73 -30.36 6.67
CA PHE B 378 36.72 -29.35 6.34
C PHE B 378 36.44 -29.18 4.85
N PRO B 379 37.41 -29.04 3.95
CA PRO B 379 37.04 -28.98 2.52
C PRO B 379 36.39 -30.26 2.02
N PHE B 380 36.79 -31.43 2.54
CA PHE B 380 36.22 -32.66 2.04
C PHE B 380 34.80 -32.83 2.54
N THR B 381 34.56 -32.50 3.81
CA THR B 381 33.21 -32.63 4.36
C THR B 381 32.29 -31.61 3.70
N PHE B 382 32.79 -30.41 3.44
CA PHE B 382 31.97 -29.39 2.80
C PHE B 382 31.61 -29.79 1.38
N SER B 383 32.55 -30.40 0.65
CA SER B 383 32.22 -30.88 -0.70
C SER B 383 31.24 -32.04 -0.66
N LEU B 384 31.34 -32.91 0.34
CA LEU B 384 30.34 -33.97 0.46
C LEU B 384 28.96 -33.41 0.80
N PHE B 385 28.92 -32.38 1.64
CA PHE B 385 27.66 -31.72 1.95
C PHE B 385 27.06 -31.08 0.71
N ASN B 386 27.90 -30.46 -0.12
CA ASN B 386 27.37 -29.82 -1.32
C ASN B 386 26.91 -30.87 -2.32
N LEU B 387 27.59 -32.01 -2.40
CA LEU B 387 27.17 -33.07 -3.30
C LEU B 387 25.80 -33.61 -2.88
N VAL B 388 25.62 -33.82 -1.57
CA VAL B 388 24.33 -34.29 -1.09
C VAL B 388 23.25 -33.25 -1.36
N TYR B 389 23.57 -31.97 -1.16
CA TYR B 389 22.56 -30.94 -1.37
C TYR B 389 22.16 -30.89 -2.84
N TRP B 390 23.15 -30.80 -3.73
CA TRP B 390 22.87 -30.63 -5.15
C TRP B 390 22.49 -31.95 -5.82
N LEU B 391 22.28 -33.00 -5.05
CA LEU B 391 21.68 -34.24 -5.54
C LEU B 391 20.29 -34.49 -4.99
N TYR B 392 20.04 -34.14 -3.73
CA TYR B 392 18.74 -34.32 -3.10
C TYR B 392 17.67 -33.37 -3.65
N TYR B 393 18.06 -32.34 -4.40
CA TYR B 393 17.10 -31.38 -4.94
C TYR B 393 17.12 -31.27 -6.45
N VAL B 394 18.26 -31.52 -7.10
CA VAL B 394 18.32 -31.46 -8.56
C VAL B 394 18.19 -32.85 -9.14
N GLY C 27 -31.41 29.43 -31.30
CA GLY C 27 -32.12 29.75 -32.51
C GLY C 27 -32.33 28.56 -33.43
N ASP C 28 -31.80 28.66 -34.64
CA ASP C 28 -31.92 27.56 -35.60
C ASP C 28 -30.89 26.46 -35.38
N VAL C 29 -29.88 26.70 -34.54
CA VAL C 29 -28.88 25.67 -34.28
C VAL C 29 -29.52 24.47 -33.58
N THR C 30 -30.47 24.73 -32.69
CA THR C 30 -31.19 23.63 -32.06
C THR C 30 -31.99 22.85 -33.09
N VAL C 31 -32.59 23.55 -34.05
CA VAL C 31 -33.35 22.86 -35.09
C VAL C 31 -32.42 21.98 -35.91
N ILE C 32 -31.21 22.49 -36.20
CA ILE C 32 -30.25 21.70 -36.97
C ILE C 32 -29.87 20.44 -36.20
N LEU C 33 -29.60 20.57 -34.90
CA LEU C 33 -29.20 19.41 -34.12
C LEU C 33 -30.34 18.40 -34.02
N ASN C 34 -31.57 18.89 -33.84
CA ASN C 34 -32.71 17.99 -33.71
C ASN C 34 -32.95 17.25 -35.01
N ASN C 35 -32.80 17.94 -36.16
CA ASN C 35 -33.04 17.26 -37.41
C ASN C 35 -31.92 16.29 -37.71
N LEU C 36 -30.69 16.60 -37.27
CA LEU C 36 -29.59 15.68 -37.50
C LEU C 36 -29.80 14.40 -36.71
N LEU C 37 -30.21 14.52 -35.45
CA LEU C 37 -30.40 13.35 -34.60
C LEU C 37 -31.70 12.61 -34.89
N GLU C 38 -32.59 13.18 -35.70
CA GLU C 38 -33.82 12.49 -36.06
C GLU C 38 -33.53 11.42 -37.09
N GLY C 39 -33.99 10.20 -36.83
CA GLY C 39 -33.73 9.11 -37.73
C GLY C 39 -32.30 8.61 -37.73
N TYR C 40 -31.57 8.84 -36.64
CA TYR C 40 -30.17 8.45 -36.53
C TYR C 40 -30.04 7.22 -35.65
N ASP C 41 -29.33 6.21 -36.14
CA ASP C 41 -29.04 5.00 -35.40
C ASP C 41 -27.54 4.94 -35.16
N ASN C 42 -27.13 5.12 -33.89
CA ASN C 42 -25.72 5.15 -33.55
C ASN C 42 -25.12 3.76 -33.35
N LYS C 43 -25.91 2.70 -33.48
CA LYS C 43 -25.39 1.34 -33.43
C LYS C 43 -24.76 0.90 -34.75
N LEU C 44 -24.90 1.69 -35.82
CA LEU C 44 -24.41 1.33 -37.14
C LEU C 44 -23.35 2.34 -37.57
N ARG C 45 -22.22 1.83 -38.05
CA ARG C 45 -21.16 2.69 -38.54
C ARG C 45 -21.55 3.30 -39.89
N PRO C 46 -20.99 4.45 -40.23
CA PRO C 46 -21.26 5.04 -41.55
C PRO C 46 -20.80 4.11 -42.67
N ASP C 47 -21.61 4.05 -43.73
CA ASP C 47 -21.32 3.21 -44.90
C ASP C 47 -21.13 1.75 -44.48
N ILE C 48 -22.08 1.23 -43.72
CA ILE C 48 -21.92 -0.08 -43.12
C ILE C 48 -21.90 -1.17 -44.19
N GLY C 49 -22.69 -0.99 -45.26
CA GLY C 49 -22.75 -1.98 -46.32
C GLY C 49 -22.18 -1.54 -47.65
N VAL C 50 -21.36 -0.50 -47.66
CA VAL C 50 -20.87 0.06 -48.91
C VAL C 50 -19.35 -0.05 -48.98
N LYS C 51 -18.66 0.63 -48.06
CA LYS C 51 -17.21 0.72 -48.12
C LYS C 51 -16.68 0.84 -46.69
N PRO C 52 -15.42 0.50 -46.47
CA PRO C 52 -14.85 0.67 -45.12
C PRO C 52 -14.83 2.13 -44.71
N THR C 53 -14.97 2.37 -43.40
CA THR C 53 -14.90 3.71 -42.87
C THR C 53 -13.44 4.12 -42.67
N LEU C 54 -13.04 5.22 -43.31
CA LEU C 54 -11.67 5.69 -43.24
C LEU C 54 -11.54 6.73 -42.13
N ILE C 55 -10.56 6.52 -41.24
CA ILE C 55 -10.36 7.37 -40.08
C ILE C 55 -8.95 7.94 -40.13
N HIS C 56 -8.84 9.25 -39.95
CA HIS C 56 -7.56 9.94 -39.92
C HIS C 56 -7.26 10.33 -38.48
N THR C 57 -6.07 9.96 -38.00
CA THR C 57 -5.74 10.13 -36.59
C THR C 57 -4.57 11.09 -36.42
N ASP C 58 -4.63 11.86 -35.33
CA ASP C 58 -3.55 12.76 -34.93
C ASP C 58 -3.27 12.57 -33.44
N MET C 59 -2.04 12.89 -33.06
CA MET C 59 -1.59 12.72 -31.67
C MET C 59 -0.64 13.85 -31.31
N TYR C 60 -0.94 14.54 -30.21
CA TYR C 60 -0.04 15.53 -29.65
C TYR C 60 0.41 15.04 -28.27
N VAL C 61 1.72 14.90 -28.08
CA VAL C 61 2.26 14.35 -26.86
C VAL C 61 2.57 15.50 -25.89
N ASN C 62 1.82 15.56 -24.79
CA ASN C 62 2.08 16.59 -23.79
C ASN C 62 3.36 16.29 -23.03
N SER C 63 3.56 15.04 -22.62
CA SER C 63 4.74 14.64 -21.87
C SER C 63 4.83 13.12 -21.84
N ILE C 64 6.06 12.62 -21.86
CA ILE C 64 6.36 11.21 -21.68
C ILE C 64 6.94 11.04 -20.29
N GLY C 65 6.23 10.33 -19.42
CA GLY C 65 6.59 10.26 -18.03
C GLY C 65 7.72 9.27 -17.77
N PRO C 66 7.95 8.96 -16.50
CA PRO C 66 9.10 8.11 -16.15
C PRO C 66 8.96 6.70 -16.74
N VAL C 67 10.10 6.12 -17.08
CA VAL C 67 10.15 4.76 -17.58
C VAL C 67 10.43 3.82 -16.42
N ASN C 68 9.60 2.79 -16.27
CA ASN C 68 9.69 1.86 -15.15
C ASN C 68 10.29 0.56 -15.67
N ALA C 69 11.61 0.41 -15.48
CA ALA C 69 12.29 -0.80 -15.94
C ALA C 69 11.89 -2.02 -15.13
N ILE C 70 11.55 -1.82 -13.85
CA ILE C 70 11.17 -2.94 -12.98
C ILE C 70 9.90 -3.60 -13.49
N ASN C 71 8.91 -2.79 -13.86
CA ASN C 71 7.65 -3.30 -14.39
C ASN C 71 7.62 -3.35 -15.91
N MET C 72 8.64 -2.82 -16.58
CA MET C 72 8.71 -2.77 -18.04
C MET C 72 7.50 -2.05 -18.62
N GLU C 73 7.39 -0.77 -18.26
CA GLU C 73 6.28 0.06 -18.68
C GLU C 73 6.72 1.51 -18.71
N TYR C 74 5.93 2.34 -19.40
CA TYR C 74 6.19 3.78 -19.43
C TYR C 74 4.86 4.51 -19.49
N THR C 75 4.90 5.78 -19.11
CA THR C 75 3.70 6.61 -19.02
C THR C 75 3.76 7.72 -20.07
N ILE C 76 2.62 7.98 -20.70
CA ILE C 76 2.53 8.99 -21.75
C ILE C 76 1.19 9.71 -21.62
N ASP C 77 1.20 11.02 -21.84
CA ASP C 77 -0.01 11.83 -21.82
C ASP C 77 -0.18 12.46 -23.20
N ILE C 78 -1.35 12.26 -23.81
CA ILE C 78 -1.55 12.69 -25.19
C ILE C 78 -2.92 13.35 -25.37
N PHE C 79 -3.00 14.15 -26.43
CA PHE C 79 -4.26 14.57 -27.03
C PHE C 79 -4.45 13.72 -28.27
N PHE C 80 -5.58 13.02 -28.35
CA PHE C 80 -5.87 12.07 -29.40
C PHE C 80 -7.03 12.61 -30.23
N ALA C 81 -6.81 12.75 -31.53
CA ALA C 81 -7.79 13.33 -32.43
C ALA C 81 -8.09 12.34 -33.55
N GLN C 82 -9.36 12.27 -33.95
CA GLN C 82 -9.82 11.40 -35.01
C GLN C 82 -10.78 12.16 -35.89
N THR C 83 -10.71 11.89 -37.19
CA THR C 83 -11.55 12.57 -38.17
C THR C 83 -12.10 11.53 -39.12
N TRP C 84 -13.38 11.66 -39.44
CA TRP C 84 -14.01 10.74 -40.39
C TRP C 84 -15.22 11.40 -41.01
N TYR C 85 -15.80 10.74 -42.00
CA TYR C 85 -16.95 11.25 -42.72
C TYR C 85 -18.20 10.45 -42.35
N ASP C 86 -19.29 11.16 -42.11
CA ASP C 86 -20.59 10.56 -41.85
C ASP C 86 -21.63 11.26 -42.72
N ARG C 87 -22.14 10.53 -43.73
CA ARG C 87 -23.12 11.12 -44.62
C ARG C 87 -24.41 11.48 -43.90
N ARG C 88 -24.71 10.80 -42.79
CA ARG C 88 -25.94 11.06 -42.06
C ARG C 88 -25.92 12.40 -41.33
N LEU C 89 -24.78 13.09 -41.28
CA LEU C 89 -24.65 14.33 -40.53
C LEU C 89 -24.43 15.55 -41.43
N LYS C 90 -25.04 15.55 -42.62
CA LYS C 90 -24.96 16.70 -43.49
C LYS C 90 -26.08 17.68 -43.16
N PHE C 91 -25.79 18.96 -43.35
CA PHE C 91 -26.80 20.00 -43.12
C PHE C 91 -26.48 21.21 -43.98
N ASN C 92 -27.48 22.06 -44.15
CA ASN C 92 -27.36 23.28 -44.95
C ASN C 92 -27.73 24.46 -44.07
N SER C 93 -26.82 25.43 -43.96
CA SER C 93 -27.06 26.67 -43.23
C SER C 93 -25.91 27.61 -43.50
N THR C 94 -26.06 28.85 -43.01
CA THR C 94 -24.96 29.80 -43.04
C THR C 94 -23.86 29.49 -42.04
N ILE C 95 -24.09 28.54 -41.13
CA ILE C 95 -23.07 28.13 -40.17
C ILE C 95 -22.19 27.07 -40.83
N LYS C 96 -20.88 27.30 -40.82
CA LYS C 96 -19.98 26.36 -41.47
C LYS C 96 -19.69 25.15 -40.59
N VAL C 97 -19.41 25.38 -39.30
CA VAL C 97 -19.00 24.30 -38.40
C VAL C 97 -19.77 24.42 -37.09
N LEU C 98 -20.19 23.28 -36.55
CA LEU C 98 -20.84 23.20 -35.25
C LEU C 98 -19.82 22.72 -34.23
N ARG C 99 -19.39 23.62 -33.36
CA ARG C 99 -18.41 23.33 -32.32
C ARG C 99 -19.14 22.92 -31.04
N LEU C 100 -18.94 21.68 -30.60
CA LEU C 100 -19.71 21.12 -29.50
C LEU C 100 -18.78 20.51 -28.45
N ASN C 101 -19.31 20.41 -27.24
CA ASN C 101 -18.64 19.75 -26.13
C ASN C 101 -19.03 18.27 -26.10
N SER C 102 -18.73 17.60 -24.99
CA SER C 102 -18.91 16.15 -24.92
C SER C 102 -20.37 15.73 -24.80
N ASN C 103 -21.29 16.68 -24.62
CA ASN C 103 -22.70 16.32 -24.46
C ASN C 103 -23.25 15.53 -25.63
N MET C 104 -22.69 15.68 -26.83
CA MET C 104 -23.15 14.94 -27.99
C MET C 104 -22.29 13.73 -28.32
N VAL C 105 -21.25 13.44 -27.54
CA VAL C 105 -20.36 12.34 -27.91
C VAL C 105 -21.13 11.03 -27.84
N GLY C 106 -22.01 10.90 -26.85
CA GLY C 106 -22.74 9.67 -26.70
C GLY C 106 -23.92 9.55 -27.62
N LYS C 107 -24.17 10.57 -28.45
CA LYS C 107 -25.35 10.55 -29.32
C LYS C 107 -25.04 10.16 -30.76
N ILE C 108 -23.78 10.22 -31.18
CA ILE C 108 -23.41 9.87 -32.55
C ILE C 108 -22.54 8.62 -32.54
N TRP C 109 -22.18 8.12 -33.71
CA TRP C 109 -21.35 6.94 -33.81
C TRP C 109 -19.89 7.32 -33.57
N ILE C 110 -19.21 6.52 -32.75
CA ILE C 110 -17.80 6.77 -32.44
C ILE C 110 -17.04 5.46 -32.67
N PRO C 111 -15.86 5.51 -33.30
CA PRO C 111 -15.07 4.28 -33.45
C PRO C 111 -14.59 3.75 -32.11
N ASP C 112 -14.49 2.42 -32.03
CA ASP C 112 -14.10 1.75 -30.80
C ASP C 112 -12.60 1.50 -30.77
N THR C 113 -11.85 2.59 -30.89
CA THR C 113 -10.40 2.52 -30.90
C THR C 113 -9.87 2.20 -29.51
N PHE C 114 -8.90 1.29 -29.44
CA PHE C 114 -8.25 0.94 -28.19
C PHE C 114 -6.76 0.74 -28.43
N PHE C 115 -6.00 0.75 -27.34
CA PHE C 115 -4.56 0.62 -27.38
C PHE C 115 -4.16 -0.80 -26.99
N ARG C 116 -3.43 -1.48 -27.88
CA ARG C 116 -3.25 -2.92 -27.76
C ARG C 116 -2.27 -3.28 -26.64
N ASN C 117 -1.22 -2.47 -26.44
CA ASN C 117 -0.20 -2.78 -25.44
C ASN C 117 -0.36 -1.95 -24.17
N SER C 118 -1.57 -1.51 -23.87
CA SER C 118 -1.81 -0.68 -22.69
C SER C 118 -2.13 -1.54 -21.49
N LYS C 119 -1.44 -1.29 -20.37
CA LYS C 119 -1.74 -1.99 -19.13
C LYS C 119 -2.85 -1.30 -18.35
N LYS C 120 -2.89 0.02 -18.41
CA LYS C 120 -3.88 0.81 -17.68
C LYS C 120 -3.95 2.19 -18.31
N ALA C 121 -5.13 2.57 -18.79
CA ALA C 121 -5.32 3.88 -19.39
C ALA C 121 -6.64 4.45 -18.90
N ASP C 122 -6.72 5.78 -18.87
CA ASP C 122 -7.94 6.45 -18.44
C ASP C 122 -8.04 7.82 -19.09
N ALA C 123 -9.27 8.32 -19.17
CA ALA C 123 -9.55 9.67 -19.62
C ALA C 123 -9.67 10.61 -18.42
N HIS C 124 -9.67 11.90 -18.70
CA HIS C 124 -9.70 12.92 -17.67
C HIS C 124 -11.09 13.53 -17.61
N TRP C 125 -11.57 13.75 -16.38
CA TRP C 125 -12.96 14.12 -16.15
C TRP C 125 -13.11 15.38 -15.30
N ILE C 126 -12.02 16.09 -15.00
CA ILE C 126 -12.05 17.29 -14.18
C ILE C 126 -11.80 18.50 -15.08
N THR C 127 -12.69 19.48 -15.02
CA THR C 127 -13.87 19.42 -14.16
C THR C 127 -15.04 18.80 -14.91
N THR C 128 -14.88 18.68 -16.22
CA THR C 128 -15.81 18.02 -17.12
C THR C 128 -15.04 17.05 -17.99
N PRO C 129 -15.72 16.09 -18.62
CA PRO C 129 -15.02 15.19 -19.54
C PRO C 129 -14.27 15.97 -20.62
N ASN C 130 -12.99 15.64 -20.78
CA ASN C 130 -12.09 16.37 -21.67
C ASN C 130 -12.25 15.85 -23.09
N ARG C 131 -13.39 16.20 -23.70
CA ARG C 131 -13.71 15.75 -25.04
C ARG C 131 -14.30 16.92 -25.83
N MET C 132 -14.01 16.96 -27.13
CA MET C 132 -14.54 17.98 -28.02
C MET C 132 -14.97 17.35 -29.32
N LEU C 133 -16.04 17.89 -29.91
CA LEU C 133 -16.64 17.35 -31.12
C LEU C 133 -16.98 18.48 -32.07
N ARG C 134 -16.50 18.41 -33.29
CA ARG C 134 -16.81 19.44 -34.28
C ARG C 134 -17.36 18.78 -35.53
N ILE C 135 -18.40 19.39 -36.10
CA ILE C 135 -19.07 18.85 -37.28
C ILE C 135 -19.09 19.89 -38.37
N TRP C 136 -18.73 19.50 -39.58
CA TRP C 136 -18.82 20.40 -40.72
C TRP C 136 -20.04 20.05 -41.59
N ASN C 137 -20.44 21.02 -42.42
CA ASN C 137 -21.67 20.87 -43.19
C ASN C 137 -21.58 19.79 -44.25
N ASP C 138 -20.37 19.37 -44.61
CA ASP C 138 -20.19 18.29 -45.59
C ASP C 138 -20.28 16.91 -44.95
N GLY C 139 -20.44 16.85 -43.63
CA GLY C 139 -20.54 15.59 -42.91
C GLY C 139 -19.28 15.14 -42.22
N ARG C 140 -18.22 15.95 -42.24
CA ARG C 140 -16.97 15.57 -41.60
C ARG C 140 -17.03 15.81 -40.10
N VAL C 141 -16.56 14.84 -39.33
CA VAL C 141 -16.62 14.87 -37.87
C VAL C 141 -15.19 14.79 -37.33
N LEU C 142 -14.87 15.69 -36.40
CA LEU C 142 -13.62 15.71 -35.66
C LEU C 142 -13.92 15.46 -34.19
N TYR C 143 -13.27 14.44 -33.63
CA TYR C 143 -13.50 14.01 -32.25
C TYR C 143 -12.15 13.95 -31.55
N THR C 144 -12.01 14.68 -30.45
CA THR C 144 -10.74 14.77 -29.75
C THR C 144 -10.95 14.54 -28.26
N LEU C 145 -9.96 13.91 -27.63
CA LEU C 145 -10.00 13.73 -26.18
C LEU C 145 -8.59 13.57 -25.63
N ARG C 146 -8.46 13.79 -24.33
CA ARG C 146 -7.18 13.73 -23.65
C ARG C 146 -7.06 12.41 -22.89
N LEU C 147 -5.90 11.78 -23.00
CA LEU C 147 -5.69 10.45 -22.47
C LEU C 147 -4.35 10.38 -21.74
N THR C 148 -4.33 9.59 -20.68
CA THR C 148 -3.09 9.22 -20.01
C THR C 148 -2.98 7.70 -20.03
N ILE C 149 -1.85 7.20 -20.52
CA ILE C 149 -1.69 5.79 -20.85
C ILE C 149 -0.44 5.27 -20.16
N ASP C 150 -0.53 4.07 -19.61
CA ASP C 150 0.61 3.30 -19.15
C ASP C 150 0.79 2.14 -20.11
N ALA C 151 1.82 2.21 -20.95
CA ALA C 151 2.01 1.27 -22.03
C ALA C 151 3.19 0.36 -21.74
N GLU C 152 3.15 -0.84 -22.30
CA GLU C 152 4.20 -1.82 -22.08
C GLU C 152 5.37 -1.60 -23.03
N CYS C 153 6.58 -1.71 -22.50
CA CYS C 153 7.80 -1.62 -23.29
C CYS C 153 8.81 -2.59 -22.70
N GLN C 154 9.10 -3.66 -23.44
CA GLN C 154 10.08 -4.64 -22.97
C GLN C 154 11.48 -4.12 -23.27
N LEU C 155 12.29 -3.98 -22.22
CA LEU C 155 13.60 -3.35 -22.36
C LEU C 155 14.68 -4.41 -22.24
N GLN C 156 15.62 -4.40 -23.17
CA GLN C 156 16.80 -5.25 -23.10
C GLN C 156 17.94 -4.46 -22.48
N LEU C 157 18.39 -4.87 -21.29
CA LEU C 157 19.36 -4.11 -20.53
C LEU C 157 20.73 -4.79 -20.54
N HIS C 158 20.99 -5.55 -21.61
CA HIS C 158 22.26 -6.26 -21.72
C HIS C 158 23.43 -5.29 -21.86
N ASN C 159 23.22 -4.19 -22.57
CA ASN C 159 24.26 -3.22 -22.84
C ASN C 159 24.24 -2.04 -21.89
N PHE C 160 23.49 -2.13 -20.79
CA PHE C 160 23.43 -1.03 -19.84
C PHE C 160 24.83 -0.73 -19.31
N PRO C 161 25.22 0.54 -19.22
CA PRO C 161 24.45 1.76 -19.49
C PRO C 161 24.60 2.28 -20.91
N MET C 162 24.83 1.41 -21.90
CA MET C 162 24.94 1.82 -23.29
C MET C 162 23.78 1.26 -24.11
N ASP C 163 22.57 1.32 -23.58
CA ASP C 163 21.42 0.68 -24.20
C ASP C 163 20.56 1.70 -24.93
N GLU C 164 19.92 1.24 -26.01
CA GLU C 164 18.99 2.02 -26.79
C GLU C 164 17.70 1.24 -26.91
N HIS C 165 16.57 1.96 -26.88
CA HIS C 165 15.27 1.29 -26.87
C HIS C 165 14.33 2.02 -27.80
N SER C 166 13.35 1.28 -28.33
CA SER C 166 12.26 1.86 -29.11
C SER C 166 10.96 1.40 -28.47
N CYS C 167 10.33 2.28 -27.73
CA CYS C 167 9.12 1.87 -27.03
C CYS C 167 7.90 2.14 -27.91
N PRO C 168 7.07 1.14 -28.15
CA PRO C 168 5.94 1.31 -29.07
C PRO C 168 4.68 1.76 -28.35
N LEU C 169 3.72 2.19 -29.17
CA LEU C 169 2.37 2.51 -28.71
C LEU C 169 1.45 2.15 -29.88
N GLU C 170 0.68 1.08 -29.73
CA GLU C 170 -0.11 0.53 -30.82
C GLU C 170 -1.59 0.68 -30.49
N PHE C 171 -2.38 1.04 -31.51
CA PHE C 171 -3.82 1.13 -31.34
C PHE C 171 -4.52 0.61 -32.59
N SER C 172 -5.73 0.09 -32.39
CA SER C 172 -6.53 -0.44 -33.49
C SER C 172 -7.99 -0.41 -33.07
N SER C 173 -8.84 -1.07 -33.86
CA SER C 173 -10.26 -1.20 -33.56
C SER C 173 -10.54 -2.56 -32.94
N TYR C 174 -11.35 -2.57 -31.89
CA TYR C 174 -11.60 -3.81 -31.16
C TYR C 174 -12.52 -4.76 -31.92
N GLY C 175 -13.53 -4.21 -32.61
CA GLY C 175 -14.54 -5.05 -33.21
C GLY C 175 -14.60 -5.05 -34.72
N TYR C 176 -14.16 -3.96 -35.35
CA TYR C 176 -14.32 -3.81 -36.79
C TYR C 176 -13.05 -4.27 -37.49
N PRO C 177 -13.11 -5.27 -38.37
CA PRO C 177 -11.92 -5.69 -39.10
C PRO C 177 -11.51 -4.71 -40.19
N ARG C 178 -10.51 -5.09 -40.99
CA ARG C 178 -10.00 -4.20 -42.03
C ARG C 178 -11.04 -3.91 -43.10
N GLU C 179 -12.03 -4.79 -43.28
CA GLU C 179 -13.08 -4.57 -44.25
C GLU C 179 -14.11 -3.54 -43.81
N GLU C 180 -14.05 -3.07 -42.57
CA GLU C 180 -15.02 -2.14 -42.05
C GLU C 180 -14.44 -0.82 -41.59
N ILE C 181 -13.26 -0.84 -40.95
CA ILE C 181 -12.61 0.37 -40.47
C ILE C 181 -11.16 0.32 -40.89
N VAL C 182 -10.67 1.42 -41.47
CA VAL C 182 -9.28 1.59 -41.85
C VAL C 182 -8.77 2.89 -41.25
N TYR C 183 -7.60 2.83 -40.62
CA TYR C 183 -6.96 4.00 -40.05
C TYR C 183 -5.87 4.50 -40.99
N GLN C 184 -5.55 5.79 -40.86
CA GLN C 184 -4.54 6.41 -41.71
C GLN C 184 -4.00 7.65 -41.02
N TRP C 185 -2.69 7.83 -41.09
CA TRP C 185 -2.06 9.02 -40.52
C TRP C 185 -2.35 10.23 -41.40
N LYS C 186 -2.42 11.40 -40.75
CA LYS C 186 -2.61 12.65 -41.46
C LYS C 186 -1.26 13.23 -41.89
N ARG C 187 -1.27 14.50 -42.31
CA ARG C 187 -0.02 15.17 -42.69
C ARG C 187 0.94 15.21 -41.51
N SER C 188 0.55 15.93 -40.46
CA SER C 188 1.34 15.99 -39.23
C SER C 188 0.79 14.92 -38.30
N SER C 189 1.49 13.78 -38.22
CA SER C 189 0.98 12.64 -37.48
C SER C 189 1.15 12.83 -35.97
N VAL C 190 2.39 12.93 -35.51
CA VAL C 190 2.70 13.02 -34.09
C VAL C 190 3.45 14.33 -33.85
N GLU C 191 2.92 15.14 -32.94
CA GLU C 191 3.53 16.41 -32.57
C GLU C 191 4.02 16.36 -31.13
N VAL C 192 5.15 17.01 -30.88
CA VAL C 192 5.70 17.14 -29.53
C VAL C 192 6.01 18.60 -29.27
N GLY C 193 5.71 19.06 -28.05
CA GLY C 193 5.95 20.44 -27.68
C GLY C 193 7.29 20.65 -27.02
N ASP C 194 7.27 21.03 -25.75
CA ASP C 194 8.51 21.24 -24.99
C ASP C 194 9.08 19.87 -24.64
N THR C 195 10.06 19.40 -25.41
CA THR C 195 10.73 18.15 -25.10
C THR C 195 11.58 18.25 -23.85
N ARG C 196 11.98 19.46 -23.45
CA ARG C 196 12.79 19.63 -22.26
C ARG C 196 11.99 19.62 -20.97
N SER C 197 10.66 19.72 -21.04
CA SER C 197 9.84 19.72 -19.84
C SER C 197 9.32 18.34 -19.46
N TRP C 198 9.70 17.29 -20.20
CA TRP C 198 9.19 15.96 -19.91
C TRP C 198 9.84 15.44 -18.62
N ARG C 199 9.45 14.24 -18.20
CA ARG C 199 9.93 13.69 -16.95
C ARG C 199 10.89 12.53 -17.16
N LEU C 200 11.76 12.64 -18.15
CA LEU C 200 12.77 11.61 -18.42
C LEU C 200 14.08 12.10 -17.83
N TYR C 201 14.51 11.45 -16.75
CA TYR C 201 15.81 11.70 -16.15
C TYR C 201 16.87 10.74 -16.66
N GLN C 202 16.55 9.45 -16.72
CA GLN C 202 17.52 8.44 -17.09
C GLN C 202 17.78 8.43 -18.59
N PHE C 203 16.77 8.75 -19.39
CA PHE C 203 16.83 8.61 -20.83
C PHE C 203 16.75 9.97 -21.48
N SER C 204 17.17 10.04 -22.75
CA SER C 204 17.02 11.23 -23.57
C SER C 204 16.24 10.88 -24.82
N PHE C 205 15.34 11.77 -25.21
CA PHE C 205 14.47 11.49 -26.35
C PHE C 205 15.22 11.79 -27.64
N VAL C 206 15.18 10.83 -28.58
CA VAL C 206 15.88 10.94 -29.84
C VAL C 206 14.91 11.38 -30.93
N GLY C 207 13.89 10.57 -31.16
CA GLY C 207 12.93 10.84 -32.23
C GLY C 207 11.82 9.81 -32.19
N LEU C 208 10.92 9.94 -33.17
CA LEU C 208 9.76 9.08 -33.21
C LEU C 208 9.51 8.65 -34.66
N ARG C 209 8.81 7.52 -34.80
CA ARG C 209 8.36 7.02 -36.08
C ARG C 209 6.92 6.55 -35.95
N ASN C 210 6.20 6.53 -37.07
CA ASN C 210 4.84 6.00 -37.07
C ASN C 210 4.65 5.09 -38.28
N THR C 211 4.00 3.96 -38.04
CA THR C 211 3.84 2.95 -39.09
C THR C 211 2.39 2.50 -39.25
N THR C 212 2.18 1.49 -40.08
CA THR C 212 0.86 0.89 -40.29
C THR C 212 1.07 -0.58 -40.63
N GLU C 213 0.23 -1.45 -40.06
CA GLU C 213 0.36 -2.87 -40.32
C GLU C 213 -1.00 -3.54 -40.22
N VAL C 214 -1.09 -4.76 -40.76
CA VAL C 214 -2.30 -5.56 -40.67
C VAL C 214 -1.97 -6.79 -39.83
N VAL C 215 -2.72 -7.01 -38.75
CA VAL C 215 -2.49 -8.10 -37.82
C VAL C 215 -3.65 -9.08 -37.91
N LYS C 216 -3.34 -10.35 -38.08
CA LYS C 216 -4.35 -11.40 -38.19
C LYS C 216 -4.61 -11.98 -36.81
N THR C 217 -5.87 -11.98 -36.39
CA THR C 217 -6.28 -12.53 -35.10
C THR C 217 -7.30 -13.64 -35.33
N THR C 218 -7.85 -14.17 -34.22
CA THR C 218 -8.81 -15.25 -34.32
C THR C 218 -10.18 -14.77 -34.78
N SER C 219 -10.43 -13.46 -34.79
CA SER C 219 -11.72 -12.91 -35.19
C SER C 219 -11.65 -12.15 -36.49
N GLY C 220 -10.48 -12.01 -37.09
CA GLY C 220 -10.34 -11.36 -38.37
C GLY C 220 -8.99 -10.68 -38.47
N ASP C 221 -8.85 -9.86 -39.52
CA ASP C 221 -7.64 -9.10 -39.77
C ASP C 221 -7.93 -7.64 -39.48
N TYR C 222 -7.08 -7.01 -38.67
CA TYR C 222 -7.30 -5.66 -38.20
C TYR C 222 -6.14 -4.75 -38.58
N VAL C 223 -6.46 -3.50 -38.87
CA VAL C 223 -5.44 -2.49 -39.13
C VAL C 223 -4.94 -1.95 -37.80
N VAL C 224 -3.62 -1.98 -37.61
CA VAL C 224 -2.97 -1.55 -36.38
C VAL C 224 -2.03 -0.41 -36.71
N MET C 225 -2.15 0.69 -35.98
CA MET C 225 -1.29 1.84 -36.15
C MET C 225 -0.37 1.94 -34.94
N SER C 226 0.91 2.13 -35.20
CA SER C 226 1.91 2.12 -34.14
C SER C 226 2.76 3.38 -34.22
N VAL C 227 3.23 3.81 -33.06
CA VAL C 227 4.20 4.90 -32.95
C VAL C 227 5.33 4.40 -32.07
N TYR C 228 6.56 4.65 -32.50
CA TYR C 228 7.74 4.20 -31.77
C TYR C 228 8.52 5.42 -31.32
N PHE C 229 8.93 5.43 -30.06
CA PHE C 229 9.74 6.50 -29.50
C PHE C 229 11.10 5.94 -29.16
N ASP C 230 12.15 6.54 -29.71
CA ASP C 230 13.51 6.07 -29.52
C ASP C 230 14.13 6.79 -28.33
N LEU C 231 14.70 6.01 -27.41
CA LEU C 231 15.25 6.54 -26.18
C LEU C 231 16.66 5.98 -26.00
N SER C 232 17.59 6.87 -25.72
CA SER C 232 18.97 6.55 -25.41
C SER C 232 19.32 7.04 -24.02
N ARG C 233 20.00 6.21 -23.25
CA ARG C 233 20.32 6.54 -21.88
C ARG C 233 21.53 7.46 -21.90
N ARG C 234 21.57 8.42 -20.97
CA ARG C 234 22.74 9.27 -20.88
C ARG C 234 23.81 8.60 -20.04
N MET C 235 25.07 8.83 -20.42
CA MET C 235 26.16 8.14 -19.76
C MET C 235 27.05 9.03 -18.90
N GLY C 236 26.79 10.34 -18.85
CA GLY C 236 27.70 11.20 -18.10
C GLY C 236 27.72 10.86 -16.63
N TYR C 237 26.55 10.45 -16.11
CA TYR C 237 26.48 10.13 -14.69
C TYR C 237 27.17 8.81 -14.41
N PHE C 238 26.94 7.80 -15.25
CA PHE C 238 27.53 6.51 -14.91
C PHE C 238 29.02 6.48 -15.24
N THR C 239 29.46 7.35 -16.14
CA THR C 239 30.88 7.45 -16.42
C THR C 239 31.60 8.14 -15.26
N ILE C 240 31.06 9.26 -14.80
CA ILE C 240 31.71 10.01 -13.72
C ILE C 240 31.55 9.31 -12.37
N GLN C 241 30.59 8.41 -12.23
CA GLN C 241 30.39 7.77 -10.93
C GLN C 241 31.09 6.42 -10.81
N THR C 242 31.16 5.65 -11.89
CA THR C 242 31.72 4.30 -11.83
C THR C 242 33.01 4.16 -12.62
N TYR C 243 33.00 4.48 -13.92
CA TYR C 243 34.11 4.10 -14.79
C TYR C 243 35.39 4.84 -14.41
N ILE C 244 35.32 6.17 -14.26
CA ILE C 244 36.51 6.93 -13.90
C ILE C 244 37.04 6.57 -12.51
N PRO C 245 36.23 6.52 -11.45
CA PRO C 245 36.79 6.13 -10.14
C PRO C 245 37.42 4.74 -10.16
N CYS C 246 36.80 3.80 -10.89
CA CYS C 246 37.35 2.45 -10.94
C CYS C 246 38.66 2.45 -11.72
N THR C 247 38.74 3.26 -12.79
CA THR C 247 39.99 3.33 -13.53
C THR C 247 41.08 3.91 -12.65
N LEU C 248 40.76 4.95 -11.87
CA LEU C 248 41.81 5.54 -11.06
C LEU C 248 42.25 4.61 -9.93
N ILE C 249 41.34 3.83 -9.36
CA ILE C 249 41.76 2.88 -8.33
C ILE C 249 42.62 1.77 -8.93
N VAL C 250 42.25 1.27 -10.12
CA VAL C 250 43.08 0.24 -10.75
C VAL C 250 44.47 0.79 -11.09
N VAL C 251 44.53 2.02 -11.62
CA VAL C 251 45.84 2.59 -11.91
C VAL C 251 46.65 2.75 -10.63
N LEU C 252 46.02 3.16 -9.53
CA LEU C 252 46.80 3.30 -8.32
C LEU C 252 47.29 1.94 -7.84
N SER C 253 46.48 0.89 -8.04
CA SER C 253 46.99 -0.39 -7.63
C SER C 253 48.08 -0.89 -8.56
N TRP C 254 48.15 -0.42 -9.81
CA TRP C 254 49.35 -0.88 -10.51
C TRP C 254 50.54 -0.04 -10.09
N VAL C 255 50.28 1.15 -9.54
CA VAL C 255 51.36 1.98 -9.01
C VAL C 255 51.99 1.22 -7.88
N SER C 256 51.15 0.46 -7.17
CA SER C 256 51.52 -0.37 -6.04
C SER C 256 52.49 -1.47 -6.41
N PHE C 257 52.57 -1.86 -7.69
CA PHE C 257 53.45 -2.94 -8.10
C PHE C 257 54.94 -2.63 -8.05
N TRP C 258 55.37 -1.37 -8.04
CA TRP C 258 56.82 -1.21 -7.92
C TRP C 258 57.22 -0.89 -6.49
N ILE C 259 56.24 -0.84 -5.59
CA ILE C 259 56.48 -0.65 -4.16
C ILE C 259 56.49 -2.01 -3.45
N ASN C 260 55.85 -3.02 -4.06
CA ASN C 260 55.77 -4.37 -3.50
C ASN C 260 57.11 -5.01 -3.20
N LYS C 261 58.18 -4.63 -3.89
CA LYS C 261 59.42 -5.35 -3.63
C LYS C 261 59.92 -5.12 -2.20
N ASP C 262 59.42 -4.07 -1.54
CA ASP C 262 59.79 -3.82 -0.16
C ASP C 262 59.09 -4.79 0.79
N ALA C 263 57.94 -5.34 0.39
CA ALA C 263 57.13 -6.27 1.18
C ALA C 263 56.63 -5.62 2.48
N VAL C 264 56.68 -4.30 2.50
CA VAL C 264 56.31 -3.43 3.62
C VAL C 264 54.85 -3.41 4.07
N PRO C 265 54.63 -3.03 5.34
CA PRO C 265 53.26 -2.92 5.87
C PRO C 265 52.47 -1.90 5.09
N ALA C 266 53.16 -0.86 4.61
CA ALA C 266 52.52 0.24 3.89
C ALA C 266 51.97 -0.27 2.56
N ARG C 267 52.72 -1.12 1.87
CA ARG C 267 52.24 -1.61 0.58
C ARG C 267 51.13 -2.62 0.83
N THR C 268 51.17 -3.32 1.95
CA THR C 268 50.06 -4.23 2.25
C THR C 268 48.80 -3.44 2.57
N SER C 269 48.94 -2.36 3.34
CA SER C 269 47.82 -1.51 3.69
C SER C 269 47.28 -0.81 2.44
N LEU C 270 48.18 -0.41 1.54
CA LEU C 270 47.74 0.22 0.30
C LEU C 270 46.91 -0.76 -0.52
N GLY C 271 47.36 -2.02 -0.59
CA GLY C 271 46.63 -2.99 -1.37
C GLY C 271 45.25 -3.21 -0.79
N ILE C 272 45.17 -3.36 0.54
CA ILE C 272 43.88 -3.70 1.12
C ILE C 272 42.96 -2.48 1.10
N THR C 273 43.53 -1.27 1.15
CA THR C 273 42.68 -0.09 1.12
C THR C 273 42.15 0.13 -0.28
N THR C 274 42.94 -0.20 -1.30
CA THR C 274 42.43 -0.13 -2.67
C THR C 274 41.34 -1.17 -2.86
N VAL C 275 41.46 -2.32 -2.20
CA VAL C 275 40.39 -3.32 -2.22
C VAL C 275 39.13 -2.75 -1.59
N LEU C 276 39.29 -2.03 -0.47
CA LEU C 276 38.15 -1.40 0.18
C LEU C 276 37.50 -0.33 -0.69
N THR C 277 38.31 0.46 -1.40
CA THR C 277 37.76 1.48 -2.28
C THR C 277 37.01 0.85 -3.45
N MET C 278 37.56 -0.22 -4.00
CA MET C 278 36.87 -0.93 -5.07
C MET C 278 35.59 -1.56 -4.58
N THR C 279 35.57 -2.07 -3.34
CA THR C 279 34.33 -2.63 -2.80
C THR C 279 33.27 -1.54 -2.62
N THR C 280 33.69 -0.35 -2.17
CA THR C 280 32.75 0.76 -2.03
C THR C 280 32.18 1.15 -3.39
N LEU C 281 33.05 1.20 -4.41
CA LEU C 281 32.50 1.54 -5.71
C LEU C 281 31.60 0.42 -6.20
N SER C 282 31.90 -0.84 -5.84
CA SER C 282 31.05 -1.90 -6.35
C SER C 282 29.66 -1.74 -5.74
N THR C 283 29.64 -1.26 -4.49
CA THR C 283 28.34 -1.13 -3.85
C THR C 283 27.57 -0.05 -4.56
N ILE C 284 28.24 1.06 -4.91
CA ILE C 284 27.41 2.10 -5.50
C ILE C 284 27.18 1.74 -6.96
N ALA C 285 27.82 0.65 -7.42
CA ALA C 285 27.73 0.17 -8.78
C ALA C 285 26.43 -0.56 -8.99
N ARG C 286 26.00 -1.28 -7.94
CA ARG C 286 24.85 -2.18 -8.03
C ARG C 286 23.60 -1.56 -7.40
N LYS C 287 23.43 -0.25 -7.56
CA LYS C 287 22.21 0.42 -7.13
C LYS C 287 21.56 1.27 -8.22
N SER C 288 22.25 1.51 -9.33
CA SER C 288 21.71 2.36 -10.39
C SER C 288 20.92 1.60 -11.43
N LEU C 289 20.65 0.32 -11.21
CA LEU C 289 20.03 -0.55 -12.20
C LEU C 289 18.86 -1.27 -11.56
N PRO C 290 17.88 -1.70 -12.35
CA PRO C 290 16.87 -2.64 -11.84
C PRO C 290 17.46 -4.02 -11.64
N LYS C 291 16.69 -4.88 -10.96
CA LYS C 291 17.16 -6.20 -10.56
C LYS C 291 16.93 -7.20 -11.70
N VAL C 292 17.65 -6.98 -12.79
CA VAL C 292 17.65 -7.91 -13.91
C VAL C 292 18.52 -9.11 -13.55
N SER C 293 18.20 -10.27 -14.10
CA SER C 293 18.90 -11.49 -13.70
C SER C 293 19.94 -11.91 -14.73
N TYR C 294 20.14 -11.10 -15.76
CA TYR C 294 21.22 -11.24 -16.73
C TYR C 294 22.34 -10.27 -16.40
N VAL C 295 23.54 -10.57 -16.89
CA VAL C 295 24.71 -9.76 -16.56
C VAL C 295 24.77 -8.56 -17.49
N THR C 296 24.86 -7.36 -16.91
CA THR C 296 25.03 -6.16 -17.71
C THR C 296 26.51 -5.84 -17.92
N ALA C 297 26.75 -4.85 -18.80
CA ALA C 297 28.10 -4.37 -19.05
C ALA C 297 28.73 -3.74 -17.81
N MET C 298 27.90 -3.16 -16.94
CA MET C 298 28.45 -2.55 -15.73
C MET C 298 28.85 -3.61 -14.72
N ASP C 299 28.08 -4.69 -14.62
CA ASP C 299 28.44 -5.74 -13.69
C ASP C 299 29.72 -6.42 -14.15
N LEU C 300 29.88 -6.54 -15.47
CA LEU C 300 31.10 -7.13 -16.01
C LEU C 300 32.31 -6.23 -15.75
N PHE C 301 32.13 -4.92 -15.90
CA PHE C 301 33.27 -4.02 -15.70
C PHE C 301 33.68 -4.01 -14.23
N VAL C 302 32.70 -3.92 -13.34
CA VAL C 302 33.00 -3.87 -11.91
C VAL C 302 33.61 -5.20 -11.46
N SER C 303 33.13 -6.31 -12.02
CA SER C 303 33.63 -7.61 -11.60
C SER C 303 35.04 -7.82 -12.10
N VAL C 304 35.36 -7.34 -13.31
CA VAL C 304 36.72 -7.47 -13.81
C VAL C 304 37.67 -6.60 -12.99
N CYS C 305 37.23 -5.40 -12.59
CA CYS C 305 38.07 -4.59 -11.71
C CYS C 305 38.30 -5.29 -10.38
N PHE C 306 37.27 -5.96 -9.87
CA PHE C 306 37.41 -6.70 -8.62
C PHE C 306 38.39 -7.86 -8.81
N ILE C 307 38.37 -8.49 -9.98
CA ILE C 307 39.31 -9.58 -10.25
C ILE C 307 40.73 -9.04 -10.33
N PHE C 308 40.91 -7.85 -10.91
CA PHE C 308 42.25 -7.30 -11.02
C PHE C 308 42.84 -6.97 -9.65
N VAL C 309 42.05 -6.34 -8.77
CA VAL C 309 42.61 -6.05 -7.45
C VAL C 309 42.77 -7.32 -6.62
N PHE C 310 41.87 -8.30 -6.80
CA PHE C 310 42.02 -9.58 -6.13
C PHE C 310 43.30 -10.27 -6.57
N SER C 311 43.61 -10.21 -7.86
CA SER C 311 44.79 -10.90 -8.34
C SER C 311 46.03 -10.15 -7.91
N ALA C 312 45.93 -8.83 -7.73
CA ALA C 312 47.09 -8.07 -7.27
C ALA C 312 47.41 -8.47 -5.84
N LEU C 313 46.38 -8.76 -5.05
CA LEU C 313 46.62 -9.19 -3.68
C LEU C 313 47.14 -10.63 -3.64
N VAL C 314 46.63 -11.49 -4.54
CA VAL C 314 47.21 -12.83 -4.58
C VAL C 314 48.66 -12.74 -5.06
N GLU C 315 48.97 -11.74 -5.89
CA GLU C 315 50.33 -11.53 -6.36
C GLU C 315 51.22 -11.20 -5.17
N TYR C 316 50.71 -10.37 -4.26
CA TYR C 316 51.51 -10.02 -3.09
C TYR C 316 51.67 -11.20 -2.15
N GLY C 317 50.62 -12.00 -1.98
CA GLY C 317 50.76 -13.19 -1.14
C GLY C 317 51.80 -14.17 -1.65
N THR C 318 51.87 -14.32 -2.97
CA THR C 318 52.91 -15.14 -3.59
C THR C 318 54.27 -14.51 -3.46
N LEU C 319 54.36 -13.19 -3.65
CA LEU C 319 55.65 -12.51 -3.54
C LEU C 319 56.16 -12.61 -2.10
N HIS C 320 55.29 -12.40 -1.13
CA HIS C 320 55.71 -12.45 0.28
C HIS C 320 56.21 -13.85 0.62
N TYR C 321 55.53 -14.91 0.11
CA TYR C 321 56.00 -16.24 0.45
C TYR C 321 57.35 -16.50 -0.24
N PHE C 322 57.49 -15.98 -1.45
CA PHE C 322 58.58 -16.07 -2.42
C PHE C 322 59.79 -15.23 -2.06
N VAL C 323 59.68 -14.32 -1.09
CA VAL C 323 60.78 -13.41 -0.72
C VAL C 323 62.07 -14.15 -0.41
N SER C 324 62.02 -15.28 0.30
CA SER C 324 63.31 -15.94 0.48
C SER C 324 63.74 -16.60 -0.82
N SER C 325 62.79 -17.19 -1.55
CA SER C 325 63.05 -17.92 -2.78
C SER C 325 63.07 -16.98 -3.98
N GLN C 326 62.89 -15.68 -3.75
CA GLN C 326 62.78 -14.65 -4.79
C GLN C 326 63.86 -14.61 -5.86
N PRO C 327 65.16 -14.61 -5.56
CA PRO C 327 66.12 -14.41 -6.66
C PRO C 327 66.06 -15.45 -7.75
N ALA C 328 65.78 -16.71 -7.43
CA ALA C 328 65.69 -17.74 -8.46
C ALA C 328 64.49 -17.55 -9.38
N ARG C 329 63.32 -17.20 -8.84
CA ARG C 329 62.15 -17.04 -9.70
C ARG C 329 61.23 -15.83 -9.47
N ALA C 330 61.03 -15.44 -8.21
CA ALA C 330 60.11 -14.34 -7.92
C ALA C 330 60.58 -12.99 -8.46
N ALA C 331 61.89 -12.76 -8.61
CA ALA C 331 62.27 -11.45 -9.15
C ALA C 331 61.77 -11.32 -10.57
N LYS C 332 61.90 -12.38 -11.38
CA LYS C 332 61.41 -12.20 -12.73
C LYS C 332 59.90 -12.30 -12.71
N MET C 333 59.34 -12.91 -11.65
CA MET C 333 57.90 -13.10 -11.63
C MET C 333 57.25 -11.74 -11.46
N ASP C 334 57.87 -10.92 -10.59
CA ASP C 334 57.34 -9.60 -10.31
C ASP C 334 57.58 -8.68 -11.50
N SER C 335 58.71 -8.86 -12.20
CA SER C 335 58.93 -8.01 -13.37
C SER C 335 57.91 -8.32 -14.45
N TYR C 336 57.60 -9.61 -14.62
CA TYR C 336 56.60 -9.99 -15.60
C TYR C 336 55.23 -9.48 -15.19
N ALA C 337 54.90 -9.55 -13.89
CA ALA C 337 53.58 -9.04 -13.53
C ALA C 337 53.50 -7.54 -13.74
N ARG C 338 54.63 -6.84 -13.53
CA ARG C 338 54.76 -5.40 -13.75
C ARG C 338 54.57 -5.04 -15.20
N ILE C 339 54.72 -6.00 -16.09
CA ILE C 339 54.60 -5.73 -17.52
C ILE C 339 53.26 -6.25 -18.04
N PHE C 340 52.90 -7.47 -17.66
CA PHE C 340 51.71 -8.15 -18.14
C PHE C 340 50.42 -7.48 -17.68
N PHE C 341 50.36 -7.05 -16.41
CA PHE C 341 49.11 -6.50 -15.90
C PHE C 341 48.65 -5.23 -16.61
N PRO C 342 49.47 -4.19 -16.82
CA PRO C 342 48.96 -3.06 -17.61
C PRO C 342 48.59 -3.44 -19.03
N THR C 343 49.30 -4.42 -19.60
CA THR C 343 48.98 -4.82 -20.97
C THR C 343 47.64 -5.54 -21.00
N ALA C 344 47.42 -6.45 -20.05
CA ALA C 344 46.19 -7.21 -20.02
C ALA C 344 45.01 -6.30 -19.72
N PHE C 345 45.22 -5.24 -18.94
CA PHE C 345 44.12 -4.33 -18.64
C PHE C 345 43.82 -3.43 -19.83
N CYS C 346 44.84 -3.03 -20.58
CA CYS C 346 44.58 -2.28 -21.81
C CYS C 346 43.87 -3.15 -22.84
N LEU C 347 44.26 -4.42 -22.96
CA LEU C 347 43.57 -5.32 -23.87
C LEU C 347 42.12 -5.54 -23.46
N PHE C 348 41.87 -5.70 -22.15
CA PHE C 348 40.49 -5.85 -21.70
C PHE C 348 39.67 -4.60 -22.01
N ASN C 349 40.23 -3.42 -21.77
CA ASN C 349 39.47 -2.21 -22.06
C ASN C 349 39.21 -2.08 -23.56
N LEU C 350 40.18 -2.48 -24.38
CA LEU C 350 40.01 -2.44 -25.83
C LEU C 350 38.89 -3.36 -26.30
N VAL C 351 38.85 -4.58 -25.75
CA VAL C 351 37.78 -5.51 -26.16
C VAL C 351 36.44 -5.01 -25.63
N TYR C 352 36.42 -4.50 -24.41
CA TYR C 352 35.15 -4.08 -23.80
C TYR C 352 34.54 -2.95 -24.63
N TRP C 353 35.33 -1.91 -24.91
CA TRP C 353 34.76 -0.76 -25.58
C TRP C 353 34.51 -1.05 -27.06
N VAL C 354 35.30 -1.94 -27.67
CA VAL C 354 35.02 -2.30 -29.05
C VAL C 354 33.71 -3.07 -29.14
N SER C 355 33.51 -4.02 -28.23
CA SER C 355 32.30 -4.84 -28.27
C SER C 355 31.07 -3.99 -28.00
N TYR C 356 31.15 -3.08 -27.02
CA TYR C 356 29.96 -2.36 -26.60
C TYR C 356 29.71 -1.08 -27.41
N LEU C 357 30.64 -0.65 -28.26
CA LEU C 357 30.40 0.53 -29.08
C LEU C 357 30.34 0.25 -30.56
N TYR C 358 30.95 -0.83 -31.05
CA TYR C 358 30.98 -1.14 -32.47
C TYR C 358 30.45 -2.52 -32.80
N LEU C 359 30.21 -3.36 -31.79
CA LEU C 359 29.72 -4.73 -32.02
C LEU C 359 28.45 -5.07 -31.26
N GLY C 360 28.11 -4.34 -30.19
CA GLY C 360 26.93 -4.63 -29.41
C GLY C 360 26.71 -3.66 -28.27
N ASP D 63 -47.80 27.06 -1.14
CA ASP D 63 -48.16 28.35 -1.73
C ASP D 63 -47.00 28.90 -2.55
N ASN D 64 -45.89 29.20 -1.87
CA ASN D 64 -44.74 29.77 -2.55
C ASN D 64 -43.98 28.72 -3.35
N THR D 65 -43.93 27.48 -2.85
CA THR D 65 -43.14 26.45 -3.51
C THR D 65 -43.71 26.15 -4.89
N THR D 66 -45.04 26.21 -5.04
CA THR D 66 -45.64 25.94 -6.34
C THR D 66 -45.20 26.98 -7.36
N VAL D 67 -45.15 28.26 -6.95
CA VAL D 67 -44.70 29.32 -7.84
C VAL D 67 -43.21 29.15 -8.18
N PHE D 68 -42.43 28.71 -7.20
CA PHE D 68 -41.00 28.53 -7.47
C PHE D 68 -40.78 27.36 -8.41
N THR D 69 -41.61 26.32 -8.29
CA THR D 69 -41.38 25.19 -9.16
C THR D 69 -41.89 25.53 -10.55
N ARG D 70 -42.97 26.32 -10.64
CA ARG D 70 -43.46 26.68 -11.96
C ARG D 70 -42.41 27.52 -12.67
N ILE D 71 -41.67 28.33 -11.91
CA ILE D 71 -40.58 29.08 -12.52
C ILE D 71 -39.52 28.11 -13.00
N LEU D 72 -39.20 27.12 -12.17
CA LEU D 72 -38.14 26.16 -12.49
C LEU D 72 -38.55 25.28 -13.67
N ASP D 73 -39.85 25.00 -13.79
CA ASP D 73 -40.36 24.19 -14.89
C ASP D 73 -40.56 25.00 -16.16
N ARG D 74 -40.27 26.29 -16.13
CA ARG D 74 -40.48 27.15 -17.29
C ARG D 74 -39.18 27.56 -17.93
N LEU D 75 -38.09 27.59 -17.15
CA LEU D 75 -36.82 28.09 -17.66
C LEU D 75 -36.32 27.19 -18.79
N LEU D 76 -36.43 25.86 -18.60
CA LEU D 76 -35.87 24.89 -19.52
C LEU D 76 -36.84 24.50 -20.62
N ASP D 77 -37.82 25.36 -20.92
CA ASP D 77 -38.71 25.12 -22.06
C ASP D 77 -37.98 25.55 -23.32
N GLY D 78 -37.70 24.60 -24.20
CA GLY D 78 -36.95 24.96 -25.39
C GLY D 78 -35.55 25.41 -25.05
N TYR D 79 -34.87 24.70 -24.15
CA TYR D 79 -33.52 25.03 -23.72
C TYR D 79 -32.56 23.96 -24.22
N ASP D 80 -31.43 24.41 -24.77
CA ASP D 80 -30.39 23.52 -25.28
C ASP D 80 -29.10 23.77 -24.52
N ASN D 81 -28.68 22.79 -23.73
CA ASN D 81 -27.45 22.94 -22.95
C ASN D 81 -26.23 22.61 -23.78
N ARG D 82 -26.43 22.12 -25.01
CA ARG D 82 -25.36 21.89 -25.98
C ARG D 82 -24.85 23.18 -26.61
N LEU D 83 -25.54 24.31 -26.40
CA LEU D 83 -25.15 25.58 -26.97
C LEU D 83 -24.77 26.55 -25.86
N ARG D 84 -23.68 27.28 -26.07
CA ARG D 84 -23.22 28.24 -25.09
C ARG D 84 -24.08 29.50 -25.12
N PRO D 85 -24.10 30.25 -24.01
CA PRO D 85 -24.82 31.53 -24.01
C PRO D 85 -24.24 32.49 -25.02
N GLY D 86 -25.12 33.25 -25.68
CA GLY D 86 -24.67 34.18 -26.70
C GLY D 86 -24.04 33.53 -27.90
N LEU D 87 -24.54 32.36 -28.29
CA LEU D 87 -24.00 31.62 -29.43
C LEU D 87 -24.29 32.40 -30.72
N GLY D 88 -23.24 32.91 -31.35
CA GLY D 88 -23.40 33.65 -32.59
C GLY D 88 -23.74 35.11 -32.43
N GLU D 89 -23.67 35.66 -31.22
CA GLU D 89 -23.99 37.07 -31.03
C GLU D 89 -22.87 37.79 -30.26
N ARG D 90 -22.17 37.07 -29.39
CA ARG D 90 -21.15 37.67 -28.55
C ARG D 90 -20.18 36.57 -28.11
N VAL D 91 -19.19 36.97 -27.32
CA VAL D 91 -18.19 36.06 -26.78
C VAL D 91 -18.49 35.88 -25.30
N THR D 92 -18.68 34.62 -24.89
CA THR D 92 -18.98 34.33 -23.50
C THR D 92 -17.80 34.66 -22.62
N GLU D 93 -18.06 35.38 -21.52
CA GLU D 93 -17.04 35.77 -20.56
C GLU D 93 -17.26 35.02 -19.26
N VAL D 94 -16.20 34.44 -18.72
CA VAL D 94 -16.25 33.69 -17.46
C VAL D 94 -15.34 34.38 -16.46
N LYS D 95 -15.87 34.66 -15.27
CA LYS D 95 -15.10 35.19 -14.16
C LYS D 95 -14.73 34.04 -13.24
N THR D 96 -13.45 33.97 -12.87
CA THR D 96 -12.97 32.81 -12.13
C THR D 96 -12.22 33.28 -10.90
N ASP D 97 -12.40 32.55 -9.80
CA ASP D 97 -11.61 32.75 -8.59
C ASP D 97 -11.42 31.44 -7.84
N ILE D 98 -10.34 31.36 -7.07
CA ILE D 98 -9.96 30.15 -6.38
C ILE D 98 -9.70 30.47 -4.91
N PHE D 99 -10.19 29.60 -4.03
CA PHE D 99 -9.88 29.65 -2.60
C PHE D 99 -9.20 28.35 -2.20
N VAL D 100 -7.93 28.44 -1.81
CA VAL D 100 -7.14 27.27 -1.46
C VAL D 100 -7.42 26.95 0.00
N THR D 101 -8.10 25.82 0.25
CA THR D 101 -8.38 25.44 1.62
C THR D 101 -7.13 24.88 2.29
N SER D 102 -6.31 24.14 1.53
CA SER D 102 -5.10 23.54 2.07
C SER D 102 -4.16 23.24 0.91
N PHE D 103 -2.96 23.80 0.96
CA PHE D 103 -1.93 23.51 -0.03
C PHE D 103 -1.24 22.21 0.39
N GLY D 104 -1.64 21.10 -0.24
CA GLY D 104 -1.27 19.79 0.22
C GLY D 104 0.19 19.45 0.03
N PRO D 105 0.52 18.16 0.14
CA PRO D 105 1.92 17.74 0.09
C PRO D 105 2.53 17.91 -1.29
N VAL D 106 3.86 18.02 -1.31
CA VAL D 106 4.64 18.10 -2.53
C VAL D 106 5.52 16.86 -2.59
N SER D 107 5.42 16.11 -3.68
CA SER D 107 6.14 14.86 -3.87
C SER D 107 7.35 15.09 -4.77
N ASP D 108 8.54 15.04 -4.17
CA ASP D 108 9.78 15.22 -4.93
C ASP D 108 10.04 14.05 -5.88
N HIS D 109 9.64 12.84 -5.49
CA HIS D 109 9.88 11.68 -6.34
C HIS D 109 9.05 11.72 -7.63
N ASP D 110 7.83 12.26 -7.56
CA ASP D 110 6.95 12.27 -8.72
C ASP D 110 6.89 13.63 -9.41
N MET D 111 7.57 14.64 -8.88
CA MET D 111 7.58 15.99 -9.45
C MET D 111 6.16 16.51 -9.65
N GLU D 112 5.37 16.47 -8.57
CA GLU D 112 3.99 16.89 -8.61
C GLU D 112 3.56 17.27 -7.20
N TYR D 113 2.42 17.95 -7.11
CA TYR D 113 1.92 18.41 -5.82
C TYR D 113 0.40 18.33 -5.83
N THR D 114 -0.16 18.43 -4.62
CA THR D 114 -1.60 18.36 -4.38
C THR D 114 -2.09 19.67 -3.79
N ILE D 115 -3.33 20.00 -4.10
CA ILE D 115 -3.95 21.22 -3.59
C ILE D 115 -5.46 20.98 -3.50
N ASP D 116 -6.08 21.46 -2.43
CA ASP D 116 -7.52 21.36 -2.25
C ASP D 116 -8.10 22.76 -2.37
N VAL D 117 -9.04 22.95 -3.30
CA VAL D 117 -9.52 24.27 -3.62
C VAL D 117 -11.04 24.32 -3.77
N PHE D 118 -11.56 25.53 -3.61
CA PHE D 118 -12.90 25.91 -4.03
C PHE D 118 -12.75 26.71 -5.32
N PHE D 119 -13.44 26.25 -6.36
CA PHE D 119 -13.35 26.80 -7.71
C PHE D 119 -14.67 27.50 -7.98
N ARG D 120 -14.64 28.81 -8.20
CA ARG D 120 -15.84 29.59 -8.40
C ARG D 120 -15.81 30.23 -9.78
N GLN D 121 -16.88 30.03 -10.54
CA GLN D 121 -17.04 30.55 -11.89
C GLN D 121 -18.35 31.33 -11.97
N SER D 122 -18.30 32.47 -12.63
CA SER D 122 -19.46 33.34 -12.77
C SER D 122 -19.64 33.68 -14.24
N TRP D 123 -20.88 33.65 -14.71
CA TRP D 123 -21.13 34.03 -16.10
C TRP D 123 -22.59 34.44 -16.24
N LYS D 124 -22.91 34.99 -17.41
CA LYS D 124 -24.23 35.54 -17.67
C LYS D 124 -24.90 34.71 -18.75
N ASP D 125 -26.11 34.24 -18.47
CA ASP D 125 -26.92 33.49 -19.42
C ASP D 125 -28.29 34.15 -19.48
N GLU D 126 -28.57 34.83 -20.61
CA GLU D 126 -29.84 35.54 -20.74
C GLU D 126 -31.02 34.60 -20.93
N ARG D 127 -30.77 33.32 -21.21
CA ARG D 127 -31.84 32.34 -21.35
C ARG D 127 -32.46 31.93 -20.03
N LEU D 128 -31.89 32.35 -18.89
CA LEU D 128 -32.38 31.94 -17.58
C LEU D 128 -32.88 33.11 -16.73
N LYS D 129 -33.35 34.18 -17.37
CA LYS D 129 -33.95 35.27 -16.61
C LYS D 129 -35.29 34.80 -16.03
N PHE D 130 -35.60 35.29 -14.83
CA PHE D 130 -36.86 34.92 -14.19
C PHE D 130 -37.37 36.10 -13.36
N LYS D 131 -38.67 36.05 -13.05
CA LYS D 131 -39.31 37.06 -12.23
C LYS D 131 -40.01 36.37 -11.07
N GLY D 132 -39.78 36.89 -9.86
CA GLY D 132 -40.37 36.33 -8.66
C GLY D 132 -39.87 37.03 -7.42
N PRO D 133 -40.50 36.75 -6.27
CA PRO D 133 -40.05 37.39 -5.02
C PRO D 133 -38.62 37.05 -4.64
N MET D 134 -38.15 35.83 -4.91
CA MET D 134 -36.80 35.43 -4.55
C MET D 134 -35.83 35.88 -5.62
N THR D 135 -35.04 36.92 -5.34
CA THR D 135 -34.15 37.45 -6.36
C THR D 135 -32.96 36.53 -6.60
N VAL D 136 -32.68 35.61 -5.69
CA VAL D 136 -31.58 34.67 -5.79
C VAL D 136 -32.11 33.26 -5.51
N LEU D 137 -31.75 32.30 -6.36
CA LEU D 137 -32.13 30.91 -6.17
C LEU D 137 -30.87 30.05 -6.11
N ARG D 138 -30.73 29.30 -5.02
CA ARG D 138 -29.59 28.41 -4.84
C ARG D 138 -30.05 26.97 -5.03
N LEU D 139 -29.39 26.24 -5.92
CA LEU D 139 -29.75 24.86 -6.20
C LEU D 139 -28.52 23.97 -6.05
N ASN D 140 -28.76 22.74 -5.60
CA ASN D 140 -27.71 21.74 -5.48
C ASN D 140 -27.11 21.10 -6.73
N ASN D 141 -27.82 20.15 -7.37
CA ASN D 141 -27.22 19.46 -8.50
C ASN D 141 -28.10 19.00 -9.66
N LEU D 142 -29.39 18.75 -9.41
CA LEU D 142 -30.26 18.35 -10.51
C LEU D 142 -30.48 19.46 -11.53
N MET D 143 -30.71 20.70 -11.08
CA MET D 143 -30.85 21.69 -12.14
C MET D 143 -29.50 22.07 -12.70
N ALA D 144 -28.44 22.06 -11.88
CA ALA D 144 -27.15 22.44 -12.41
C ALA D 144 -26.64 21.44 -13.44
N SER D 145 -27.14 20.21 -13.45
CA SER D 145 -26.70 19.30 -14.49
C SER D 145 -27.53 19.43 -15.77
N LYS D 146 -28.56 20.28 -15.76
CA LYS D 146 -29.42 20.49 -16.93
C LYS D 146 -29.14 21.81 -17.64
N ILE D 147 -28.05 22.49 -17.29
CA ILE D 147 -27.68 23.73 -17.94
C ILE D 147 -26.28 23.65 -18.53
N TRP D 148 -25.86 24.73 -19.17
CA TRP D 148 -24.55 24.81 -19.82
C TRP D 148 -23.55 25.34 -18.82
N THR D 149 -22.43 24.64 -18.69
CA THR D 149 -21.34 25.10 -17.83
C THR D 149 -20.03 25.04 -18.59
N PRO D 150 -19.08 25.91 -18.26
CA PRO D 150 -17.78 25.88 -18.95
C PRO D 150 -17.07 24.56 -18.74
N ASP D 151 -16.40 24.09 -19.79
CA ASP D 151 -15.68 22.82 -19.74
C ASP D 151 -14.21 23.07 -19.38
N THR D 152 -14.02 23.69 -18.23
CA THR D 152 -12.69 24.01 -17.75
C THR D 152 -11.91 22.75 -17.40
N PHE D 153 -10.62 22.76 -17.73
CA PHE D 153 -9.72 21.67 -17.41
C PHE D 153 -8.34 22.25 -17.15
N PHE D 154 -7.55 21.51 -16.39
CA PHE D 154 -6.20 21.92 -16.03
C PHE D 154 -5.20 21.31 -17.00
N HIS D 155 -4.37 22.16 -17.62
CA HIS D 155 -3.48 21.70 -18.67
C HIS D 155 -2.41 20.77 -18.11
N ASN D 156 -1.78 21.16 -17.01
CA ASN D 156 -0.76 20.36 -16.35
C ASN D 156 -1.31 19.47 -15.25
N GLY D 157 -2.63 19.37 -15.14
CA GLY D 157 -3.24 18.59 -14.07
C GLY D 157 -3.19 17.10 -14.37
N LYS D 158 -2.79 16.32 -13.37
CA LYS D 158 -2.83 14.87 -13.46
C LYS D 158 -4.18 14.39 -12.92
N LYS D 159 -4.29 13.10 -12.63
CA LYS D 159 -5.51 12.53 -12.07
C LYS D 159 -5.99 13.36 -10.88
N SER D 160 -7.18 13.95 -11.03
CA SER D 160 -7.79 14.77 -10.00
C SER D 160 -9.10 14.15 -9.52
N VAL D 161 -9.58 14.62 -8.38
CA VAL D 161 -10.71 14.05 -7.69
C VAL D 161 -11.74 15.14 -7.47
N ALA D 162 -13.01 14.85 -7.78
CA ALA D 162 -14.13 15.69 -7.37
C ALA D 162 -14.89 15.01 -6.25
N HIS D 163 -14.97 15.67 -5.11
CA HIS D 163 -15.46 15.03 -3.89
C HIS D 163 -16.97 14.82 -3.97
N ASN D 164 -17.42 13.68 -3.44
CA ASN D 164 -18.82 13.25 -3.57
C ASN D 164 -19.39 12.82 -2.24
N MET D 165 -18.89 13.37 -1.13
CA MET D 165 -19.33 13.00 0.20
C MET D 165 -19.76 14.22 0.98
N THR D 166 -20.97 14.19 1.53
CA THR D 166 -21.88 13.06 1.35
C THR D 166 -22.74 13.27 0.11
N MET D 167 -22.54 14.41 -0.53
CA MET D 167 -23.25 14.82 -1.73
C MET D 167 -22.25 15.45 -2.68
N PRO D 168 -22.59 15.57 -3.96
CA PRO D 168 -21.70 16.30 -4.89
C PRO D 168 -21.47 17.72 -4.41
N ASN D 169 -20.19 18.07 -4.27
CA ASN D 169 -19.79 19.37 -3.74
C ASN D 169 -19.85 20.39 -4.87
N LYS D 170 -21.07 20.63 -5.32
CA LYS D 170 -21.37 21.56 -6.40
C LYS D 170 -22.55 22.43 -5.98
N LEU D 171 -22.46 23.71 -6.31
CA LEU D 171 -23.50 24.69 -6.01
C LEU D 171 -23.76 25.61 -7.18
N LEU D 172 -25.02 25.80 -7.54
CA LEU D 172 -25.39 26.69 -8.64
C LEU D 172 -26.38 27.71 -8.13
N ARG D 173 -26.03 28.99 -8.24
CA ARG D 173 -26.89 30.08 -7.84
C ARG D 173 -27.28 30.87 -9.08
N ILE D 174 -28.51 31.36 -9.10
CA ILE D 174 -29.03 32.15 -10.20
C ILE D 174 -29.61 33.44 -9.65
N THR D 175 -29.31 34.55 -10.32
CA THR D 175 -29.91 35.84 -10.00
C THR D 175 -31.02 36.17 -10.98
N GLU D 176 -31.76 37.23 -10.68
CA GLU D 176 -32.95 37.57 -11.47
C GLU D 176 -32.57 37.96 -12.90
N ASP D 177 -31.45 38.64 -13.07
CA ASP D 177 -31.01 39.05 -14.40
C ASP D 177 -30.48 37.90 -15.24
N GLY D 178 -30.27 36.72 -14.64
CA GLY D 178 -29.75 35.59 -15.36
C GLY D 178 -28.30 35.28 -15.12
N THR D 179 -27.64 35.97 -14.19
CA THR D 179 -26.27 35.68 -13.84
C THR D 179 -26.20 34.40 -13.00
N LEU D 180 -25.29 33.51 -13.38
CA LEU D 180 -25.11 32.22 -12.73
C LEU D 180 -23.76 32.20 -12.04
N LEU D 181 -23.74 31.56 -10.86
CA LEU D 181 -22.54 31.30 -10.10
C LEU D 181 -22.43 29.81 -9.83
N TYR D 182 -21.28 29.23 -10.16
CA TYR D 182 -21.04 27.80 -10.09
C TYR D 182 -19.81 27.58 -9.22
N THR D 183 -19.97 26.80 -8.15
CA THR D 183 -18.87 26.56 -7.23
C THR D 183 -18.70 25.06 -7.05
N MET D 184 -17.44 24.64 -6.92
CA MET D 184 -17.16 23.23 -6.70
C MET D 184 -15.90 23.08 -5.86
N ARG D 185 -15.78 21.93 -5.19
CA ARG D 185 -14.61 21.61 -4.38
C ARG D 185 -13.82 20.52 -5.05
N LEU D 186 -12.53 20.75 -5.24
CA LEU D 186 -11.69 19.87 -6.03
C LEU D 186 -10.39 19.60 -5.29
N THR D 187 -9.78 18.46 -5.63
CA THR D 187 -8.44 18.12 -5.18
C THR D 187 -7.59 17.94 -6.43
N VAL D 188 -6.84 18.98 -6.75
CA VAL D 188 -6.05 19.04 -7.98
C VAL D 188 -4.64 18.52 -7.69
N ARG D 189 -4.17 17.61 -8.52
CA ARG D 189 -2.80 17.12 -8.45
C ARG D 189 -2.13 17.49 -9.76
N ALA D 190 -1.12 18.35 -9.66
CA ALA D 190 -0.53 18.95 -10.85
C ALA D 190 0.98 18.76 -10.85
N GLU D 191 1.54 18.82 -12.05
CA GLU D 191 2.97 18.65 -12.24
C GLU D 191 3.72 19.93 -11.89
N CYS D 192 4.86 19.77 -11.23
CA CYS D 192 5.75 20.88 -10.90
C CYS D 192 7.17 20.49 -11.30
N PRO D 193 7.59 20.82 -12.52
CA PRO D 193 8.96 20.53 -12.93
C PRO D 193 9.95 21.22 -12.00
N MET D 194 11.01 20.51 -11.66
CA MET D 194 11.98 20.98 -10.69
C MET D 194 13.40 20.87 -11.24
N HIS D 195 14.24 21.83 -10.90
CA HIS D 195 15.66 21.81 -11.20
C HIS D 195 16.37 21.62 -9.87
N LEU D 196 16.81 20.38 -9.60
CA LEU D 196 17.35 20.01 -8.30
C LEU D 196 18.86 20.13 -8.23
N GLU D 197 19.46 21.01 -9.03
CA GLU D 197 20.91 21.17 -8.98
C GLU D 197 21.35 21.78 -7.65
N ASP D 198 20.52 22.61 -7.04
CA ASP D 198 20.83 23.26 -5.77
C ASP D 198 20.25 22.51 -4.57
N PHE D 199 19.78 21.29 -4.77
CA PHE D 199 19.21 20.50 -3.69
C PHE D 199 20.22 20.31 -2.55
N PRO D 200 19.80 20.46 -1.29
CA PRO D 200 18.45 20.76 -0.81
C PRO D 200 18.24 22.24 -0.55
N MET D 201 18.95 23.11 -1.25
CA MET D 201 18.87 24.56 -1.09
C MET D 201 18.27 25.21 -2.32
N ASP D 202 17.22 24.59 -2.86
CA ASP D 202 16.60 24.97 -4.11
C ASP D 202 15.30 25.72 -3.86
N ALA D 203 14.88 26.47 -4.88
CA ALA D 203 13.61 27.17 -4.87
C ALA D 203 12.88 26.88 -6.17
N HIS D 204 11.56 26.75 -6.08
CA HIS D 204 10.73 26.33 -7.21
C HIS D 204 9.50 27.21 -7.33
N ALA D 205 8.93 27.22 -8.52
CA ALA D 205 7.70 27.96 -8.81
C ALA D 205 6.78 26.98 -9.54
N CYS D 206 5.83 26.43 -8.81
CA CYS D 206 4.93 25.40 -9.33
C CYS D 206 3.73 26.04 -10.03
N PRO D 207 3.47 25.69 -11.28
CA PRO D 207 2.36 26.32 -12.01
C PRO D 207 1.05 25.55 -11.86
N LEU D 208 -0.03 26.27 -12.12
CA LEU D 208 -1.39 25.74 -12.19
C LEU D 208 -2.06 26.46 -13.36
N LYS D 209 -2.24 25.75 -14.47
CA LYS D 209 -2.76 26.37 -15.69
C LYS D 209 -4.07 25.70 -16.06
N PHE D 210 -5.09 26.49 -16.37
CA PHE D 210 -6.37 25.93 -16.75
C PHE D 210 -7.02 26.76 -17.85
N GLY D 211 -7.96 26.13 -18.55
CA GLY D 211 -8.66 26.81 -19.61
C GLY D 211 -9.80 25.96 -20.14
N SER D 212 -10.33 26.37 -21.29
CA SER D 212 -11.43 25.65 -21.92
C SER D 212 -10.89 24.62 -22.90
N TYR D 213 -11.41 23.39 -22.81
CA TYR D 213 -10.91 22.33 -23.66
C TYR D 213 -11.41 22.44 -25.10
N ALA D 214 -12.69 22.80 -25.27
CA ALA D 214 -13.34 22.71 -26.58
C ALA D 214 -13.66 24.05 -27.21
N TYR D 215 -13.61 25.15 -26.46
CA TYR D 215 -14.01 26.45 -26.97
C TYR D 215 -12.76 27.31 -27.17
N THR D 216 -12.61 27.85 -28.37
CA THR D 216 -11.51 28.74 -28.68
C THR D 216 -11.76 30.14 -28.09
N ARG D 217 -10.74 30.99 -28.18
CA ARG D 217 -10.82 32.31 -27.57
C ARG D 217 -11.85 33.21 -28.23
N ALA D 218 -12.36 32.84 -29.40
CA ALA D 218 -13.43 33.58 -30.04
C ALA D 218 -14.80 33.22 -29.47
N GLU D 219 -14.89 32.18 -28.67
CA GLU D 219 -16.16 31.75 -28.08
C GLU D 219 -16.23 31.99 -26.57
N VAL D 220 -15.22 31.54 -25.82
CA VAL D 220 -15.20 31.67 -24.38
C VAL D 220 -13.89 32.32 -23.97
N VAL D 221 -13.97 33.32 -23.09
CA VAL D 221 -12.81 34.00 -22.53
C VAL D 221 -12.94 33.98 -21.02
N TYR D 222 -11.81 33.83 -20.33
CA TYR D 222 -11.79 33.77 -18.88
C TYR D 222 -11.21 35.06 -18.32
N GLU D 223 -11.74 35.48 -17.18
CA GLU D 223 -11.23 36.63 -16.46
C GLU D 223 -11.29 36.36 -14.97
N TRP D 224 -10.45 37.05 -14.21
CA TRP D 224 -10.50 36.98 -12.76
C TRP D 224 -11.61 37.88 -12.22
N THR D 225 -12.25 37.43 -11.14
CA THR D 225 -13.38 38.17 -10.57
C THR D 225 -12.93 39.53 -10.05
N ARG D 226 -11.76 39.60 -9.44
CA ARG D 226 -11.24 40.84 -8.86
C ARG D 226 -9.86 41.11 -9.44
N GLU D 227 -9.12 42.03 -8.85
CA GLU D 227 -7.72 42.18 -9.22
C GLU D 227 -7.02 40.83 -9.11
N PRO D 228 -6.13 40.49 -10.05
CA PRO D 228 -5.59 39.12 -10.06
C PRO D 228 -4.95 38.69 -8.76
N ALA D 229 -4.26 39.59 -8.07
CA ALA D 229 -3.67 39.24 -6.79
C ALA D 229 -4.75 38.84 -5.79
N ARG D 230 -5.86 39.56 -5.80
CA ARG D 230 -6.94 39.34 -4.87
C ARG D 230 -7.89 38.27 -5.37
N SER D 231 -7.64 37.70 -6.55
CA SER D 231 -8.55 36.71 -7.09
C SER D 231 -8.19 35.29 -6.70
N VAL D 232 -7.02 35.08 -6.10
CA VAL D 232 -6.64 33.79 -5.56
C VAL D 232 -6.35 33.99 -4.07
N VAL D 233 -7.08 33.27 -3.22
CA VAL D 233 -7.00 33.48 -1.78
C VAL D 233 -6.60 32.17 -1.13
N VAL D 234 -5.64 32.22 -0.20
CA VAL D 234 -5.16 31.05 0.52
C VAL D 234 -5.47 31.22 2.00
N ALA D 235 -6.05 30.19 2.60
CA ALA D 235 -6.33 30.22 4.03
C ALA D 235 -5.04 30.21 4.84
N GLU D 236 -5.07 30.88 5.99
CA GLU D 236 -3.89 30.96 6.86
C GLU D 236 -3.50 29.59 7.40
N ASP D 237 -4.49 28.77 7.76
CA ASP D 237 -4.25 27.42 8.24
C ASP D 237 -4.16 26.40 7.11
N GLY D 238 -4.20 26.86 5.86
CA GLY D 238 -4.24 25.97 4.72
C GLY D 238 -2.88 25.63 4.15
N SER D 239 -1.89 25.42 5.02
CA SER D 239 -0.57 24.97 4.60
C SER D 239 -0.28 23.60 5.18
N ARG D 240 0.05 22.65 4.32
CA ARG D 240 0.32 21.26 4.68
C ARG D 240 1.65 20.83 4.11
N LEU D 241 2.66 21.68 4.28
CA LEU D 241 3.98 21.48 3.70
C LEU D 241 4.95 21.15 4.82
N ASN D 242 5.37 19.88 4.87
CA ASN D 242 6.34 19.47 5.87
C ASN D 242 7.68 20.15 5.65
N GLN D 243 8.16 20.16 4.40
CA GLN D 243 9.53 20.56 4.10
C GLN D 243 9.61 21.80 3.19
N TYR D 244 8.52 22.54 3.04
CA TYR D 244 8.52 23.72 2.18
C TYR D 244 7.92 24.91 2.89
N ASP D 245 8.33 26.11 2.46
CA ASP D 245 7.75 27.37 2.88
C ASP D 245 7.11 28.05 1.69
N LEU D 246 5.83 28.43 1.84
CA LEU D 246 5.08 29.06 0.76
C LEU D 246 5.35 30.57 0.81
N LEU D 247 6.19 31.05 -0.10
CA LEU D 247 6.59 32.46 -0.09
C LEU D 247 5.48 33.36 -0.62
N GLY D 248 4.79 32.92 -1.69
CA GLY D 248 3.78 33.76 -2.29
C GLY D 248 3.30 33.15 -3.60
N GLN D 249 2.52 33.94 -4.33
CA GLN D 249 1.96 33.48 -5.60
C GLN D 249 1.90 34.64 -6.60
N THR D 250 1.88 34.26 -7.86
CA THR D 250 1.75 35.18 -8.99
C THR D 250 0.59 34.73 -9.86
N VAL D 251 -0.22 35.67 -10.32
CA VAL D 251 -1.43 35.37 -11.09
C VAL D 251 -1.29 35.99 -12.47
N ASP D 252 -1.54 35.19 -13.51
CA ASP D 252 -1.31 35.62 -14.88
C ASP D 252 -2.42 35.08 -15.78
N SER D 253 -2.52 35.68 -16.97
CA SER D 253 -3.43 35.23 -18.01
C SER D 253 -2.72 35.30 -19.35
N GLY D 254 -3.15 34.47 -20.29
CA GLY D 254 -2.48 34.45 -21.58
C GLY D 254 -3.22 33.60 -22.59
N ILE D 255 -2.54 33.29 -23.68
CA ILE D 255 -3.11 32.57 -24.81
C ILE D 255 -2.16 31.45 -25.19
N VAL D 256 -2.73 30.29 -25.54
CA VAL D 256 -1.98 29.17 -26.06
C VAL D 256 -2.49 28.84 -27.46
N GLN D 257 -1.59 28.40 -28.32
CA GLN D 257 -1.91 28.10 -29.71
C GLN D 257 -1.68 26.63 -29.98
N SER D 258 -2.69 25.96 -30.54
CA SER D 258 -2.62 24.55 -30.82
C SER D 258 -2.98 24.28 -32.28
N SER D 259 -3.14 23.00 -32.63
CA SER D 259 -3.58 22.64 -33.97
C SER D 259 -5.09 22.79 -34.15
N THR D 260 -5.84 22.97 -33.06
CA THR D 260 -7.28 23.14 -33.14
C THR D 260 -7.72 24.59 -32.96
N GLY D 261 -6.81 25.50 -32.66
CA GLY D 261 -7.11 26.91 -32.55
C GLY D 261 -6.36 27.53 -31.40
N GLU D 262 -6.77 28.75 -31.05
CA GLU D 262 -6.20 29.50 -29.94
C GLU D 262 -7.14 29.45 -28.73
N TYR D 263 -6.56 29.26 -27.55
CA TYR D 263 -7.33 29.09 -26.33
C TYR D 263 -6.81 30.04 -25.25
N VAL D 264 -7.72 30.51 -24.40
CA VAL D 264 -7.35 31.36 -23.27
C VAL D 264 -6.91 30.47 -22.12
N VAL D 265 -5.80 30.82 -21.48
CA VAL D 265 -5.25 30.05 -20.38
C VAL D 265 -5.03 30.97 -19.19
N MET D 266 -5.47 30.54 -18.01
CA MET D 266 -5.25 31.26 -16.76
C MET D 266 -4.20 30.51 -15.95
N THR D 267 -3.22 31.25 -15.43
CA THR D 267 -2.04 30.67 -14.83
C THR D 267 -1.88 31.20 -13.41
N THR D 268 -1.40 30.32 -12.52
CA THR D 268 -1.06 30.70 -11.16
C THR D 268 0.26 30.02 -10.81
N HIS D 269 1.17 30.75 -10.19
CA HIS D 269 2.46 30.21 -9.80
C HIS D 269 2.61 30.34 -8.30
N PHE D 270 2.99 29.25 -7.64
CA PHE D 270 3.25 29.23 -6.21
C PHE D 270 4.74 29.07 -5.98
N HIS D 271 5.32 29.96 -5.18
CA HIS D 271 6.76 29.96 -4.97
C HIS D 271 7.09 29.22 -3.67
N LEU D 272 8.02 28.28 -3.76
CA LEU D 272 8.38 27.42 -2.64
C LEU D 272 9.88 27.46 -2.42
N LYS D 273 10.29 27.40 -1.16
CA LYS D 273 11.70 27.30 -0.78
C LYS D 273 11.83 26.14 0.18
N ARG D 274 12.70 25.19 -0.13
CA ARG D 274 12.85 24.00 0.69
C ARG D 274 13.57 24.31 2.00
N LYS D 275 13.16 23.63 3.07
CA LYS D 275 13.76 23.76 4.38
C LYS D 275 14.89 22.74 4.50
N ILE D 276 16.01 23.16 5.07
CA ILE D 276 17.24 22.39 5.01
C ILE D 276 17.64 21.76 6.34
N GLY D 277 17.00 22.14 7.44
CA GLY D 277 17.43 21.63 8.74
C GLY D 277 17.34 20.12 8.85
N TYR D 278 16.40 19.50 8.13
CA TYR D 278 16.32 18.04 8.16
C TYR D 278 17.56 17.42 7.55
N PHE D 279 18.02 17.95 6.43
CA PHE D 279 19.17 17.33 5.80
C PHE D 279 20.44 17.69 6.56
N VAL D 280 20.43 18.84 7.24
CA VAL D 280 21.59 19.22 8.05
C VAL D 280 21.75 18.26 9.22
N ILE D 281 20.65 17.95 9.93
CA ILE D 281 20.79 17.11 11.10
C ILE D 281 20.87 15.63 10.74
N GLN D 282 20.26 15.24 9.62
CA GLN D 282 20.19 13.83 9.25
C GLN D 282 21.35 13.37 8.36
N THR D 283 21.84 14.25 7.49
CA THR D 283 22.85 13.91 6.49
C THR D 283 24.15 14.65 6.70
N TYR D 284 24.13 15.99 6.81
CA TYR D 284 25.36 16.76 6.81
C TYR D 284 26.16 16.51 8.08
N LEU D 285 25.50 16.55 9.24
CA LEU D 285 26.20 16.35 10.50
C LEU D 285 26.81 14.97 10.61
N PRO D 286 26.12 13.86 10.28
CA PRO D 286 26.81 12.56 10.33
C PRO D 286 28.02 12.49 9.41
N CYS D 287 27.97 13.12 8.24
CA CYS D 287 29.12 13.06 7.35
C CYS D 287 30.28 13.88 7.91
N ILE D 288 29.98 15.02 8.52
CA ILE D 288 31.03 15.83 9.12
C ILE D 288 31.66 15.09 10.28
N MET D 289 30.82 14.39 11.06
CA MET D 289 31.31 13.66 12.21
C MET D 289 32.15 12.47 11.75
N THR D 290 31.78 11.84 10.64
CA THR D 290 32.58 10.72 10.14
C THR D 290 33.91 11.21 9.62
N VAL D 291 33.94 12.39 9.02
CA VAL D 291 35.22 12.98 8.60
C VAL D 291 36.09 13.28 9.82
N ILE D 292 35.47 13.80 10.88
CA ILE D 292 36.23 14.10 12.09
C ILE D 292 36.77 12.82 12.69
N LEU D 293 35.98 11.75 12.67
CA LEU D 293 36.48 10.47 13.17
C LEU D 293 37.64 9.98 12.34
N SER D 294 37.58 10.18 11.02
CA SER D 294 38.67 9.75 10.17
C SER D 294 39.93 10.53 10.45
N GLN D 295 39.78 11.80 10.86
CA GLN D 295 40.95 12.61 11.20
C GLN D 295 41.43 12.39 12.63
N VAL D 296 40.62 11.71 13.46
CA VAL D 296 41.07 11.34 14.79
C VAL D 296 42.25 10.37 14.73
N SER D 297 42.34 9.57 13.66
CA SER D 297 43.39 8.57 13.56
C SER D 297 44.79 9.17 13.58
N PHE D 298 44.94 10.43 13.18
CA PHE D 298 46.26 11.04 13.12
C PHE D 298 46.92 11.24 14.49
N TRP D 299 46.17 11.11 15.58
CA TRP D 299 46.72 11.31 16.91
C TRP D 299 47.07 10.01 17.62
N LEU D 300 46.88 8.87 16.97
CA LEU D 300 47.25 7.59 17.54
C LEU D 300 48.68 7.23 17.15
N ASN D 301 49.35 6.47 18.02
CA ASN D 301 50.74 6.13 17.80
C ASN D 301 50.88 5.23 16.58
N ARG D 302 52.00 5.37 15.88
CA ARG D 302 52.18 4.72 14.60
C ARG D 302 52.38 3.22 14.71
N GLU D 303 52.68 2.69 15.91
CA GLU D 303 52.80 1.26 16.08
C GLU D 303 51.45 0.56 16.10
N SER D 304 50.36 1.30 16.34
CA SER D 304 49.02 0.73 16.44
C SER D 304 48.42 0.56 15.04
N VAL D 305 48.98 -0.40 14.30
CA VAL D 305 48.50 -0.66 12.94
C VAL D 305 47.05 -1.15 12.92
N PRO D 306 46.64 -2.12 13.73
CA PRO D 306 45.22 -2.53 13.70
C PRO D 306 44.25 -1.43 14.07
N ALA D 307 44.59 -0.59 15.05
CA ALA D 307 43.66 0.44 15.48
C ALA D 307 43.42 1.45 14.37
N ARG D 308 44.47 1.86 13.68
CA ARG D 308 44.34 2.87 12.63
C ARG D 308 43.71 2.27 11.39
N THR D 309 43.98 0.98 11.13
CA THR D 309 43.36 0.31 10.00
C THR D 309 41.86 0.17 10.22
N VAL D 310 41.45 -0.22 11.43
CA VAL D 310 40.03 -0.34 11.74
C VAL D 310 39.37 1.03 11.69
N PHE D 311 40.06 2.07 12.17
CA PHE D 311 39.51 3.42 12.07
C PHE D 311 39.25 3.79 10.61
N GLY D 312 40.22 3.48 9.74
CA GLY D 312 40.09 3.84 8.34
C GLY D 312 38.95 3.09 7.69
N VAL D 313 38.85 1.78 7.96
CA VAL D 313 37.91 1.00 7.19
C VAL D 313 36.51 1.21 7.73
N THR D 314 36.38 1.52 9.02
CA THR D 314 35.05 1.77 9.53
C THR D 314 34.54 3.13 9.11
N THR D 315 35.44 4.12 8.99
CA THR D 315 34.99 5.40 8.45
C THR D 315 34.65 5.31 6.97
N VAL D 316 35.36 4.47 6.21
CA VAL D 316 34.99 4.26 4.82
C VAL D 316 33.62 3.59 4.70
N LEU D 317 33.36 2.59 5.54
CA LEU D 317 32.05 1.95 5.49
C LEU D 317 30.94 2.90 5.93
N THR D 318 31.23 3.76 6.91
CA THR D 318 30.22 4.72 7.33
C THR D 318 29.92 5.73 6.24
N MET D 319 30.96 6.23 5.55
CA MET D 319 30.71 7.15 4.46
C MET D 319 29.94 6.49 3.33
N THR D 320 30.26 5.22 3.03
CA THR D 320 29.52 4.51 1.99
C THR D 320 28.03 4.38 2.35
N THR D 321 27.77 4.03 3.61
CA THR D 321 26.38 3.90 4.07
C THR D 321 25.65 5.23 3.99
N LEU D 322 26.31 6.32 4.42
CA LEU D 322 25.67 7.62 4.35
C LEU D 322 25.40 8.03 2.92
N SER D 323 26.35 7.77 2.01
CA SER D 323 26.16 8.18 0.62
C SER D 323 24.99 7.42 0.00
N ILE D 324 24.92 6.12 0.27
CA ILE D 324 23.83 5.32 -0.28
C ILE D 324 22.49 5.80 0.26
N SER D 325 22.42 6.05 1.58
CA SER D 325 21.16 6.49 2.15
C SER D 325 20.76 7.84 1.56
N ALA D 326 21.71 8.76 1.44
CA ALA D 326 21.40 10.10 0.97
C ALA D 326 20.89 10.07 -0.46
N ARG D 327 21.51 9.24 -1.31
CA ARG D 327 21.12 9.20 -2.72
C ARG D 327 19.93 8.28 -2.98
N ASN D 328 19.51 7.48 -1.99
CA ASN D 328 18.33 6.64 -2.17
C ASN D 328 17.01 7.34 -1.91
N SER D 329 17.02 8.62 -1.49
CA SER D 329 15.75 9.33 -1.34
C SER D 329 15.47 10.31 -2.48
N LEU D 330 16.49 10.79 -3.17
CA LEU D 330 16.26 11.72 -4.27
C LEU D 330 15.59 10.99 -5.43
N PRO D 331 14.84 11.69 -6.27
CA PRO D 331 14.41 11.10 -7.54
C PRO D 331 15.63 10.80 -8.40
N LYS D 332 15.54 9.74 -9.19
CA LYS D 332 16.69 9.31 -9.97
C LYS D 332 16.92 10.27 -11.12
N VAL D 333 17.66 11.36 -10.86
CA VAL D 333 18.05 12.32 -11.88
C VAL D 333 19.52 12.11 -12.21
N ALA D 334 19.82 12.08 -13.51
CA ALA D 334 21.17 11.75 -13.97
C ALA D 334 22.14 12.93 -13.91
N TYR D 335 22.30 13.53 -12.73
CA TYR D 335 23.30 14.57 -12.54
C TYR D 335 23.54 14.73 -11.04
N ALA D 336 24.59 15.47 -10.71
CA ALA D 336 24.99 15.69 -9.32
C ALA D 336 24.31 16.91 -8.72
N THR D 337 23.97 16.80 -7.44
CA THR D 337 23.40 17.89 -6.66
C THR D 337 24.45 18.42 -5.69
N ALA D 338 24.06 19.41 -4.89
CA ALA D 338 24.99 19.97 -3.91
C ALA D 338 25.30 18.97 -2.80
N MET D 339 24.36 18.08 -2.49
CA MET D 339 24.64 17.06 -1.50
C MET D 339 25.58 16.01 -2.08
N ASP D 340 25.48 15.76 -3.38
CA ASP D 340 26.39 14.81 -4.00
C ASP D 340 27.81 15.34 -3.93
N TRP D 341 27.98 16.65 -4.16
CA TRP D 341 29.32 17.23 -4.11
C TRP D 341 29.84 17.20 -2.68
N PHE D 342 28.97 17.47 -1.70
CA PHE D 342 29.43 17.48 -0.31
C PHE D 342 29.89 16.09 0.11
N ILE D 343 29.14 15.07 -0.29
CA ILE D 343 29.52 13.71 0.07
C ILE D 343 30.78 13.29 -0.68
N ALA D 344 30.91 13.71 -1.94
CA ALA D 344 32.10 13.36 -2.71
C ALA D 344 33.36 13.98 -2.09
N VAL D 345 33.26 15.22 -1.63
CA VAL D 345 34.40 15.85 -0.98
C VAL D 345 34.72 15.19 0.36
N CYS D 346 33.69 14.84 1.14
CA CYS D 346 33.98 14.12 2.40
C CYS D 346 34.63 12.77 2.12
N TYR D 347 34.20 12.11 1.06
CA TYR D 347 34.80 10.83 0.68
C TYR D 347 36.25 11.02 0.25
N ALA D 348 36.53 12.12 -0.46
CA ALA D 348 37.90 12.32 -0.90
C ALA D 348 38.78 12.72 0.27
N PHE D 349 38.19 13.31 1.31
CA PHE D 349 39.00 13.68 2.47
C PHE D 349 39.36 12.45 3.29
N VAL D 350 38.41 11.52 3.46
CA VAL D 350 38.77 10.32 4.20
C VAL D 350 39.65 9.41 3.37
N PHE D 351 39.52 9.45 2.04
CA PHE D 351 40.43 8.72 1.18
C PHE D 351 41.84 9.28 1.29
N SER D 352 41.98 10.61 1.33
CA SER D 352 43.32 11.16 1.42
C SER D 352 43.88 10.94 2.82
N ALA D 353 43.01 10.77 3.82
CA ALA D 353 43.52 10.52 5.16
C ALA D 353 44.08 9.10 5.25
N LEU D 354 43.46 8.18 4.53
CA LEU D 354 43.97 6.81 4.53
C LEU D 354 45.20 6.70 3.65
N ILE D 355 45.30 7.52 2.61
CA ILE D 355 46.54 7.55 1.84
C ILE D 355 47.65 8.14 2.70
N GLU D 356 47.31 9.13 3.53
CA GLU D 356 48.29 9.74 4.40
C GLU D 356 48.84 8.71 5.38
N PHE D 357 47.96 7.84 5.89
CA PHE D 357 48.45 6.78 6.76
C PHE D 357 49.30 5.77 6.00
N ALA D 358 48.96 5.49 4.74
CA ALA D 358 49.79 4.60 3.94
C ALA D 358 51.19 5.19 3.74
N THR D 359 51.27 6.51 3.61
CA THR D 359 52.57 7.18 3.48
C THR D 359 53.33 7.19 4.78
N VAL D 360 52.64 7.43 5.90
CA VAL D 360 53.31 7.47 7.19
C VAL D 360 53.89 6.09 7.48
N ASN D 361 53.09 5.05 7.25
CA ASN D 361 53.59 3.70 7.50
C ASN D 361 54.72 3.37 6.54
N TYR D 362 54.74 4.01 5.37
CA TYR D 362 55.81 3.74 4.40
C TYR D 362 57.14 4.33 4.87
N PHE D 363 57.12 5.55 5.41
CA PHE D 363 58.39 6.15 5.79
C PHE D 363 58.85 5.73 7.18
N THR D 364 58.02 5.03 7.94
CA THR D 364 58.48 4.48 9.21
C THR D 364 59.54 3.40 8.97
N LYS D 365 60.44 3.28 9.94
CA LYS D 365 61.59 2.36 9.98
C LYS D 365 62.66 2.73 8.97
N SER D 366 62.44 3.74 8.13
CA SER D 366 63.46 4.24 7.23
C SER D 366 63.75 5.72 7.46
N GLN D 367 62.70 6.54 7.55
CA GLN D 367 62.81 7.95 7.90
C GLN D 367 61.76 8.26 8.96
N PRO D 368 62.00 7.83 10.21
CA PRO D 368 60.99 8.09 11.25
C PRO D 368 60.75 9.57 11.48
N ALA D 369 61.74 10.41 11.19
CA ALA D 369 61.56 11.85 11.33
C ALA D 369 60.58 12.36 10.29
N ARG D 370 60.69 11.87 9.05
CA ARG D 370 59.76 12.31 8.02
C ARG D 370 58.36 11.83 8.34
N ALA D 371 58.22 10.59 8.82
CA ALA D 371 56.88 10.08 9.13
C ALA D 371 56.23 10.89 10.24
N ALA D 372 57.02 11.25 11.27
CA ALA D 372 56.47 12.08 12.33
C ALA D 372 56.12 13.46 11.80
N LYS D 373 56.91 14.00 10.88
CA LYS D 373 56.62 15.32 10.34
C LYS D 373 55.35 15.28 9.50
N ILE D 374 55.14 14.18 8.78
CA ILE D 374 53.92 14.04 7.99
C ILE D 374 52.70 13.99 8.90
N ASP D 375 52.81 13.24 10.00
CA ASP D 375 51.65 13.16 10.89
C ASP D 375 51.37 14.51 11.54
N ARG D 376 52.44 15.21 11.94
CA ARG D 376 52.27 16.51 12.58
C ARG D 376 51.64 17.52 11.63
N LEU D 377 52.08 17.52 10.36
CA LEU D 377 51.52 18.49 9.42
C LEU D 377 50.11 18.10 8.98
N SER D 378 49.80 16.80 8.94
CA SER D 378 48.45 16.39 8.57
C SER D 378 47.44 16.72 9.65
N ARG D 379 47.88 16.74 10.92
CA ARG D 379 46.99 17.12 12.01
C ARG D 379 46.57 18.57 11.93
N ILE D 380 47.25 19.38 11.13
CA ILE D 380 46.93 20.77 10.94
C ILE D 380 46.24 20.98 9.60
N ALA D 381 46.80 20.37 8.55
CA ALA D 381 46.32 20.60 7.19
C ALA D 381 44.91 20.02 6.99
N PHE D 382 44.66 18.79 7.44
CA PHE D 382 43.36 18.19 7.18
C PHE D 382 42.19 18.94 7.82
N PRO D 383 42.21 19.28 9.11
CA PRO D 383 41.09 20.09 9.65
C PRO D 383 40.99 21.47 9.02
N LEU D 384 42.11 22.08 8.67
CA LEU D 384 42.05 23.42 8.08
C LEU D 384 41.43 23.36 6.69
N LEU D 385 41.84 22.37 5.89
CA LEU D 385 41.30 22.24 4.54
C LEU D 385 39.82 21.90 4.60
N PHE D 386 39.40 21.04 5.53
CA PHE D 386 37.99 20.70 5.62
C PHE D 386 37.17 21.90 6.08
N GLY D 387 37.70 22.70 7.02
CA GLY D 387 37.00 23.90 7.44
C GLY D 387 36.86 24.92 6.33
N ILE D 388 37.92 25.07 5.53
CA ILE D 388 37.84 26.02 4.41
C ILE D 388 36.85 25.51 3.37
N PHE D 389 36.82 24.19 3.13
CA PHE D 389 35.86 23.65 2.18
C PHE D 389 34.44 23.90 2.66
N ASN D 390 34.19 23.71 3.95
CA ASN D 390 32.85 23.95 4.47
C ASN D 390 32.47 25.42 4.36
N LEU D 391 33.41 26.31 4.66
CA LEU D 391 33.11 27.74 4.57
C LEU D 391 32.79 28.16 3.15
N VAL D 392 33.56 27.65 2.17
CA VAL D 392 33.28 27.95 0.77
C VAL D 392 31.95 27.36 0.35
N TYR D 393 31.66 26.12 0.78
CA TYR D 393 30.44 25.45 0.36
C TYR D 393 29.22 26.22 0.86
N TRP D 394 29.19 26.51 2.16
CA TRP D 394 27.99 27.12 2.73
C TRP D 394 27.86 28.57 2.29
N ALA D 395 28.97 29.31 2.17
CA ALA D 395 28.88 30.68 1.70
C ALA D 395 28.40 30.72 0.25
N THR D 396 28.83 29.75 -0.57
CA THR D 396 28.40 29.71 -1.95
C THR D 396 26.91 29.42 -2.04
N TYR D 397 26.45 28.39 -1.35
CA TYR D 397 25.10 27.88 -1.59
C TYR D 397 24.02 28.62 -0.79
N LEU D 398 24.28 29.04 0.45
CA LEU D 398 23.24 29.74 1.20
C LEU D 398 22.87 31.07 0.56
N ASN D 399 23.86 31.80 0.03
CA ASN D 399 23.58 33.06 -0.62
C ASN D 399 22.76 32.86 -1.89
N ARG D 400 23.09 31.86 -2.68
CA ARG D 400 22.36 31.56 -3.91
C ARG D 400 21.18 30.65 -3.65
N ASN E 62 -54.01 -3.65 3.17
CA ASN E 62 -53.29 -2.74 4.04
C ASN E 62 -51.97 -2.32 3.41
N MET E 63 -51.35 -3.24 2.67
CA MET E 63 -50.12 -2.93 1.97
C MET E 63 -50.38 -2.10 0.72
N SER E 64 -51.54 -2.30 0.09
CA SER E 64 -51.90 -1.49 -1.07
C SER E 64 -52.19 -0.06 -0.66
N PHE E 65 -52.77 0.13 0.52
CA PHE E 65 -53.01 1.49 1.00
C PHE E 65 -51.69 2.20 1.28
N VAL E 66 -50.69 1.47 1.80
CA VAL E 66 -49.38 2.08 2.01
C VAL E 66 -48.75 2.43 0.66
N LYS E 67 -48.87 1.54 -0.33
CA LYS E 67 -48.31 1.81 -1.64
C LYS E 67 -48.96 3.05 -2.26
N GLU E 68 -50.28 3.18 -2.10
CA GLU E 68 -50.98 4.35 -2.60
C GLU E 68 -50.52 5.60 -1.88
N THR E 69 -50.36 5.54 -0.55
CA THR E 69 -50.02 6.75 0.18
C THR E 69 -48.62 7.20 -0.21
N VAL E 70 -47.68 6.26 -0.31
CA VAL E 70 -46.31 6.64 -0.64
C VAL E 70 -46.26 7.22 -2.06
N ASP E 71 -46.94 6.57 -3.01
CA ASP E 71 -46.92 7.12 -4.36
C ASP E 71 -47.63 8.47 -4.41
N LYS E 72 -48.59 8.70 -3.51
CA LYS E 72 -49.23 10.00 -3.45
C LYS E 72 -48.22 11.06 -3.00
N LEU E 73 -47.42 10.71 -1.98
CA LEU E 73 -46.48 11.66 -1.42
C LEU E 73 -45.42 12.02 -2.45
N LEU E 74 -44.92 11.02 -3.17
CA LEU E 74 -43.83 11.26 -4.11
C LEU E 74 -44.32 11.85 -5.43
N LYS E 75 -45.64 11.89 -5.65
CA LYS E 75 -46.20 12.50 -6.85
C LYS E 75 -46.19 14.02 -6.69
N GLY E 76 -45.52 14.71 -7.61
CA GLY E 76 -45.38 16.15 -7.56
C GLY E 76 -44.29 16.63 -6.64
N TYR E 77 -43.56 15.73 -5.98
CA TYR E 77 -42.49 16.14 -5.09
C TYR E 77 -41.33 16.69 -5.90
N ASP E 78 -40.78 17.82 -5.48
CA ASP E 78 -39.67 18.45 -6.18
C ASP E 78 -38.41 18.28 -5.34
N ILE E 79 -37.40 17.64 -5.94
CA ILE E 79 -36.15 17.36 -5.24
C ILE E 79 -35.24 18.58 -5.19
N ARG E 80 -35.45 19.55 -6.09
CA ARG E 80 -34.54 20.68 -6.21
C ARG E 80 -34.82 21.78 -5.19
N LEU E 81 -35.88 21.65 -4.39
CA LEU E 81 -36.25 22.65 -3.42
C LEU E 81 -36.13 22.11 -2.01
N ARG E 82 -35.47 22.87 -1.14
CA ARG E 82 -35.32 22.48 0.24
C ARG E 82 -36.66 22.65 0.96
N PRO E 83 -36.86 21.94 2.07
CA PRO E 83 -38.09 22.17 2.84
C PRO E 83 -38.19 23.62 3.31
N ASP E 84 -39.41 24.14 3.29
CA ASP E 84 -39.66 25.55 3.58
C ASP E 84 -38.80 26.45 2.72
N PHE E 85 -38.69 26.10 1.43
CA PHE E 85 -37.88 26.87 0.51
C PHE E 85 -38.39 28.30 0.41
N GLY E 86 -37.47 29.26 0.53
CA GLY E 86 -37.84 30.66 0.50
C GLY E 86 -38.36 31.22 1.79
N GLY E 87 -38.48 30.41 2.84
CA GLY E 87 -38.99 30.86 4.11
C GLY E 87 -37.97 30.68 5.22
N PRO E 88 -38.42 30.24 6.39
CA PRO E 88 -37.50 30.05 7.50
C PRO E 88 -36.51 28.93 7.18
N PRO E 89 -35.31 28.99 7.75
CA PRO E 89 -34.34 27.93 7.47
C PRO E 89 -34.77 26.59 8.06
N VAL E 90 -34.34 25.52 7.39
CA VAL E 90 -34.60 24.17 7.85
C VAL E 90 -33.53 23.77 8.84
N CYS E 91 -33.94 23.21 9.98
CA CYS E 91 -33.02 22.83 11.04
C CYS E 91 -32.70 21.35 10.90
N VAL E 92 -31.41 21.02 10.90
CA VAL E 92 -30.93 19.66 10.73
C VAL E 92 -30.17 19.26 11.99
N GLY E 93 -30.56 18.15 12.59
CA GLY E 93 -29.87 17.59 13.73
C GLY E 93 -28.98 16.44 13.30
N MET E 94 -27.82 16.33 13.94
CA MET E 94 -26.79 15.39 13.54
C MET E 94 -26.47 14.45 14.68
N ASN E 95 -26.26 13.19 14.35
CA ASN E 95 -25.75 12.20 15.30
C ASN E 95 -24.59 11.45 14.66
N ILE E 96 -23.58 11.14 15.47
CA ILE E 96 -22.45 10.33 15.02
C ILE E 96 -22.27 9.18 15.99
N ASP E 97 -22.17 7.98 15.45
CA ASP E 97 -21.95 6.76 16.22
C ASP E 97 -20.62 6.19 15.74
N ILE E 98 -19.54 6.48 16.47
CA ILE E 98 -18.22 6.06 16.02
C ILE E 98 -18.07 4.56 16.22
N ALA E 99 -17.68 3.85 15.16
CA ALA E 99 -17.52 2.41 15.22
C ALA E 99 -16.08 1.99 15.47
N SER E 100 -15.11 2.70 14.90
CA SER E 100 -13.71 2.34 15.07
C SER E 100 -12.85 3.49 14.55
N ILE E 101 -11.71 3.70 15.22
CA ILE E 101 -10.68 4.64 14.78
C ILE E 101 -9.39 3.86 14.66
N ASP E 102 -8.72 3.99 13.53
CA ASP E 102 -7.49 3.23 13.29
C ASP E 102 -6.63 3.97 12.28
N MET E 103 -5.37 3.52 12.19
CA MET E 103 -4.40 4.03 11.22
C MET E 103 -4.20 5.54 11.38
N VAL E 104 -3.68 5.92 12.55
CA VAL E 104 -3.25 7.29 12.78
C VAL E 104 -1.83 7.39 12.21
N SER E 105 -1.71 8.01 11.03
CA SER E 105 -0.46 8.01 10.29
C SER E 105 0.29 9.31 10.50
N GLU E 106 1.52 9.21 10.99
CA GLU E 106 2.39 10.37 11.14
C GLU E 106 2.97 10.80 9.80
N VAL E 107 3.33 9.83 8.95
CA VAL E 107 3.91 10.16 7.65
C VAL E 107 2.88 10.83 6.76
N ASN E 108 1.68 10.26 6.68
CA ASN E 108 0.63 10.84 5.86
C ASN E 108 -0.09 12.00 6.54
N MET E 109 0.08 12.15 7.86
CA MET E 109 -0.56 13.22 8.63
C MET E 109 -2.07 13.21 8.46
N ASP E 110 -2.67 12.06 8.77
CA ASP E 110 -4.12 11.90 8.70
C ASP E 110 -4.53 10.73 9.59
N TYR E 111 -5.84 10.51 9.69
CA TYR E 111 -6.37 9.40 10.46
C TYR E 111 -7.61 8.87 9.77
N THR E 112 -7.92 7.60 10.01
CA THR E 112 -9.07 6.94 9.41
C THR E 112 -10.15 6.72 10.46
N LEU E 113 -11.39 7.03 10.10
CA LEU E 113 -12.52 7.02 11.01
C LEU E 113 -13.68 6.31 10.34
N THR E 114 -14.33 5.40 11.06
CA THR E 114 -15.54 4.75 10.59
C THR E 114 -16.69 5.07 11.53
N MET E 115 -17.84 5.42 10.96
CA MET E 115 -18.91 5.93 11.80
C MET E 115 -20.25 5.73 11.12
N TYR E 116 -21.30 5.84 11.93
CA TYR E 116 -22.68 5.94 11.46
C TYR E 116 -23.09 7.40 11.60
N PHE E 117 -23.51 8.00 10.50
CA PHE E 117 -23.81 9.42 10.44
C PHE E 117 -25.31 9.55 10.17
N GLN E 118 -26.03 10.11 11.14
CA GLN E 118 -27.47 10.26 11.06
C GLN E 118 -27.82 11.74 10.98
N GLN E 119 -28.87 12.04 10.21
CA GLN E 119 -29.40 13.38 10.08
C GLN E 119 -30.91 13.34 10.23
N TYR E 120 -31.43 14.30 10.98
CA TYR E 120 -32.85 14.38 11.29
C TYR E 120 -33.34 15.75 10.84
N TRP E 121 -34.43 15.78 10.08
CA TRP E 121 -35.02 17.07 9.73
C TRP E 121 -36.49 16.90 9.42
N ARG E 122 -37.22 18.01 9.41
CA ARG E 122 -38.66 17.96 9.19
C ARG E 122 -38.98 18.56 7.82
N ASP E 123 -39.70 17.80 7.00
CA ASP E 123 -40.15 18.24 5.68
C ASP E 123 -41.66 18.07 5.63
N LYS E 124 -42.40 19.18 5.55
CA LYS E 124 -43.85 19.10 5.58
C LYS E 124 -44.42 18.41 4.36
N ARG E 125 -43.69 18.41 3.23
CA ARG E 125 -44.16 17.75 2.02
C ARG E 125 -44.20 16.24 2.14
N LEU E 126 -43.61 15.67 3.19
CA LEU E 126 -43.56 14.22 3.37
C LEU E 126 -44.43 13.75 4.54
N ALA E 127 -45.40 14.55 4.95
CA ALA E 127 -46.28 14.20 6.05
C ALA E 127 -47.43 13.36 5.54
N TYR E 128 -47.76 12.29 6.28
CA TYR E 128 -48.82 11.38 5.90
C TYR E 128 -49.65 11.03 7.12
N SER E 129 -50.88 10.60 6.88
CA SER E 129 -51.81 10.23 7.94
C SER E 129 -52.52 8.94 7.55
N GLY E 130 -53.14 8.33 8.55
CA GLY E 130 -53.85 7.08 8.37
C GLY E 130 -53.04 5.84 8.65
N ILE E 131 -51.72 5.96 8.80
CA ILE E 131 -50.87 4.81 9.12
C ILE E 131 -50.16 5.10 10.44
N PRO E 132 -50.43 4.34 11.51
CA PRO E 132 -49.74 4.57 12.79
C PRO E 132 -48.41 3.84 12.89
N LEU E 133 -47.50 4.13 11.96
CA LEU E 133 -46.23 3.43 11.90
C LEU E 133 -45.17 4.38 11.38
N ASN E 134 -43.91 4.07 11.72
CA ASN E 134 -42.78 4.73 11.09
C ASN E 134 -42.31 3.89 9.92
N LEU E 135 -42.23 4.50 8.74
CA LEU E 135 -41.97 3.78 7.51
C LEU E 135 -40.48 3.79 7.21
N THR E 136 -39.81 2.66 7.39
CA THR E 136 -38.44 2.51 6.95
C THR E 136 -38.48 2.03 5.51
N LEU E 137 -38.04 2.87 4.58
CA LEU E 137 -38.12 2.52 3.17
C LEU E 137 -36.79 2.04 2.62
N ASP E 138 -36.86 1.37 1.46
CA ASP E 138 -35.68 0.94 0.76
C ASP E 138 -34.80 2.15 0.44
N ASN E 139 -33.49 2.00 0.61
CA ASN E 139 -32.61 3.14 0.53
C ASN E 139 -32.55 3.76 -0.86
N ARG E 140 -33.05 3.08 -1.90
CA ARG E 140 -33.05 3.73 -3.20
C ARG E 140 -34.10 4.83 -3.28
N VAL E 141 -34.99 4.92 -2.30
CA VAL E 141 -35.95 6.01 -2.32
C VAL E 141 -35.25 7.29 -1.94
N ALA E 142 -34.01 7.17 -1.46
CA ALA E 142 -33.26 8.35 -1.09
C ALA E 142 -32.97 9.16 -2.34
N ASP E 143 -32.87 8.49 -3.49
CA ASP E 143 -32.64 9.24 -4.72
C ASP E 143 -33.86 10.03 -5.15
N GLN E 144 -35.04 9.77 -4.57
CA GLN E 144 -36.26 10.48 -4.92
C GLN E 144 -36.61 11.59 -3.95
N LEU E 145 -35.75 11.89 -2.99
CA LEU E 145 -36.04 12.90 -1.97
C LEU E 145 -34.93 13.93 -1.91
N TRP E 146 -35.18 14.98 -1.13
CA TRP E 146 -34.19 16.01 -0.86
C TRP E 146 -33.40 15.66 0.40
N VAL E 147 -32.08 15.74 0.30
CA VAL E 147 -31.21 15.47 1.44
C VAL E 147 -30.23 16.63 1.56
N PRO E 148 -29.73 16.92 2.75
CA PRO E 148 -28.80 18.05 2.89
C PRO E 148 -27.48 17.80 2.17
N ASP E 149 -26.85 18.91 1.75
CA ASP E 149 -25.57 18.86 1.04
C ASP E 149 -24.42 18.95 2.03
N THR E 150 -24.43 18.03 2.99
CA THR E 150 -23.41 17.99 4.03
C THR E 150 -22.10 17.44 3.47
N TYR E 151 -20.99 18.03 3.91
CA TYR E 151 -19.68 17.54 3.52
C TYR E 151 -18.68 17.82 4.64
N PHE E 152 -17.54 17.13 4.55
CA PHE E 152 -16.46 17.24 5.52
C PHE E 152 -15.34 18.07 4.92
N LEU E 153 -14.94 19.14 5.62
CA LEU E 153 -14.02 20.11 5.03
C LEU E 153 -12.59 19.57 4.96
N ASN E 154 -12.19 18.74 5.92
CA ASN E 154 -10.83 18.22 5.97
C ASN E 154 -10.71 16.79 5.50
N ASP E 155 -11.68 16.31 4.72
CA ASP E 155 -11.69 14.94 4.26
C ASP E 155 -10.81 14.81 3.01
N LYS E 156 -9.86 13.88 3.04
CA LYS E 156 -9.02 13.61 1.89
C LYS E 156 -9.62 12.54 0.99
N LYS E 157 -10.17 11.48 1.58
CA LYS E 157 -10.78 10.38 0.84
C LYS E 157 -11.83 9.74 1.72
N SER E 158 -13.03 9.55 1.18
CA SER E 158 -14.12 8.95 1.92
C SER E 158 -15.03 8.20 0.96
N PHE E 159 -15.75 7.23 1.50
CA PHE E 159 -16.68 6.44 0.71
C PHE E 159 -17.78 5.90 1.61
N VAL E 160 -18.88 5.50 0.98
CA VAL E 160 -19.99 4.84 1.66
C VAL E 160 -19.91 3.36 1.35
N HIS E 161 -20.02 2.53 2.39
CA HIS E 161 -19.95 1.08 2.19
C HIS E 161 -21.13 0.61 1.35
N GLY E 162 -20.89 -0.39 0.52
CA GLY E 162 -21.89 -0.83 -0.43
C GLY E 162 -22.02 -2.34 -0.54
N VAL E 163 -21.74 -3.05 0.55
CA VAL E 163 -21.90 -4.50 0.61
C VAL E 163 -22.80 -4.82 1.80
N THR E 164 -23.84 -5.61 1.56
CA THR E 164 -24.14 -6.19 0.25
C THR E 164 -24.89 -5.19 -0.62
N VAL E 165 -25.45 -4.17 0.01
CA VAL E 165 -26.05 -3.03 -0.67
C VAL E 165 -25.47 -1.76 -0.06
N LYS E 166 -25.82 -0.63 -0.65
CA LYS E 166 -25.35 0.64 -0.12
C LYS E 166 -25.84 0.82 1.31
N ASN E 167 -24.91 1.13 2.21
CA ASN E 167 -25.21 1.22 3.64
C ASN E 167 -25.87 2.56 3.92
N ARG E 168 -27.16 2.63 3.56
CA ARG E 168 -27.94 3.85 3.66
C ARG E 168 -29.31 3.50 4.23
N MET E 169 -29.90 4.46 4.94
CA MET E 169 -31.19 4.25 5.57
C MET E 169 -32.05 5.50 5.42
N ILE E 170 -33.33 5.29 5.11
CA ILE E 170 -34.33 6.34 5.10
C ILE E 170 -35.53 5.89 5.93
N ARG E 171 -35.93 6.73 6.88
CA ARG E 171 -37.07 6.44 7.74
C ARG E 171 -37.97 7.66 7.82
N LEU E 172 -39.27 7.43 7.70
CA LEU E 172 -40.29 8.46 7.70
C LEU E 172 -41.19 8.32 8.93
N HIS E 173 -41.73 9.45 9.37
CA HIS E 173 -42.63 9.54 10.51
C HIS E 173 -43.88 10.29 10.10
N PRO E 174 -45.01 10.03 10.77
CA PRO E 174 -46.28 10.65 10.33
C PRO E 174 -46.25 12.17 10.33
N ASP E 175 -45.53 12.80 11.26
CA ASP E 175 -45.49 14.26 11.29
C ASP E 175 -44.63 14.85 10.20
N GLY E 176 -43.91 14.02 9.44
CA GLY E 176 -43.05 14.47 8.38
C GLY E 176 -41.56 14.51 8.70
N THR E 177 -41.15 14.05 9.88
CA THR E 177 -39.72 14.00 10.19
C THR E 177 -39.05 12.89 9.41
N VAL E 178 -37.89 13.20 8.83
CA VAL E 178 -37.09 12.27 8.05
C VAL E 178 -35.79 12.00 8.79
N LEU E 179 -35.50 10.71 8.97
CA LEU E 179 -34.24 10.21 9.49
C LEU E 179 -33.45 9.63 8.31
N TYR E 180 -32.20 10.07 8.17
CA TYR E 180 -31.35 9.69 7.05
C TYR E 180 -30.00 9.25 7.59
N GLY E 181 -29.68 7.97 7.44
CA GLY E 181 -28.48 7.40 8.01
C GLY E 181 -27.54 6.89 6.93
N LEU E 182 -26.24 6.97 7.22
CA LEU E 182 -25.19 6.50 6.33
C LEU E 182 -24.07 5.87 7.15
N ARG E 183 -23.40 4.89 6.57
CA ARG E 183 -22.23 4.27 7.19
C ARG E 183 -21.02 4.69 6.38
N ILE E 184 -20.15 5.50 6.99
CA ILE E 184 -19.11 6.21 6.25
C ILE E 184 -17.75 5.87 6.85
N THR E 185 -16.79 5.58 5.98
CA THR E 185 -15.37 5.51 6.32
C THR E 185 -14.67 6.68 5.66
N THR E 186 -13.99 7.51 6.44
CA THR E 186 -13.37 8.72 5.95
C THR E 186 -11.95 8.84 6.47
N THR E 187 -11.06 9.37 5.62
CA THR E 187 -9.70 9.71 6.01
C THR E 187 -9.62 11.22 6.16
N ALA E 188 -9.39 11.69 7.39
CA ALA E 188 -9.39 13.11 7.68
C ALA E 188 -7.98 13.58 8.04
N ALA E 189 -7.62 14.76 7.55
CA ALA E 189 -6.29 15.32 7.71
C ALA E 189 -6.23 16.21 8.93
N CYS E 190 -5.25 15.97 9.81
CA CYS E 190 -5.01 16.87 10.93
C CYS E 190 -3.52 17.10 11.08
N MET E 191 -3.15 18.35 11.32
CA MET E 191 -1.76 18.72 11.53
C MET E 191 -1.27 18.22 12.88
N MET E 192 -0.06 17.70 12.90
CA MET E 192 0.56 17.20 14.13
C MET E 192 1.83 17.99 14.41
N ASP E 193 1.92 18.51 15.64
CA ASP E 193 3.09 19.25 16.10
C ASP E 193 3.91 18.25 16.92
N LEU E 194 5.01 17.78 16.31
CA LEU E 194 5.81 16.67 16.82
C LEU E 194 7.13 17.12 17.43
N ARG E 195 7.19 18.37 17.93
CA ARG E 195 8.43 18.82 18.55
C ARG E 195 8.74 18.05 19.82
N ARG E 196 7.71 17.54 20.49
CA ARG E 196 7.88 16.75 21.72
C ARG E 196 7.74 15.26 21.47
N TYR E 197 7.80 14.83 20.21
CA TYR E 197 7.67 13.42 19.88
C TYR E 197 8.78 12.60 20.55
N PRO E 198 8.46 11.41 21.08
CA PRO E 198 7.15 10.75 21.10
C PRO E 198 6.31 11.13 22.33
N LEU E 199 6.77 12.09 23.11
CA LEU E 199 6.06 12.54 24.32
C LEU E 199 5.18 13.74 23.98
N ASP E 200 4.26 13.51 23.04
CA ASP E 200 3.47 14.56 22.44
C ASP E 200 1.99 14.26 22.57
N GLU E 201 1.20 15.32 22.53
CA GLU E 201 -0.26 15.25 22.49
C GLU E 201 -0.74 15.86 21.19
N GLN E 202 -1.79 15.27 20.63
CA GLN E 202 -2.34 15.70 19.36
C GLN E 202 -3.82 16.01 19.52
N ASN E 203 -4.32 16.87 18.63
CA ASN E 203 -5.71 17.29 18.63
C ASN E 203 -6.20 17.21 17.20
N CYS E 204 -6.95 16.17 16.89
CA CYS E 204 -7.45 15.94 15.54
C CYS E 204 -8.95 16.12 15.49
N THR E 205 -9.45 16.75 14.43
CA THR E 205 -10.83 17.18 14.38
C THR E 205 -11.50 16.63 13.13
N LEU E 206 -12.81 16.84 13.07
CA LEU E 206 -13.65 16.55 11.93
C LEU E 206 -14.66 17.68 11.80
N GLU E 207 -14.72 18.27 10.61
CA GLU E 207 -15.52 19.47 10.36
C GLU E 207 -16.69 19.09 9.45
N ILE E 208 -17.90 19.49 9.85
CA ILE E 208 -19.12 19.18 9.13
C ILE E 208 -19.74 20.50 8.72
N GLU E 209 -19.99 20.66 7.43
CA GLU E 209 -20.49 21.92 6.91
C GLU E 209 -21.42 21.66 5.75
N SER E 210 -22.23 22.66 5.40
CA SER E 210 -23.11 22.56 4.24
C SER E 210 -22.42 23.24 3.07
N TYR E 211 -22.42 22.58 1.92
CA TYR E 211 -21.64 23.11 0.80
C TYR E 211 -22.30 24.32 0.17
N GLY E 212 -23.62 24.30 0.00
CA GLY E 212 -24.25 25.32 -0.80
C GLY E 212 -25.17 26.26 -0.07
N TYR E 213 -25.79 25.82 1.01
CA TYR E 213 -26.78 26.66 1.66
C TYR E 213 -26.08 27.55 2.68
N THR E 214 -26.79 28.59 3.12
CA THR E 214 -26.28 29.48 4.14
C THR E 214 -27.18 29.43 5.37
N THR E 215 -26.91 30.30 6.34
CA THR E 215 -27.71 30.29 7.55
C THR E 215 -29.11 30.84 7.34
N ASP E 216 -29.37 31.43 6.18
CA ASP E 216 -30.73 31.82 5.82
C ASP E 216 -31.52 30.66 5.25
N ASP E 217 -30.88 29.52 5.01
CA ASP E 217 -31.53 28.36 4.43
C ASP E 217 -31.47 27.12 5.32
N ILE E 218 -30.34 26.85 5.95
CA ILE E 218 -30.16 25.64 6.74
C ILE E 218 -29.39 25.98 8.01
N GLU E 219 -29.68 25.21 9.07
CA GLU E 219 -29.00 25.36 10.35
C GLU E 219 -28.61 23.99 10.88
N PHE E 220 -27.46 23.92 11.54
CA PHE E 220 -26.95 22.68 12.12
C PHE E 220 -26.95 22.77 13.64
N TYR E 221 -27.31 21.66 14.29
CA TYR E 221 -27.17 21.53 15.73
C TYR E 221 -26.91 20.08 16.07
N TRP E 222 -26.28 19.86 17.23
CA TRP E 222 -26.06 18.51 17.73
C TRP E 222 -27.31 18.00 18.42
N ARG E 223 -27.79 16.83 17.99
CA ARG E 223 -29.04 16.27 18.49
C ARG E 223 -28.76 15.45 19.74
N GLY E 224 -29.14 15.97 20.91
CA GLY E 224 -28.87 15.33 22.17
C GLY E 224 -27.82 16.00 23.04
N GLY E 225 -27.34 17.18 22.66
CA GLY E 225 -26.34 17.84 23.47
C GLY E 225 -25.00 17.13 23.39
N ASP E 226 -24.37 16.94 24.55
CA ASP E 226 -23.08 16.26 24.61
C ASP E 226 -23.19 14.76 24.38
N LYS E 227 -24.41 14.22 24.34
CA LYS E 227 -24.63 12.80 24.06
C LYS E 227 -24.81 12.51 22.58
N ALA E 228 -24.60 13.51 21.71
CA ALA E 228 -24.82 13.31 20.28
C ALA E 228 -23.80 12.38 19.66
N VAL E 229 -22.64 12.19 20.28
CA VAL E 229 -21.59 11.32 19.76
C VAL E 229 -21.33 10.21 20.77
N THR E 230 -21.43 8.97 20.33
CA THR E 230 -21.25 7.82 21.20
C THR E 230 -20.22 6.88 20.59
N GLY E 231 -19.68 6.01 21.44
CA GLY E 231 -18.76 4.98 21.01
C GLY E 231 -17.30 5.30 21.19
N VAL E 232 -16.96 6.49 21.69
CA VAL E 232 -15.56 6.83 21.91
C VAL E 232 -14.99 6.02 23.07
N GLU E 233 -15.81 5.77 24.10
CA GLU E 233 -15.33 5.06 25.27
C GLU E 233 -14.97 3.60 24.98
N ARG E 234 -15.42 3.06 23.85
CA ARG E 234 -15.12 1.67 23.50
C ARG E 234 -13.97 1.54 22.50
N ILE E 235 -13.30 2.63 22.18
CA ILE E 235 -12.24 2.60 21.18
C ILE E 235 -10.93 2.24 21.87
N GLU E 236 -10.15 1.37 21.24
CA GLU E 236 -8.82 1.01 21.71
C GLU E 236 -7.82 1.26 20.59
N LEU E 237 -6.83 2.09 20.86
CA LEU E 237 -5.80 2.38 19.87
C LEU E 237 -4.48 1.77 20.30
N PRO E 238 -3.80 1.03 19.42
CA PRO E 238 -2.57 0.35 19.83
C PRO E 238 -1.47 1.31 20.30
N GLN E 239 -1.41 2.50 19.72
CA GLN E 239 -0.34 3.45 20.04
C GLN E 239 -0.80 4.67 20.83
N PHE E 240 -2.05 5.09 20.66
CA PHE E 240 -2.58 6.26 21.35
C PHE E 240 -3.62 5.85 22.39
N SER E 241 -4.06 6.83 23.16
CA SER E 241 -5.18 6.68 24.08
C SER E 241 -5.99 7.97 24.04
N ILE E 242 -7.28 7.86 23.71
CA ILE E 242 -8.12 9.04 23.61
C ILE E 242 -8.35 9.63 25.00
N VAL E 243 -8.03 10.90 25.16
CA VAL E 243 -8.15 11.56 26.46
C VAL E 243 -9.49 12.27 26.60
N GLU E 244 -9.93 12.97 25.56
CA GLU E 244 -11.17 13.72 25.61
C GLU E 244 -11.68 13.92 24.19
N HIS E 245 -12.99 14.19 24.09
CA HIS E 245 -13.61 14.60 22.85
C HIS E 245 -14.55 15.78 23.12
N ARG E 246 -14.75 16.59 22.08
CA ARG E 246 -15.42 17.88 22.25
C ARG E 246 -16.26 18.19 21.01
N LEU E 247 -17.41 18.85 21.24
CA LEU E 247 -18.34 19.25 20.20
C LEU E 247 -18.46 20.76 20.20
N VAL E 248 -18.25 21.36 19.03
CA VAL E 248 -18.28 22.81 18.83
C VAL E 248 -19.26 23.15 17.71
N SER E 249 -20.10 24.16 17.94
CA SER E 249 -21.01 24.64 16.90
C SER E 249 -20.70 26.11 16.64
N ARG E 250 -20.57 26.47 15.38
CA ARG E 250 -20.19 27.85 15.01
C ARG E 250 -20.54 28.07 13.54
N ASN E 251 -20.43 29.32 13.11
CA ASN E 251 -20.61 29.61 11.69
C ASN E 251 -19.32 30.17 11.11
N VAL E 252 -19.10 29.86 9.83
CA VAL E 252 -17.92 30.27 9.08
C VAL E 252 -18.31 31.28 8.02
N VAL E 253 -17.73 32.47 8.06
CA VAL E 253 -18.09 33.56 7.16
C VAL E 253 -17.16 33.44 5.95
N PHE E 254 -17.64 32.82 4.88
CA PHE E 254 -16.86 32.78 3.64
C PHE E 254 -17.18 33.98 2.77
N ALA E 255 -16.61 33.99 1.57
CA ALA E 255 -16.86 35.06 0.62
C ALA E 255 -18.25 34.98 0.03
N THR E 256 -18.85 33.79 0.03
CA THR E 256 -20.18 33.65 -0.50
C THR E 256 -21.24 33.81 0.58
N GLY E 257 -20.84 34.08 1.84
CA GLY E 257 -21.81 34.23 2.89
C GLY E 257 -21.49 33.35 4.07
N ALA E 258 -22.40 33.30 5.04
CA ALA E 258 -22.10 32.47 6.19
C ALA E 258 -22.48 31.01 5.93
N TYR E 259 -21.87 30.13 6.72
CA TYR E 259 -22.07 28.69 6.61
C TYR E 259 -22.13 28.02 7.97
N PRO E 260 -23.16 27.22 8.26
CA PRO E 260 -23.22 26.57 9.57
C PRO E 260 -22.17 25.49 9.60
N ARG E 261 -21.57 25.29 10.77
CA ARG E 261 -20.57 24.23 10.93
C ARG E 261 -20.65 23.62 12.31
N LEU E 262 -20.44 22.31 12.33
CA LEU E 262 -20.27 21.53 13.54
C LEU E 262 -18.89 20.89 13.49
N SER E 263 -18.28 20.76 14.66
CA SER E 263 -16.92 20.24 14.77
C SER E 263 -16.86 19.23 15.89
N LEU E 264 -16.16 18.13 15.64
CA LEU E 264 -15.94 17.09 16.63
C LEU E 264 -14.44 16.87 16.72
N SER E 265 -13.89 17.00 17.91
CA SER E 265 -12.45 16.93 18.09
C SER E 265 -12.10 15.91 19.15
N PHE E 266 -10.95 15.26 18.96
CA PHE E 266 -10.41 14.33 19.93
C PHE E 266 -8.99 14.76 20.28
N ARG E 267 -8.60 14.49 21.52
CA ARG E 267 -7.25 14.74 21.98
C ARG E 267 -6.59 13.41 22.31
N LEU E 268 -5.45 13.16 21.70
CA LEU E 268 -4.73 11.90 21.79
C LEU E 268 -3.43 12.11 22.55
N LYS E 269 -3.08 11.12 23.37
CA LYS E 269 -1.84 11.12 24.13
C LYS E 269 -1.12 9.83 23.79
N ARG E 270 0.10 9.96 23.25
CA ARG E 270 0.79 8.79 22.75
C ARG E 270 1.33 7.93 23.89
N ASN E 271 1.34 6.62 23.65
CA ASN E 271 1.89 5.66 24.60
C ASN E 271 3.40 5.58 24.43
N ILE E 272 4.08 5.22 25.51
CA ILE E 272 5.54 5.27 25.53
C ILE E 272 6.19 3.90 25.62
N GLY E 273 5.43 2.85 25.96
CA GLY E 273 6.04 1.56 26.23
C GLY E 273 6.78 1.02 25.02
N TYR E 274 6.22 1.26 23.82
CA TYR E 274 6.88 0.78 22.61
C TYR E 274 8.21 1.46 22.41
N PHE E 275 8.27 2.78 22.68
CA PHE E 275 9.53 3.47 22.41
C PHE E 275 10.53 3.14 23.51
N ILE E 276 10.03 2.86 24.71
CA ILE E 276 10.92 2.54 25.82
C ILE E 276 11.60 1.22 25.56
N LEU E 277 10.84 0.21 25.14
CA LEU E 277 11.43 -1.10 24.93
C LEU E 277 12.11 -1.25 23.57
N GLN E 278 11.84 -0.35 22.63
CA GLN E 278 12.39 -0.50 21.29
C GLN E 278 13.44 0.54 20.90
N THR E 279 13.39 1.73 21.47
CA THR E 279 14.27 2.83 21.07
C THR E 279 15.24 3.25 22.16
N TYR E 280 14.75 3.62 23.35
CA TYR E 280 15.62 4.25 24.33
C TYR E 280 16.54 3.23 25.01
N MET E 281 16.01 2.04 25.31
CA MET E 281 16.82 1.03 25.98
C MET E 281 18.05 0.61 25.17
N PRO E 282 17.96 0.34 23.86
CA PRO E 282 19.19 0.01 23.12
C PRO E 282 20.25 1.11 23.17
N SER E 283 19.83 2.38 23.11
CA SER E 283 20.81 3.44 23.14
C SER E 283 21.43 3.56 24.52
N ILE E 284 20.63 3.35 25.56
CA ILE E 284 21.16 3.41 26.92
C ILE E 284 22.17 2.30 27.12
N LEU E 285 21.83 1.09 26.66
CA LEU E 285 22.71 -0.05 26.88
C LEU E 285 24.02 0.12 26.10
N ILE E 286 23.95 0.67 24.87
CA ILE E 286 25.17 0.88 24.12
C ILE E 286 26.04 1.95 24.78
N THR E 287 25.40 2.97 25.36
CA THR E 287 26.16 3.98 26.07
C THR E 287 26.85 3.40 27.30
N ILE E 288 26.15 2.53 28.04
CA ILE E 288 26.76 1.94 29.21
C ILE E 288 27.90 1.02 28.82
N LEU E 289 27.70 0.24 27.74
CA LEU E 289 28.73 -0.66 27.25
C LEU E 289 29.95 0.08 26.75
N SER E 290 29.78 1.34 26.32
CA SER E 290 30.93 2.12 25.87
C SER E 290 31.84 2.49 27.02
N TRP E 291 31.35 2.38 28.26
CA TRP E 291 32.14 2.64 29.45
C TRP E 291 33.00 1.45 29.87
N VAL E 292 32.80 0.29 29.25
CA VAL E 292 33.62 -0.88 29.53
C VAL E 292 35.08 -0.62 29.18
N SER E 293 35.33 0.25 28.21
CA SER E 293 36.71 0.55 27.81
C SER E 293 37.52 1.10 28.96
N PHE E 294 36.91 1.86 29.86
CA PHE E 294 37.63 2.50 30.95
C PHE E 294 38.21 1.48 31.93
N TRP E 295 37.67 0.26 31.98
CA TRP E 295 38.17 -0.77 32.87
C TRP E 295 39.16 -1.71 32.18
N ILE E 296 39.50 -1.44 30.93
CA ILE E 296 40.49 -2.21 30.19
C ILE E 296 41.83 -1.47 30.24
N ASN E 297 42.92 -2.23 30.27
CA ASN E 297 44.24 -1.63 30.32
C ASN E 297 44.51 -0.82 29.06
N TYR E 298 45.21 0.30 29.22
CA TYR E 298 45.39 1.27 28.15
C TYR E 298 46.32 0.79 27.05
N ASP E 299 47.14 -0.24 27.31
CA ASP E 299 48.00 -0.77 26.27
C ASP E 299 47.26 -1.69 25.29
N ALA E 300 46.01 -2.05 25.57
CA ALA E 300 45.22 -2.83 24.61
C ALA E 300 44.56 -1.87 23.63
N SER E 301 45.41 -1.31 22.75
CA SER E 301 44.95 -0.26 21.85
C SER E 301 43.94 -0.76 20.83
N ALA E 302 44.15 -1.96 20.29
CA ALA E 302 43.24 -2.45 19.26
C ALA E 302 41.86 -2.77 19.83
N ALA E 303 41.82 -3.27 21.06
CA ALA E 303 40.54 -3.62 21.66
C ALA E 303 39.74 -2.38 22.01
N ARG E 304 40.39 -1.35 22.56
CA ARG E 304 39.65 -0.17 22.98
C ARG E 304 39.26 0.67 21.78
N VAL E 305 40.11 0.75 20.77
CA VAL E 305 39.77 1.48 19.56
C VAL E 305 38.60 0.79 18.85
N ALA E 306 38.66 -0.55 18.73
CA ALA E 306 37.60 -1.28 18.08
C ALA E 306 36.28 -1.14 18.84
N LEU E 307 36.33 -1.21 20.17
CA LEU E 307 35.12 -1.01 20.96
C LEU E 307 34.53 0.38 20.77
N GLY E 308 35.38 1.41 20.79
CA GLY E 308 34.85 2.75 20.67
C GLY E 308 34.25 3.01 19.30
N ILE E 309 34.94 2.59 18.24
CA ILE E 309 34.45 2.96 16.93
C ILE E 309 33.32 2.04 16.51
N THR E 310 33.27 0.81 17.03
CA THR E 310 32.16 -0.04 16.66
C THR E 310 30.90 0.39 17.41
N THR E 311 31.03 0.90 18.64
CA THR E 311 29.85 1.44 19.30
C THR E 311 29.36 2.71 18.61
N VAL E 312 30.29 3.50 18.07
CA VAL E 312 29.90 4.67 17.28
C VAL E 312 29.15 4.25 16.03
N LEU E 313 29.65 3.21 15.36
CA LEU E 313 28.98 2.72 14.15
C LEU E 313 27.61 2.15 14.48
N THR E 314 27.47 1.45 15.60
CA THR E 314 26.16 0.92 15.98
C THR E 314 25.17 2.04 16.26
N MET E 315 25.61 3.09 16.93
CA MET E 315 24.72 4.24 17.18
C MET E 315 24.34 4.91 15.88
N THR E 316 25.29 5.03 14.95
CA THR E 316 24.98 5.61 13.64
C THR E 316 23.97 4.74 12.89
N THR E 317 24.12 3.42 12.96
CA THR E 317 23.17 2.53 12.30
C THR E 317 21.77 2.69 12.89
N ILE E 318 21.70 2.86 14.22
CA ILE E 318 20.41 3.06 14.87
C ILE E 318 19.77 4.34 14.35
N ASN E 319 20.56 5.42 14.31
CA ASN E 319 20.00 6.71 13.92
C ASN E 319 19.57 6.68 12.47
N THR E 320 20.36 6.04 11.60
CA THR E 320 20.04 6.01 10.18
C THR E 320 18.77 5.21 9.94
N HIS E 321 18.59 4.08 10.65
CA HIS E 321 17.39 3.29 10.37
C HIS E 321 16.17 3.97 10.96
N LEU E 322 16.34 4.69 12.07
CA LEU E 322 15.23 5.49 12.58
C LEU E 322 14.85 6.57 11.57
N ARG E 323 15.85 7.19 10.93
CA ARG E 323 15.57 8.15 9.87
C ARG E 323 14.85 7.49 8.70
N GLU E 324 15.11 6.21 8.48
CA GLU E 324 14.45 5.53 7.37
C GLU E 324 13.00 5.22 7.70
N THR E 325 12.69 4.93 8.96
CA THR E 325 11.32 4.52 9.25
C THR E 325 10.43 5.68 9.70
N LEU E 326 10.96 6.64 10.44
CA LEU E 326 10.14 7.75 10.92
C LEU E 326 9.73 8.73 9.82
N PRO E 327 8.61 9.42 10.03
CA PRO E 327 8.15 10.45 9.08
C PRO E 327 9.13 11.61 8.94
N LYS E 328 9.23 12.14 7.72
CA LYS E 328 10.19 13.21 7.43
C LYS E 328 9.57 14.47 8.03
N ILE E 329 10.05 14.83 9.21
CA ILE E 329 9.61 16.01 9.94
C ILE E 329 10.81 16.92 10.16
N PRO E 330 11.01 17.90 9.29
CA PRO E 330 12.28 18.66 9.30
C PRO E 330 12.34 19.69 10.42
N TYR E 331 12.27 19.20 11.66
CA TYR E 331 12.66 19.98 12.83
C TYR E 331 13.00 19.04 13.98
N VAL E 332 13.67 19.61 14.97
CA VAL E 332 14.27 18.86 16.08
C VAL E 332 13.20 18.30 17.00
N LYS E 333 13.21 16.98 17.21
CA LYS E 333 12.28 16.35 18.12
C LYS E 333 13.03 15.91 19.38
N ALA E 334 12.29 15.39 20.36
CA ALA E 334 12.94 14.90 21.58
C ALA E 334 13.75 13.64 21.32
N ILE E 335 13.34 12.81 20.36
CA ILE E 335 14.08 11.59 20.13
C ILE E 335 15.41 11.93 19.48
N ASP E 336 15.45 13.00 18.69
CA ASP E 336 16.71 13.36 18.07
C ASP E 336 17.66 13.91 19.12
N MET E 337 17.10 14.55 20.16
CA MET E 337 17.96 15.07 21.21
C MET E 337 18.53 13.94 22.04
N TYR E 338 17.75 12.88 22.26
CA TYR E 338 18.28 11.79 23.06
C TYR E 338 19.32 11.02 22.29
N LEU E 339 19.06 10.73 21.02
CA LEU E 339 20.02 10.01 20.19
C LEU E 339 21.30 10.82 20.01
N MET E 340 21.18 12.13 19.81
CA MET E 340 22.37 12.95 19.67
C MET E 340 23.15 13.02 20.98
N GLY E 341 22.46 13.06 22.12
CA GLY E 341 23.18 13.07 23.38
C GLY E 341 23.95 11.78 23.61
N CYS E 342 23.34 10.64 23.28
CA CYS E 342 24.08 9.38 23.39
C CYS E 342 25.24 9.34 22.42
N PHE E 343 25.04 9.85 21.21
CA PHE E 343 26.14 9.85 20.24
C PHE E 343 27.27 10.74 20.73
N VAL E 344 26.95 11.84 21.41
CA VAL E 344 27.98 12.70 21.96
C VAL E 344 28.73 11.99 23.07
N PHE E 345 28.00 11.22 23.90
CA PHE E 345 28.69 10.55 24.99
C PHE E 345 29.67 9.50 24.46
N VAL E 346 29.27 8.74 23.45
CA VAL E 346 30.21 7.75 22.92
C VAL E 346 31.31 8.41 22.08
N PHE E 347 31.02 9.56 21.47
CA PHE E 347 32.05 10.30 20.76
C PHE E 347 33.10 10.81 21.72
N LEU E 348 32.68 11.28 22.90
CA LEU E 348 33.65 11.79 23.84
C LEU E 348 34.39 10.64 24.50
N ALA E 349 33.75 9.49 24.62
CA ALA E 349 34.44 8.34 25.21
C ALA E 349 35.56 7.87 24.28
N LEU E 350 35.31 7.88 22.97
CA LEU E 350 36.39 7.54 22.04
C LEU E 350 37.43 8.66 21.93
N LEU E 351 37.02 9.92 22.11
CA LEU E 351 38.06 10.95 22.10
C LEU E 351 38.89 10.87 23.37
N GLU E 352 38.29 10.39 24.46
CA GLU E 352 39.05 10.23 25.68
C GLU E 352 40.08 9.15 25.48
N TYR E 353 39.69 8.06 24.81
CA TYR E 353 40.71 7.05 24.59
C TYR E 353 41.75 7.53 23.59
N ALA E 354 41.39 8.49 22.72
CA ALA E 354 42.38 9.06 21.81
C ALA E 354 43.44 9.80 22.59
N PHE E 355 43.01 10.55 23.61
CA PHE E 355 43.95 11.26 24.47
C PHE E 355 44.80 10.28 25.28
N VAL E 356 44.16 9.25 25.83
CA VAL E 356 44.89 8.28 26.65
C VAL E 356 45.92 7.57 25.79
N ASN E 357 45.54 7.14 24.59
CA ASN E 357 46.47 6.48 23.70
C ASN E 357 47.58 7.43 23.30
N TYR E 358 47.29 8.73 23.27
CA TYR E 358 48.29 9.70 22.86
C TYR E 358 49.30 9.99 23.98
N ILE E 359 48.96 9.69 25.23
CA ILE E 359 49.81 10.08 26.35
C ILE E 359 50.18 8.92 27.26
N PHE E 360 49.72 7.70 26.97
CA PHE E 360 49.96 6.59 27.89
C PHE E 360 51.41 6.12 27.90
N PHE E 361 52.25 6.60 26.96
CA PHE E 361 53.65 6.21 26.96
C PHE E 361 54.53 7.19 27.73
N SER E 362 54.34 8.50 27.53
CA SER E 362 55.16 9.45 28.27
C SER E 362 54.71 9.54 29.73
N GLN E 363 53.40 9.57 29.97
CA GLN E 363 52.85 9.73 31.32
C GLN E 363 51.83 8.63 31.58
N PRO E 364 52.27 7.39 31.82
CA PRO E 364 51.31 6.30 32.01
C PRO E 364 50.49 6.45 33.28
N ALA E 365 51.01 7.14 34.29
CA ALA E 365 50.29 7.32 35.53
C ALA E 365 49.18 8.34 35.36
N ARG E 366 49.43 9.40 34.59
CA ARG E 366 48.37 10.38 34.38
C ARG E 366 47.27 9.78 33.51
N ALA E 367 47.64 8.94 32.54
CA ALA E 367 46.62 8.29 31.73
C ALA E 367 45.81 7.31 32.56
N ALA E 368 46.44 6.66 33.55
CA ALA E 368 45.68 5.77 34.40
C ALA E 368 44.77 6.55 35.32
N ALA E 369 45.19 7.76 35.72
CA ALA E 369 44.32 8.54 36.60
C ALA E 369 43.16 9.12 35.80
N ILE E 370 43.38 9.39 34.51
CA ILE E 370 42.30 9.90 33.69
C ILE E 370 41.28 8.79 33.45
N ASP E 371 41.75 7.56 33.25
CA ASP E 371 40.81 6.46 33.06
C ASP E 371 40.02 6.20 34.35
N ARG E 372 40.69 6.28 35.50
CA ARG E 372 40.00 6.03 36.76
C ARG E 372 38.96 7.11 37.01
N TRP E 373 39.28 8.38 36.71
CA TRP E 373 38.30 9.43 36.93
C TRP E 373 37.18 9.36 35.90
N SER E 374 37.47 8.87 34.69
CA SER E 374 36.44 8.70 33.67
C SER E 374 35.44 7.62 34.07
N ARG E 375 35.89 6.65 34.88
CA ARG E 375 35.00 5.59 35.35
C ARG E 375 33.91 6.14 36.25
N ILE E 376 34.10 7.35 36.78
CA ILE E 376 33.16 7.98 37.68
C ILE E 376 32.42 9.11 36.96
N VAL E 377 33.15 9.89 36.17
CA VAL E 377 32.58 11.07 35.54
C VAL E 377 31.55 10.67 34.48
N PHE E 378 31.85 9.66 33.65
CA PHE E 378 30.90 9.32 32.58
C PHE E 378 29.56 8.83 33.09
N PRO E 379 29.45 7.86 34.01
CA PRO E 379 28.12 7.49 34.51
C PRO E 379 27.40 8.61 35.24
N PHE E 380 28.12 9.47 35.94
CA PHE E 380 27.46 10.55 36.67
C PHE E 380 26.94 11.61 35.72
N THR E 381 27.70 11.93 34.67
CA THR E 381 27.23 12.94 33.75
C THR E 381 26.11 12.39 32.88
N PHE E 382 26.12 11.08 32.64
CA PHE E 382 25.05 10.48 31.85
C PHE E 382 23.75 10.42 32.64
N SER E 383 23.84 10.12 33.94
CA SER E 383 22.63 10.18 34.76
C SER E 383 22.14 11.62 34.93
N LEU E 384 23.04 12.60 34.98
CA LEU E 384 22.58 13.99 35.04
C LEU E 384 21.90 14.39 33.74
N PHE E 385 22.40 13.89 32.61
CA PHE E 385 21.75 14.15 31.33
C PHE E 385 20.38 13.51 31.28
N ASN E 386 20.25 12.27 31.78
CA ASN E 386 18.95 11.62 31.78
C ASN E 386 17.98 12.37 32.68
N LEU E 387 18.45 12.82 33.85
CA LEU E 387 17.58 13.52 34.78
C LEU E 387 17.05 14.81 34.15
N VAL E 388 17.93 15.55 33.48
CA VAL E 388 17.51 16.79 32.83
C VAL E 388 16.58 16.49 31.66
N TYR E 389 16.85 15.42 30.92
CA TYR E 389 16.01 15.10 29.76
C TYR E 389 14.60 14.73 30.20
N TRP E 390 14.49 13.88 31.23
CA TRP E 390 13.18 13.40 31.64
C TRP E 390 12.40 14.45 32.42
N LEU E 391 13.08 15.33 33.17
CA LEU E 391 12.37 16.42 33.83
C LEU E 391 11.75 17.39 32.82
N TYR E 392 12.47 17.69 31.75
CA TYR E 392 12.01 18.65 30.76
C TYR E 392 10.94 18.11 29.82
N TYR E 393 10.66 16.80 29.85
CA TYR E 393 9.72 16.21 28.91
C TYR E 393 8.64 15.36 29.56
N VAL E 394 8.67 15.15 30.87
CA VAL E 394 7.63 14.39 31.53
C VAL E 394 7.02 15.21 32.66
N GLN F 1 -2.41 -6.57 40.22
CA GLN F 1 -3.11 -7.79 39.85
C GLN F 1 -4.46 -7.46 39.24
N VAL F 2 -5.13 -8.46 38.66
CA VAL F 2 -6.41 -8.31 38.00
C VAL F 2 -7.46 -8.98 38.87
N GLN F 3 -8.47 -8.20 39.29
CA GLN F 3 -9.56 -8.75 40.08
C GLN F 3 -10.91 -8.33 39.54
N LEU F 4 -11.82 -9.29 39.47
CA LEU F 4 -13.22 -9.07 39.09
C LEU F 4 -14.04 -9.17 40.37
N GLN F 5 -14.40 -8.02 40.94
CA GLN F 5 -15.20 -8.00 42.16
C GLN F 5 -16.67 -7.87 41.82
N GLU F 6 -17.51 -8.68 42.48
CA GLU F 6 -18.93 -8.72 42.18
C GLU F 6 -19.73 -8.17 43.35
N SER F 7 -20.81 -7.47 43.03
CA SER F 7 -21.69 -6.93 44.06
C SER F 7 -23.12 -7.37 43.81
N GLY F 8 -24.07 -6.83 44.56
CA GLY F 8 -25.44 -7.26 44.38
C GLY F 8 -25.65 -8.64 44.96
N GLY F 9 -26.76 -9.26 44.56
CA GLY F 9 -27.09 -10.59 45.04
C GLY F 9 -28.10 -10.55 46.16
N GLY F 10 -27.97 -11.46 47.12
CA GLY F 10 -28.90 -11.45 48.24
C GLY F 10 -30.09 -12.38 48.09
N LEU F 11 -31.26 -11.93 48.53
CA LEU F 11 -32.49 -12.71 48.49
C LEU F 11 -33.62 -11.85 47.96
N VAL F 12 -34.53 -12.47 47.19
CA VAL F 12 -35.72 -11.78 46.70
C VAL F 12 -36.93 -12.67 46.88
N GLN F 13 -38.11 -12.04 46.93
CA GLN F 13 -39.36 -12.74 47.23
C GLN F 13 -40.05 -13.17 45.92
N ALA F 14 -39.42 -14.13 45.25
CA ALA F 14 -39.97 -14.76 44.05
C ALA F 14 -40.37 -13.73 42.99
N GLY F 15 -39.56 -12.71 42.82
CA GLY F 15 -39.84 -11.70 41.82
C GLY F 15 -39.05 -10.44 42.09
N GLY F 16 -39.35 -9.42 41.29
CA GLY F 16 -38.70 -8.13 41.40
C GLY F 16 -37.38 -8.06 40.68
N SER F 17 -36.88 -6.83 40.55
CA SER F 17 -35.62 -6.57 39.88
C SER F 17 -34.46 -6.94 40.80
N LEU F 18 -33.33 -7.32 40.18
CA LEU F 18 -32.11 -7.61 40.94
C LEU F 18 -30.93 -7.38 40.01
N ARG F 19 -30.25 -6.25 40.17
CA ARG F 19 -29.16 -5.86 39.29
C ARG F 19 -27.85 -6.28 39.95
N VAL F 20 -27.22 -7.30 39.39
CA VAL F 20 -25.92 -7.78 39.87
C VAL F 20 -24.84 -7.10 39.06
N SER F 21 -23.87 -6.50 39.74
CA SER F 21 -22.82 -5.78 39.04
C SER F 21 -21.50 -6.55 39.08
N CYS F 22 -20.51 -6.00 38.39
CA CYS F 22 -19.18 -6.62 38.34
C CYS F 22 -18.19 -5.55 37.90
N ALA F 23 -17.24 -5.24 38.79
CA ALA F 23 -16.24 -4.20 38.57
C ALA F 23 -14.89 -4.86 38.38
N ALA F 24 -14.15 -4.42 37.36
CA ALA F 24 -12.85 -4.97 37.05
C ALA F 24 -11.76 -4.02 37.51
N SER F 25 -10.60 -4.58 37.83
CA SER F 25 -9.47 -3.78 38.26
C SER F 25 -8.17 -4.46 37.88
N GLY F 26 -7.16 -3.66 37.60
CA GLY F 26 -5.85 -4.14 37.24
C GLY F 26 -5.63 -4.37 35.76
N ARG F 27 -6.69 -4.24 34.95
CA ARG F 27 -6.57 -4.41 33.50
C ARG F 27 -7.86 -3.91 32.85
N THR F 28 -7.72 -3.18 31.75
CA THR F 28 -8.85 -2.66 31.00
C THR F 28 -9.35 -3.72 30.03
N PHE F 29 -10.63 -4.06 30.12
CA PHE F 29 -11.25 -5.11 29.32
C PHE F 29 -12.09 -4.57 28.17
N THR F 30 -11.67 -3.44 27.58
CA THR F 30 -12.44 -2.87 26.48
C THR F 30 -12.48 -3.81 25.27
N THR F 31 -11.36 -4.44 24.95
CA THR F 31 -11.29 -5.32 23.80
C THR F 31 -11.65 -6.77 24.12
N TYR F 32 -12.13 -7.05 25.33
CA TYR F 32 -12.48 -8.40 25.72
C TYR F 32 -13.98 -8.60 25.75
N ILE F 33 -14.38 -9.86 25.85
CA ILE F 33 -15.76 -10.26 26.02
C ILE F 33 -16.00 -10.45 27.51
N MET F 34 -16.99 -9.74 28.05
CA MET F 34 -17.37 -9.87 29.45
C MET F 34 -18.72 -10.56 29.56
N ALA F 35 -18.77 -11.62 30.37
CA ALA F 35 -19.95 -12.48 30.42
C ALA F 35 -20.37 -12.72 31.87
N TRP F 36 -21.51 -13.39 31.99
CA TRP F 36 -22.07 -13.83 33.25
C TRP F 36 -22.44 -15.30 33.12
N PHE F 37 -22.18 -16.04 34.21
CA PHE F 37 -22.43 -17.47 34.36
C PHE F 37 -23.20 -17.73 35.64
N ARG F 38 -23.75 -18.94 35.74
CA ARG F 38 -24.59 -19.34 36.87
C ARG F 38 -24.24 -20.77 37.26
N GLN F 39 -24.14 -21.01 38.56
CA GLN F 39 -23.82 -22.34 39.08
C GLN F 39 -24.82 -22.67 40.19
N ALA F 40 -25.78 -23.52 39.87
CA ALA F 40 -26.71 -24.04 40.86
C ALA F 40 -25.96 -24.97 41.82
N PRO F 41 -26.50 -25.19 43.02
CA PRO F 41 -25.75 -25.97 44.02
C PRO F 41 -25.45 -27.39 43.56
N GLY F 42 -24.18 -27.66 43.25
CA GLY F 42 -23.71 -28.98 42.92
C GLY F 42 -24.07 -29.49 41.53
N LYS F 43 -24.82 -28.73 40.73
CA LYS F 43 -25.28 -29.28 39.45
C LYS F 43 -24.23 -29.11 38.35
N GLU F 44 -23.93 -27.87 37.97
CA GLU F 44 -23.04 -27.55 36.86
C GLU F 44 -22.95 -26.04 36.75
N ARG F 45 -21.92 -25.57 36.05
CA ARG F 45 -21.79 -24.16 35.71
C ARG F 45 -22.43 -23.91 34.35
N GLU F 46 -23.32 -22.92 34.30
CA GLU F 46 -24.18 -22.67 33.15
C GLU F 46 -23.92 -21.28 32.60
N PHE F 47 -23.88 -21.17 31.26
CA PHE F 47 -23.75 -19.88 30.62
C PHE F 47 -25.06 -19.11 30.69
N LEU F 48 -24.95 -17.81 30.98
CA LEU F 48 -26.10 -16.93 31.08
C LEU F 48 -26.10 -15.85 30.00
N ALA F 49 -25.03 -15.04 29.93
CA ALA F 49 -25.06 -13.92 29.02
C ALA F 49 -23.65 -13.47 28.73
N ALA F 50 -23.50 -12.69 27.66
CA ALA F 50 -22.18 -12.19 27.30
C ALA F 50 -22.30 -10.98 26.39
N MET F 51 -21.35 -10.05 26.53
CA MET F 51 -21.29 -8.88 25.68
C MET F 51 -19.85 -8.61 25.26
N ASP F 52 -19.65 -8.49 23.94
CA ASP F 52 -18.32 -8.30 23.36
C ASP F 52 -18.02 -6.80 23.22
N GLN F 53 -16.95 -6.48 22.50
CA GLN F 53 -16.56 -5.07 22.32
C GLN F 53 -17.57 -4.30 21.48
N GLY F 54 -18.19 -4.94 20.50
CA GLY F 54 -19.18 -4.32 19.64
C GLY F 54 -20.57 -4.20 20.21
N ARG F 55 -20.76 -4.49 21.50
CA ARG F 55 -22.05 -4.41 22.19
C ARG F 55 -23.05 -5.44 21.70
N ILE F 56 -22.57 -6.52 21.09
CA ILE F 56 -23.44 -7.62 20.68
C ILE F 56 -23.78 -8.43 21.92
N GLN F 57 -25.07 -8.70 22.11
CA GLN F 57 -25.54 -9.38 23.31
C GLN F 57 -25.88 -10.83 22.98
N TYR F 58 -25.30 -11.75 23.73
CA TYR F 58 -25.59 -13.17 23.61
C TYR F 58 -26.25 -13.63 24.89
N TYR F 59 -27.24 -14.52 24.77
CA TYR F 59 -27.98 -15.02 25.91
C TYR F 59 -28.14 -16.52 25.80
N GLY F 60 -28.28 -17.17 26.95
CA GLY F 60 -28.63 -18.58 26.96
C GLY F 60 -30.09 -18.81 26.58
N ASP F 61 -30.37 -20.01 26.10
CA ASP F 61 -31.70 -20.34 25.60
C ASP F 61 -32.74 -20.44 26.70
N SER F 62 -32.32 -20.43 27.96
CA SER F 62 -33.23 -20.52 29.10
C SER F 62 -33.56 -19.17 29.71
N VAL F 63 -32.69 -18.17 29.56
CA VAL F 63 -32.85 -16.88 30.20
C VAL F 63 -33.14 -15.77 29.19
N ARG F 64 -33.44 -16.12 27.94
CA ARG F 64 -33.72 -15.10 26.94
C ARG F 64 -35.06 -14.44 27.22
N GLY F 65 -35.06 -13.10 27.24
CA GLY F 65 -36.26 -12.34 27.54
C GLY F 65 -36.48 -12.02 28.99
N ARG F 66 -35.64 -12.51 29.90
CA ARG F 66 -35.77 -12.26 31.33
C ARG F 66 -34.57 -11.53 31.92
N PHE F 67 -33.36 -11.90 31.53
CA PHE F 67 -32.14 -11.29 32.04
C PHE F 67 -31.53 -10.40 30.97
N THR F 68 -31.12 -9.20 31.36
CA THR F 68 -30.56 -8.22 30.43
C THR F 68 -29.12 -7.92 30.84
N ILE F 69 -28.20 -7.99 29.90
CA ILE F 69 -26.80 -7.72 30.19
C ILE F 69 -26.43 -6.35 29.65
N SER F 70 -25.45 -5.72 30.28
CA SER F 70 -24.97 -4.41 29.84
C SER F 70 -23.54 -4.24 30.33
N ARG F 71 -22.84 -3.29 29.73
CA ARG F 71 -21.46 -2.98 30.09
C ARG F 71 -21.26 -1.48 30.15
N ASP F 72 -20.57 -1.02 31.18
CA ASP F 72 -20.18 0.39 31.28
C ASP F 72 -18.69 0.47 30.93
N TYR F 73 -18.43 0.72 29.64
CA TYR F 73 -17.07 0.65 29.11
C TYR F 73 -16.18 1.73 29.71
N ALA F 74 -16.76 2.89 30.07
CA ALA F 74 -15.96 3.96 30.65
C ALA F 74 -15.39 3.56 32.00
N LYS F 75 -16.22 2.95 32.83
CA LYS F 75 -15.84 2.53 34.17
C LYS F 75 -15.32 1.11 34.18
N ASN F 76 -15.34 0.45 33.02
CA ASN F 76 -14.84 -0.91 32.85
C ASN F 76 -15.58 -1.87 33.77
N SER F 77 -16.90 -1.93 33.59
CA SER F 77 -17.73 -2.76 34.45
C SER F 77 -18.79 -3.45 33.59
N VAL F 78 -19.58 -4.30 34.24
CA VAL F 78 -20.66 -5.01 33.55
C VAL F 78 -21.76 -5.34 34.55
N ASP F 79 -23.00 -5.21 34.11
CA ASP F 79 -24.16 -5.41 34.96
C ASP F 79 -25.11 -6.42 34.31
N LEU F 80 -25.92 -7.05 35.17
CA LEU F 80 -26.93 -8.01 34.72
C LEU F 80 -28.22 -7.75 35.50
N GLN F 81 -29.27 -7.37 34.78
CA GLN F 81 -30.58 -7.08 35.34
C GLN F 81 -31.39 -8.36 35.33
N LEU F 82 -31.72 -8.86 36.51
CA LEU F 82 -32.50 -10.09 36.68
C LEU F 82 -33.94 -9.68 36.97
N ASP F 83 -34.85 -10.06 36.07
CA ASP F 83 -36.26 -9.75 36.21
C ASP F 83 -37.08 -11.03 36.06
N GLY F 84 -38.21 -11.07 36.78
CA GLY F 84 -39.07 -12.23 36.77
C GLY F 84 -38.36 -13.44 37.33
N LEU F 85 -37.69 -13.25 38.47
CA LEU F 85 -36.92 -14.31 39.09
C LEU F 85 -37.82 -15.43 39.59
N ARG F 86 -37.28 -16.64 39.59
CA ARG F 86 -38.00 -17.84 39.96
C ARG F 86 -37.16 -18.62 40.97
N PRO F 87 -37.79 -19.54 41.72
CA PRO F 87 -37.01 -20.34 42.69
C PRO F 87 -35.86 -21.08 42.06
N GLU F 88 -36.01 -21.49 40.79
CA GLU F 88 -34.94 -22.17 40.07
C GLU F 88 -33.75 -21.27 39.79
N ASP F 89 -33.87 -19.96 40.01
CA ASP F 89 -32.79 -19.01 39.79
C ASP F 89 -31.90 -18.82 41.03
N THR F 90 -32.11 -19.61 42.08
CA THR F 90 -31.26 -19.53 43.27
C THR F 90 -29.98 -20.29 42.98
N ALA F 91 -28.87 -19.57 42.91
CA ALA F 91 -27.57 -20.17 42.56
C ALA F 91 -26.48 -19.17 42.88
N VAL F 92 -25.26 -19.47 42.46
CA VAL F 92 -24.12 -18.56 42.61
C VAL F 92 -23.80 -17.99 41.24
N TYR F 93 -23.95 -16.67 41.09
CA TYR F 93 -23.72 -16.00 39.83
C TYR F 93 -22.27 -15.52 39.73
N TYR F 94 -21.63 -15.83 38.61
CA TYR F 94 -20.22 -15.55 38.40
C TYR F 94 -20.06 -14.54 37.27
N CYS F 95 -18.98 -13.78 37.34
CA CYS F 95 -18.59 -12.79 36.33
C CYS F 95 -17.29 -13.24 35.69
N ALA F 96 -17.23 -13.20 34.36
CA ALA F 96 -16.05 -13.71 33.67
C ALA F 96 -15.64 -12.77 32.56
N ALA F 97 -14.35 -12.81 32.22
CA ALA F 97 -13.80 -12.05 31.11
C ALA F 97 -12.86 -12.95 30.32
N GLY F 98 -12.92 -12.83 28.99
CA GLY F 98 -12.08 -13.66 28.15
C GLY F 98 -12.10 -13.18 26.72
N ALA F 99 -11.30 -13.85 25.89
CA ALA F 99 -11.23 -13.56 24.47
C ALA F 99 -12.17 -14.42 23.63
N GLY F 100 -12.88 -15.36 24.25
CA GLY F 100 -13.81 -16.21 23.53
C GLY F 100 -13.20 -17.16 22.52
N PHE F 101 -12.02 -17.68 22.81
CA PHE F 101 -11.37 -18.65 21.91
C PHE F 101 -12.07 -20.01 22.03
N TRP F 102 -12.41 -20.59 20.88
CA TRP F 102 -13.14 -21.86 20.81
C TRP F 102 -14.55 -21.77 21.40
N GLY F 103 -15.12 -20.56 21.46
CA GLY F 103 -16.50 -20.44 21.88
C GLY F 103 -16.72 -19.52 23.07
N LEU F 104 -17.57 -18.51 22.91
CA LEU F 104 -17.87 -17.60 24.00
C LEU F 104 -18.93 -18.15 24.94
N ARG F 105 -19.63 -19.21 24.56
CA ARG F 105 -20.63 -19.83 25.40
C ARG F 105 -20.06 -20.93 26.30
N THR F 106 -18.79 -21.27 26.14
CA THR F 106 -18.14 -22.28 26.96
C THR F 106 -17.35 -21.61 28.06
N ALA F 107 -17.48 -22.12 29.29
CA ALA F 107 -16.80 -21.52 30.43
C ALA F 107 -15.29 -21.70 30.36
N SER F 108 -14.81 -22.70 29.64
CA SER F 108 -13.38 -23.00 29.59
C SER F 108 -12.60 -22.08 28.66
N SER F 109 -13.20 -20.97 28.21
CA SER F 109 -12.53 -20.04 27.33
C SER F 109 -12.36 -18.64 27.93
N TYR F 110 -12.56 -18.49 29.23
CA TYR F 110 -12.47 -17.19 29.89
C TYR F 110 -11.26 -17.16 30.81
N HIS F 111 -10.41 -16.15 30.63
CA HIS F 111 -9.18 -16.08 31.41
C HIS F 111 -9.44 -15.67 32.85
N TYR F 112 -10.33 -14.69 33.07
CA TYR F 112 -10.55 -14.16 34.40
C TYR F 112 -11.94 -14.51 34.89
N TRP F 113 -12.04 -14.85 36.17
CA TRP F 113 -13.31 -15.21 36.80
C TRP F 113 -13.50 -14.44 38.11
N GLY F 114 -14.76 -14.16 38.42
CA GLY F 114 -15.12 -13.51 39.66
C GLY F 114 -15.19 -14.48 40.82
N GLN F 115 -15.41 -13.92 42.01
CA GLN F 115 -15.53 -14.69 43.24
C GLN F 115 -16.94 -15.20 43.51
N GLY F 116 -17.91 -14.82 42.68
CA GLY F 116 -19.26 -15.32 42.82
C GLY F 116 -20.13 -14.43 43.70
N THR F 117 -21.44 -14.62 43.57
CA THR F 117 -22.41 -13.87 44.37
C THR F 117 -23.70 -14.66 44.47
N GLN F 118 -24.06 -15.07 45.68
CA GLN F 118 -25.26 -15.89 45.88
C GLN F 118 -26.53 -15.08 45.63
N VAL F 119 -27.42 -15.63 44.79
CA VAL F 119 -28.74 -15.07 44.57
C VAL F 119 -29.76 -16.11 45.00
N THR F 120 -30.59 -15.77 45.97
CA THR F 120 -31.57 -16.66 46.57
C THR F 120 -32.96 -16.14 46.23
N VAL F 121 -33.83 -17.03 45.75
CA VAL F 121 -35.21 -16.68 45.45
C VAL F 121 -36.11 -17.47 46.38
N SER F 122 -37.00 -16.75 47.08
CA SER F 122 -37.88 -17.35 48.07
C SER F 122 -39.32 -17.24 47.58
N SER F 123 -40.05 -18.35 47.63
CA SER F 123 -41.45 -18.35 47.21
C SER F 123 -42.34 -18.90 48.31
C1 NAG G . -19.05 -3.37 -12.10
C2 NAG G . -19.27 -2.86 -13.53
C3 NAG G . -18.59 -1.52 -13.72
C4 NAG G . -19.06 -0.53 -12.66
C5 NAG G . -18.83 -1.12 -11.27
C6 NAG G . -19.36 -0.25 -10.15
C7 NAG G . -19.57 -4.67 -15.17
C8 NAG G . -18.88 -5.60 -16.13
N2 NAG G . -18.76 -3.84 -14.49
O3 NAG G . -18.90 -1.01 -15.02
O4 NAG G . -18.33 0.70 -12.77
O5 NAG G . -19.51 -2.38 -11.17
O6 NAG G . -19.16 -0.85 -8.89
O7 NAG G . -20.79 -4.67 -15.01
C1 NAG G . -19.25 1.76 -13.12
C2 NAG G . -18.48 3.07 -13.08
C3 NAG G . -19.40 4.23 -13.49
C4 NAG G . -20.05 3.95 -14.84
C5 NAG G . -20.74 2.58 -14.81
C6 NAG G . -21.30 2.17 -16.16
C7 NAG G . -16.72 2.84 -11.39
C8 NAG G . -16.30 3.18 -9.99
N2 NAG G . -17.92 3.31 -11.77
O3 NAG G . -18.65 5.43 -13.56
O4 NAG G . -21.02 4.94 -15.11
O5 NAG G . -19.79 1.56 -14.43
O6 NAG G . -21.99 0.93 -16.07
O7 NAG G . -16.02 2.18 -12.15
C1 BMA G . -20.67 5.68 -16.31
C2 BMA G . -21.88 6.51 -16.71
C3 BMA G . -21.58 7.38 -17.93
C4 BMA G . -20.30 8.20 -17.70
C5 BMA G . -19.16 7.28 -17.27
C6 BMA G . -17.91 8.06 -16.91
O2 BMA G . -22.30 7.32 -15.62
O3 BMA G . -22.66 8.28 -18.15
O4 BMA G . -19.94 8.88 -18.88
O5 BMA G . -19.54 6.54 -16.09
O6 BMA G . -16.96 7.27 -16.20
C1 MAN G . -23.26 8.07 -19.44
C2 MAN G . -24.10 9.31 -19.74
C3 MAN G . -25.23 9.41 -18.74
C4 MAN G . -26.06 8.15 -18.75
C5 MAN G . -25.16 6.93 -18.51
C6 MAN G . -25.89 5.62 -18.63
O2 MAN G . -24.63 9.21 -21.07
O3 MAN G . -26.06 10.54 -19.04
O4 MAN G . -27.05 8.20 -17.72
O5 MAN G . -24.09 6.91 -19.47
O6 MAN G . -26.42 5.44 -19.94
C1 MAN G . -23.84 9.94 -22.02
C2 MAN G . -24.60 11.13 -22.57
C3 MAN G . -23.79 11.76 -23.70
C4 MAN G . -22.41 12.14 -23.19
C5 MAN G . -21.73 10.94 -22.56
C6 MAN G . -20.41 11.27 -21.90
O2 MAN G . -24.80 12.09 -21.54
O3 MAN G . -24.46 12.91 -24.20
O4 MAN G . -21.61 12.61 -24.27
O5 MAN G . -22.56 10.37 -21.54
O6 MAN G . -19.56 11.98 -22.79
C1 MAN G . -26.16 12.54 -21.52
C2 MAN G . -26.22 13.88 -20.81
C3 MAN G . -27.66 14.37 -20.75
C4 MAN G . -28.28 14.40 -22.13
C5 MAN G . -28.13 13.03 -22.80
C6 MAN G . -28.61 13.01 -24.23
O2 MAN G . -25.41 14.82 -21.50
O3 MAN G . -27.72 15.68 -20.16
O4 MAN G . -29.66 14.73 -22.05
O5 MAN G . -26.74 12.65 -22.82
O6 MAN G . -27.87 13.91 -25.04
C1 MAN G . -16.01 8.22 -15.64
C2 MAN G . -14.80 7.48 -15.05
C3 MAN G . -15.23 6.63 -13.86
C4 MAN G . -15.95 7.48 -12.83
C5 MAN G . -17.12 8.20 -13.50
C6 MAN G . -17.86 9.15 -12.58
O2 MAN G . -13.81 8.42 -14.66
O3 MAN G . -14.07 6.02 -13.28
O4 MAN G . -16.44 6.66 -11.78
O5 MAN G . -16.65 8.99 -14.60
O6 MAN G . -18.97 9.71 -13.26
C1 MAN G . -19.30 11.02 -12.75
C2 MAN G . -20.81 11.16 -12.79
C3 MAN G . -21.29 11.09 -14.23
C4 MAN G . -20.59 12.16 -15.06
C5 MAN G . -19.07 12.01 -14.91
C6 MAN G . -18.31 13.13 -15.60
O2 MAN G . -21.19 12.41 -12.22
O3 MAN G . -22.70 11.28 -14.29
O4 MAN G . -20.94 12.04 -16.43
O5 MAN G . -18.70 12.04 -13.53
O6 MAN G . -16.91 12.99 -15.41
C1 MAN G . -21.82 12.19 -10.95
C2 MAN G . -22.95 13.20 -10.80
C3 MAN G . -22.39 14.62 -10.75
C4 MAN G . -21.32 14.73 -9.68
C5 MAN G . -20.27 13.65 -9.88
C6 MAN G . -19.23 13.62 -8.77
O2 MAN G . -23.69 12.94 -9.61
O3 MAN G . -23.43 15.56 -10.52
O4 MAN G . -20.70 16.01 -9.74
O5 MAN G . -20.89 12.36 -9.88
O6 MAN G . -18.26 12.61 -8.99
C1 MAN G . -14.19 4.59 -13.36
C2 MAN G . -13.20 3.96 -12.39
C3 MAN G . -11.76 4.23 -12.83
C4 MAN G . -11.57 3.77 -14.27
C5 MAN G . -12.61 4.42 -15.17
C6 MAN G . -12.55 3.93 -16.60
O2 MAN G . -13.42 2.57 -12.29
O3 MAN G . -10.84 3.58 -11.97
O4 MAN G . -10.27 4.13 -14.73
O5 MAN G . -13.93 4.11 -14.69
O6 MAN G . -13.50 4.58 -17.42
C1 NAG H . -19.47 -14.48 -41.27
C2 NAG H . -18.58 -14.68 -42.50
C3 NAG H . -18.62 -16.14 -42.95
C4 NAG H . -18.27 -17.06 -41.79
C5 NAG H . -19.19 -16.77 -40.61
C6 NAG H . -18.84 -17.57 -39.38
C7 NAG H . -18.25 -12.74 -43.96
C8 NAG H . -18.80 -11.93 -45.10
N2 NAG H . -18.98 -13.79 -43.58
O3 NAG H . -17.70 -16.33 -44.02
O4 NAG H . -18.46 -18.42 -42.18
O5 NAG H . -19.08 -15.38 -40.24
O6 NAG H . -17.52 -17.30 -38.94
O7 NAG H . -17.19 -12.45 -43.41
C1 NAG H . -17.20 -19.10 -42.21
C2 NAG H . -17.45 -20.58 -41.90
C3 NAG H . -16.16 -21.36 -41.95
C4 NAG H . -15.47 -21.15 -43.30
C5 NAG H . -15.29 -19.66 -43.56
C6 NAG H . -14.73 -19.37 -44.93
C7 NAG H . -19.18 -21.48 -40.40
C8 NAG H . -19.70 -21.52 -38.99
N2 NAG H . -18.09 -20.72 -40.60
O3 NAG H . -16.44 -22.75 -41.75
O4 NAG H . -14.21 -21.79 -43.31
O5 NAG H . -16.56 -18.99 -43.49
O6 NAG H . -15.56 -19.89 -45.96
O7 NAG H . -19.71 -22.11 -41.30
C1 NAG I . -2.52 -28.07 -11.88
C2 NAG I . -2.31 -28.91 -13.13
C3 NAG I . -3.65 -29.32 -13.73
C4 NAG I . -4.54 -29.97 -12.67
C5 NAG I . -4.62 -29.10 -11.43
C6 NAG I . -5.36 -29.77 -10.29
C7 NAG I . -0.65 -28.80 -14.94
C8 NAG I . 0.08 -27.90 -15.90
N2 NAG I . -1.52 -28.19 -14.11
O3 NAG I . -3.43 -30.22 -14.81
O4 NAG I . -5.85 -30.15 -13.20
O5 NAG I . -3.31 -28.79 -10.94
O6 NAG I . -4.71 -30.96 -9.89
O7 NAG I . -0.48 -30.00 -14.93
C1 NAG I . -6.13 -31.55 -13.36
C2 NAG I . -7.64 -31.75 -13.15
C3 NAG I . -8.01 -33.21 -13.38
C4 NAG I . -7.52 -33.67 -14.74
C5 NAG I . -6.02 -33.42 -14.86
C6 NAG I . -5.46 -33.76 -16.22
C7 NAG I . -8.88 -30.30 -11.62
C8 NAG I . -9.19 -29.99 -10.18
N2 NAG I . -8.04 -31.32 -11.83
O3 NAG I . -9.43 -33.35 -13.31
O4 NAG I . -7.79 -35.06 -14.92
O5 NAG I . -5.76 -32.02 -14.65
O6 NAG I . -6.09 -32.99 -17.24
O7 NAG I . -9.38 -29.67 -12.55
C1 BMA I . -8.72 -35.18 -16.03
C2 BMA I . -8.73 -36.63 -16.50
C3 BMA I . -9.73 -36.80 -17.64
C4 BMA I . -11.09 -36.29 -17.24
C5 BMA I . -10.99 -34.86 -16.72
C6 BMA I . -12.30 -34.32 -16.18
O2 BMA I . -9.08 -37.48 -15.41
O3 BMA I . -9.81 -38.18 -18.00
O4 BMA I . -11.97 -36.31 -18.35
O5 BMA I . -10.04 -34.80 -15.65
O6 BMA I . -12.87 -35.25 -15.26
C1 MAN I . -14.27 -34.92 -15.07
C2 MAN I . -14.83 -35.82 -13.96
C3 MAN I . -14.79 -37.27 -14.41
C4 MAN I . -15.55 -37.44 -15.72
C5 MAN I . -15.00 -36.47 -16.77
C6 MAN I . -15.81 -36.46 -18.05
O2 MAN I . -16.16 -35.43 -13.67
O3 MAN I . -15.35 -38.12 -13.42
O4 MAN I . -15.42 -38.77 -16.20
O5 MAN I . -15.03 -35.12 -16.26
O6 MAN I . -15.87 -37.76 -18.63
C1 MAN I . -14.47 -38.15 -12.27
C2 MAN I . -13.28 -39.04 -12.59
C3 MAN I . -13.71 -40.48 -12.78
C4 MAN I . -14.54 -40.95 -11.59
C5 MAN I . -15.68 -40.00 -11.32
C6 MAN I . -16.48 -40.34 -10.09
O2 MAN I . -12.33 -38.95 -11.52
O3 MAN I . -12.58 -41.32 -12.96
O4 MAN I . -15.06 -42.26 -11.84
O5 MAN I . -15.16 -38.67 -11.12
O6 MAN I . -17.54 -39.41 -9.88
C1 MAN I . -8.81 -38.48 -19.00
C2 MAN I . -9.38 -39.53 -19.95
C3 MAN I . -9.63 -40.83 -19.21
C4 MAN I . -8.35 -41.29 -18.51
C5 MAN I . -7.82 -40.17 -17.61
C6 MAN I . -6.48 -40.51 -16.98
O2 MAN I . -8.48 -39.74 -21.02
O3 MAN I . -10.08 -41.83 -20.11
O4 MAN I . -8.62 -42.44 -17.70
O5 MAN I . -7.62 -38.98 -18.39
O6 MAN I . -6.58 -41.65 -16.15
C1 NAG J . 3.72 8.81 -40.45
C2 NAG J . 5.10 8.86 -41.09
C3 NAG J . 5.13 9.90 -42.21
C4 NAG J . 3.99 9.65 -43.20
C5 NAG J . 2.66 9.57 -42.45
C6 NAG J . 1.49 9.23 -43.35
C7 NAG J . 7.24 8.44 -39.94
C8 NAG J . 7.38 7.26 -40.86
N2 NAG J . 6.12 9.17 -40.10
O3 NAG J . 6.38 9.85 -42.89
O4 NAG J . 3.93 10.74 -44.13
O5 NAG J . 2.73 8.55 -41.45
O6 NAG J . 1.70 7.98 -44.00
O7 NAG J . 8.08 8.72 -39.10
C1 NAG J . 4.16 10.27 -45.47
C2 NAG J . 3.39 11.18 -46.41
C3 NAG J . 3.60 10.75 -47.86
C4 NAG J . 5.10 10.70 -48.16
C5 NAG J . 5.81 9.82 -47.14
C6 NAG J . 7.31 9.82 -47.31
C7 NAG J . 1.34 12.22 -45.51
C8 NAG J . 2.19 13.42 -45.22
N2 NAG J . 1.96 11.18 -46.09
O3 NAG J . 2.95 11.66 -48.74
O4 NAG J . 5.32 10.18 -49.47
O5 NAG J . 5.55 10.30 -45.81
O6 NAG J . 7.94 8.96 -46.37
O7 NAG J . 0.15 12.19 -45.25
C1 NAG K . -21.97 10.99 -6.53
C2 NAG K . -21.97 9.82 -7.52
C3 NAG K . -23.24 9.85 -8.37
C4 NAG K . -24.47 9.90 -7.47
C5 NAG K . -24.36 11.06 -6.48
C6 NAG K . -25.50 11.07 -5.49
C7 NAG K . -19.68 9.13 -8.06
C8 NAG K . -18.54 9.27 -9.02
N2 NAG K . -20.78 9.83 -8.35
O3 NAG K . -23.27 8.69 -9.19
O4 NAG K . -25.63 10.09 -8.28
O5 NAG K . -23.15 10.94 -5.72
O6 NAG K . -25.37 12.17 -4.58
O7 NAG K . -19.60 8.43 -7.06
C1 NAG K . -26.42 8.90 -8.33
C2 NAG K . -27.78 9.27 -8.91
C3 NAG K . -28.66 8.03 -9.07
C4 NAG K . -27.92 6.98 -9.89
C5 NAG K . -26.57 6.69 -9.24
C6 NAG K . -25.73 5.70 -10.04
C7 NAG K . -29.36 11.13 -8.55
C8 NAG K . -29.94 12.08 -7.55
N2 NAG K . -28.45 10.26 -8.08
O3 NAG K . -29.88 8.38 -9.70
O4 NAG K . -28.69 5.78 -9.97
O5 NAG K . -25.81 7.90 -9.15
O6 NAG K . -24.51 5.43 -9.39
O7 NAG K . -29.70 11.13 -9.73
C1 BMA K . -29.22 5.67 -11.30
C2 BMA K . -29.41 4.19 -11.64
C3 BMA K . -30.01 4.05 -13.03
C4 BMA K . -31.29 4.87 -13.14
C5 BMA K . -31.02 6.31 -12.74
C6 BMA K . -32.29 7.15 -12.70
O2 BMA K . -30.27 3.59 -10.67
O3 BMA K . -30.30 2.68 -13.30
O4 BMA K . -31.77 4.84 -14.49
O5 BMA K . -30.48 6.35 -11.41
O6 BMA K . -33.34 6.45 -12.06
C1 MAN K . -29.06 1.97 -13.54
C2 MAN K . -28.90 1.79 -15.04
C3 MAN K . -29.99 0.89 -15.59
C4 MAN K . -30.03 -0.43 -14.84
C5 MAN K . -30.16 -0.16 -13.34
C6 MAN K . -30.08 -1.41 -12.51
O2 MAN K . -27.62 1.23 -15.32
O3 MAN K . -29.78 0.65 -16.98
O4 MAN K . -31.14 -1.21 -15.26
O5 MAN K . -29.08 0.68 -12.90
O6 MAN K . -30.22 -1.12 -11.12
C1 MAN K . -34.39 7.38 -11.70
C2 MAN K . -35.03 6.89 -10.42
C3 MAN K . -35.74 5.57 -10.65
C4 MAN K . -36.71 5.67 -11.81
C5 MAN K . -35.99 6.21 -13.04
C6 MAN K . -36.92 6.45 -14.21
O2 MAN K . -35.96 7.86 -9.95
O3 MAN K . -36.43 5.16 -9.47
O4 MAN K . -37.27 4.39 -12.11
O5 MAN K . -35.38 7.47 -12.73
O6 MAN K . -37.95 7.37 -13.86
C1 NAG L . -41.93 6.32 15.60
C2 NAG L . -42.45 5.48 16.76
C3 NAG L . -42.81 6.39 17.94
C4 NAG L . -41.61 7.25 18.31
C5 NAG L . -41.10 8.01 17.09
C6 NAG L . -39.84 8.80 17.35
C7 NAG L . -43.71 3.39 16.56
C8 NAG L . -44.98 2.74 16.08
N2 NAG L . -43.61 4.70 16.35
O3 NAG L . -43.20 5.59 19.05
O4 NAG L . -41.99 8.18 19.32
O5 NAG L . -40.80 7.08 16.03
O6 NAG L . -38.78 7.96 17.74
O7 NAG L . -42.83 2.75 17.12
C1 NAG L . -41.17 7.99 20.50
C2 NAG L . -41.06 9.34 21.21
C3 NAG L . -40.22 9.20 22.47
C4 NAG L . -40.82 8.10 23.36
C5 NAG L . -40.94 6.81 22.57
C6 NAG L . -41.62 5.71 23.35
C7 NAG L . -41.08 11.51 20.04
C8 NAG L . -40.35 12.43 19.12
N2 NAG L . -40.48 10.34 20.33
O3 NAG L . -40.21 10.44 23.18
O4 NAG L . -39.98 7.88 24.49
O5 NAG L . -41.73 7.03 21.39
O6 NAG L . -42.95 6.06 23.71
O7 NAG L . -42.18 11.79 20.52
C1 NAG M . -8.65 21.23 19.01
C2 NAG M . -9.48 21.26 20.29
C3 NAG M . -10.81 21.97 20.05
C4 NAG M . -10.56 23.35 19.44
C5 NAG M . -9.68 23.24 18.21
C6 NAG M . -9.29 24.57 17.62
C7 NAG M . -9.78 19.61 22.09
C8 NAG M . -10.04 18.17 22.42
N2 NAG M . -9.71 19.91 20.79
O3 NAG M . -11.52 22.10 21.27
O4 NAG M . -11.81 23.93 19.05
O5 NAG M . -8.45 22.57 18.54
O6 NAG M . -8.56 25.35 18.57
O7 NAG M . -9.66 20.48 22.96
C1 NAG M . -12.10 25.07 19.86
C2 NAG M . -12.96 26.03 19.04
C3 NAG M . -13.38 27.23 19.88
C4 NAG M . -14.07 26.76 21.15
C5 NAG M . -13.16 25.79 21.90
C6 NAG M . -13.80 25.20 23.13
C7 NAG M . -12.75 26.34 16.60
C8 NAG M . -11.87 26.83 15.50
N2 NAG M . -12.24 26.45 17.84
O3 NAG M . -14.26 28.05 19.11
O4 NAG M . -14.39 27.87 21.97
O5 NAG M . -12.83 24.69 21.05
O6 NAG M . -15.00 24.52 22.81
O7 NAG M . -13.86 25.87 16.40
C1 BMA M . -15.82 27.90 22.12
C2 BMA M . -16.17 28.72 23.36
C3 BMA M . -17.67 28.80 23.54
C4 BMA M . -18.34 29.31 22.26
C5 BMA M . -17.89 28.49 21.06
C6 BMA M . -18.41 29.03 19.75
O2 BMA M . -15.62 30.03 23.24
O3 BMA M . -18.01 29.63 24.64
O4 BMA M . -19.76 29.24 22.38
O5 BMA M . -16.45 28.48 20.98
O6 BMA M . -18.33 30.44 19.71
C1 MAN M . -18.89 30.90 18.47
C2 MAN M . -18.32 32.28 18.16
C3 MAN M . -18.77 33.28 19.22
C4 MAN M . -20.29 33.28 19.33
C5 MAN M . -20.79 31.86 19.58
C6 MAN M . -22.30 31.76 19.59
O2 MAN M . -18.74 32.70 16.87
O3 MAN M . -18.28 34.58 18.90
O4 MAN M . -20.72 34.12 20.39
O5 MAN M . -20.32 30.99 18.54
O6 MAN M . -22.72 30.43 19.90
C1 MAN M . -17.73 35.19 20.08
C2 MAN M . -17.47 36.66 19.77
C3 MAN M . -16.37 36.80 18.72
C4 MAN M . -15.12 36.06 19.16
C5 MAN M . -15.46 34.61 19.49
C6 MAN M . -14.28 33.84 20.05
O2 MAN M . -17.09 37.35 20.96
O3 MAN M . -16.08 38.17 18.49
O4 MAN M . -14.14 36.09 18.13
O5 MAN M . -16.51 34.56 20.48
O6 MAN M . -13.17 33.89 19.18
C1 MAN M . -17.90 28.85 25.84
C2 MAN M . -19.30 28.66 26.41
C3 MAN M . -19.88 30.00 26.86
C4 MAN M . -18.92 30.69 27.83
C5 MAN M . -17.54 30.80 27.20
C6 MAN M . -16.51 31.37 28.15
O2 MAN M . -19.25 27.76 27.52
O3 MAN M . -21.14 29.81 27.48
O4 MAN M . -19.40 31.99 28.14
O5 MAN M . -17.07 29.49 26.82
O6 MAN M . -15.23 31.44 27.53
N ABU N . -21.70 -21.91 -8.69
CD ABU N . -22.19 -20.71 -7.97
CB ABU N . -23.13 -21.09 -6.85
CG ABU N . -23.63 -19.85 -6.12
C ABU N . -24.55 -20.16 -4.95
O ABU N . -24.06 -20.26 -3.81
OXT ABU N . -25.78 -20.29 -5.20
#